data_2RFQ
#
_entry.id   2RFQ
#
_cell.length_a   73.283
_cell.length_b   76.137
_cell.length_c   80.881
_cell.angle_alpha   83.78
_cell.angle_beta   75.95
_cell.angle_gamma   89.99
#
_symmetry.space_group_name_H-M   'P 1'
#
loop_
_entity.id
_entity.type
_entity.pdbx_description
1 polymer '3-HSA hydroxylase, oxygenase'
2 non-polymer 3-PYRIDINIUM-1-YLPROPANE-1-SULFONATE
3 water water
#
_entity_poly.entity_id   1
_entity_poly.type   'polypeptide(L)'
_entity_poly.pdbx_seq_one_letter_code
;QGHVGDHDSHEV(MSE)QRLDALLPTLRERAQETEDLRRIPDDS(MSE)KALQETGFFRLLQPEQWGGYQADPVLFYSAV
RKIASACGSTGWVSSIIGVHNWHLALFSQQAQEDVWGNDTDVRISSSYAP(MSE)GAGQVVDGGYTVNGAWAWSSGCDHA
SWAVLGGPVIKDGRPVDFVSFLIPREDYRIDDVWNVVGLRGTGSNTVVVEDVFVPTHRVLSFKA(MSE)SNLTAPGLERN
TAPVYK(MSE)PWGTIHPTTISAPIVG(MSE)AYGAYDAHVEHQGKRVRAAFAGEKAKDDPFAKVRIAEASSDIDAAWRQ
LSGNVADEYALLVAGEEVPFELRLRARRDQVRATGRAISSIDKLFESSGATALANGTPLQRFWRDAHAGRVHAANDPERA
YV(MSE)YGTGEFGLPITDT(MSE)V
;
_entity_poly.pdbx_strand_id   A,B,C,D
#
# COMPACT_ATOMS: atom_id res chain seq x y z
N HIS A 7 -9.20 -31.88 5.93
CA HIS A 7 -9.96 -32.21 7.18
C HIS A 7 -11.47 -32.28 6.93
N ASP A 8 -11.90 -32.07 5.68
CA ASP A 8 -13.34 -31.95 5.46
CA ASP A 8 -13.32 -31.97 5.32
C ASP A 8 -14.08 -33.29 5.37
N SER A 9 -13.36 -34.39 5.54
CA SER A 9 -14.04 -35.67 5.72
C SER A 9 -14.34 -35.96 7.20
N HIS A 10 -13.77 -35.17 8.12
CA HIS A 10 -14.07 -35.38 9.55
C HIS A 10 -15.56 -35.20 9.78
N GLU A 11 -16.14 -36.03 10.66
CA GLU A 11 -17.59 -36.02 10.91
C GLU A 11 -18.06 -34.64 11.36
N VAL A 12 -17.26 -33.95 12.17
CA VAL A 12 -17.66 -32.63 12.65
C VAL A 12 -17.72 -31.65 11.47
N GLN A 14 -18.21 -32.38 8.25
CA GLN A 14 -19.36 -32.72 7.41
C GLN A 14 -20.67 -32.19 8.01
N ARG A 15 -20.85 -32.36 9.33
CA ARG A 15 -22.05 -31.86 9.98
C ARG A 15 -22.11 -30.32 9.93
N LEU A 16 -20.95 -29.67 10.07
CA LEU A 16 -20.92 -28.21 9.96
C LEU A 16 -21.33 -27.74 8.56
N ASP A 17 -20.84 -28.42 7.52
CA ASP A 17 -21.23 -28.11 6.15
C ASP A 17 -22.74 -28.09 5.97
N ALA A 18 -23.42 -29.10 6.51
CA ALA A 18 -24.88 -29.20 6.42
C ALA A 18 -25.57 -28.03 7.11
N LEU A 19 -24.90 -27.41 8.08
CA LEU A 19 -25.50 -26.35 8.89
C LEU A 19 -25.31 -24.95 8.29
N LEU A 20 -24.29 -24.79 7.45
CA LEU A 20 -23.94 -23.44 6.95
C LEU A 20 -25.10 -22.64 6.35
N PRO A 21 -25.93 -23.24 5.49
CA PRO A 21 -27.04 -22.44 4.94
C PRO A 21 -27.94 -21.85 6.02
N THR A 22 -28.17 -22.58 7.09
CA THR A 22 -28.98 -22.08 8.22
C THR A 22 -28.30 -20.88 8.83
N LEU A 23 -27.00 -21.00 9.08
CA LEU A 23 -26.24 -19.88 9.64
C LEU A 23 -26.27 -18.63 8.74
N ARG A 24 -26.12 -18.81 7.44
CA ARG A 24 -26.18 -17.67 6.50
C ARG A 24 -27.55 -17.03 6.54
N GLU A 25 -28.60 -17.84 6.49
CA GLU A 25 -29.97 -17.33 6.47
CA GLU A 25 -29.99 -17.35 6.48
C GLU A 25 -30.28 -16.52 7.72
N ARG A 26 -29.66 -16.88 8.84
CA ARG A 26 -29.94 -16.23 10.10
C ARG A 26 -29.03 -15.04 10.38
N ALA A 27 -28.06 -14.78 9.50
CA ALA A 27 -27.07 -13.72 9.81
C ALA A 27 -27.69 -12.34 10.14
N GLN A 28 -28.72 -11.89 9.40
CA GLN A 28 -29.29 -10.57 9.72
C GLN A 28 -30.00 -10.61 11.06
N GLU A 29 -30.76 -11.68 11.29
CA GLU A 29 -31.45 -11.81 12.55
C GLU A 29 -30.46 -11.81 13.72
N THR A 30 -29.36 -12.54 13.56
CA THR A 30 -28.34 -12.59 14.58
C THR A 30 -27.80 -11.19 14.88
N GLU A 31 -27.53 -10.40 13.84
CA GLU A 31 -27.12 -9.01 14.06
C GLU A 31 -28.20 -8.21 14.80
N ASP A 32 -29.44 -8.30 14.30
CA ASP A 32 -30.54 -7.51 14.85
C ASP A 32 -30.82 -7.79 16.31
N LEU A 33 -30.70 -9.06 16.70
CA LEU A 33 -30.94 -9.46 18.09
C LEU A 33 -29.70 -9.29 18.98
N ARG A 34 -28.54 -9.00 18.35
CA ARG A 34 -27.27 -8.80 19.11
C ARG A 34 -26.86 -10.03 19.94
N ARG A 35 -27.18 -11.21 19.42
CA ARG A 35 -26.95 -12.43 20.17
C ARG A 35 -27.00 -13.58 19.19
N ILE A 36 -26.15 -14.60 19.41
CA ILE A 36 -26.27 -15.80 18.59
C ILE A 36 -27.57 -16.50 18.99
N PRO A 37 -28.39 -16.89 18.01
CA PRO A 37 -29.62 -17.63 18.33
C PRO A 37 -29.33 -18.93 19.12
N ASP A 38 -30.21 -19.20 20.08
CA ASP A 38 -30.10 -20.42 20.90
C ASP A 38 -30.05 -21.63 19.98
N ASP A 39 -30.87 -21.61 18.91
CA ASP A 39 -30.99 -22.79 18.07
C ASP A 39 -29.72 -23.01 17.25
N SER A 40 -29.02 -21.92 16.91
CA SER A 40 -27.71 -22.06 16.26
C SER A 40 -26.69 -22.70 17.20
N LYS A 42 -27.32 -24.64 19.72
CA LYS A 42 -27.73 -26.04 19.87
C LYS A 42 -27.27 -26.88 18.68
N ALA A 43 -27.47 -26.36 17.47
CA ALA A 43 -27.07 -27.09 16.27
C ALA A 43 -25.55 -27.26 16.24
N LEU A 44 -24.84 -26.19 16.61
CA LEU A 44 -23.36 -26.26 16.67
C LEU A 44 -22.92 -27.34 17.66
N GLN A 45 -23.56 -27.38 18.83
CA GLN A 45 -23.28 -28.39 19.84
C GLN A 45 -23.49 -29.80 19.24
N GLU A 46 -24.63 -29.97 18.55
CA GLU A 46 -24.95 -31.27 17.97
C GLU A 46 -23.98 -31.73 16.87
N THR A 47 -23.26 -30.80 16.25
CA THR A 47 -22.24 -31.22 15.27
C THR A 47 -21.04 -31.88 15.95
N GLY A 48 -20.85 -31.62 17.24
CA GLY A 48 -19.64 -32.02 17.96
C GLY A 48 -18.58 -30.94 18.02
N PHE A 49 -18.86 -29.79 17.42
CA PHE A 49 -17.88 -28.71 17.33
C PHE A 49 -17.24 -28.34 18.68
N PHE A 50 -18.06 -28.11 19.70
CA PHE A 50 -17.51 -27.64 20.98
C PHE A 50 -16.63 -28.70 21.64
N ARG A 51 -16.85 -29.96 21.26
CA ARG A 51 -16.03 -31.06 21.80
C ARG A 51 -14.65 -31.17 21.14
N LEU A 52 -14.40 -30.42 20.07
CA LEU A 52 -13.17 -30.59 19.32
C LEU A 52 -11.88 -30.52 20.16
N LEU A 53 -11.74 -29.48 20.98
CA LEU A 53 -10.54 -29.37 21.84
C LEU A 53 -10.78 -29.84 23.29
N GLN A 54 -11.96 -30.42 23.53
CA GLN A 54 -12.29 -30.97 24.85
C GLN A 54 -11.56 -32.31 25.08
N PRO A 55 -11.08 -32.56 26.32
CA PRO A 55 -10.37 -33.83 26.60
C PRO A 55 -11.18 -35.09 26.36
N GLU A 56 -10.48 -36.15 25.96
CA GLU A 56 -11.12 -37.45 25.77
C GLU A 56 -11.89 -37.91 27.03
N GLN A 57 -11.38 -37.58 28.22
CA GLN A 57 -12.03 -38.07 29.45
C GLN A 57 -13.44 -37.51 29.62
N TRP A 58 -13.72 -36.38 28.94
CA TRP A 58 -15.03 -35.72 29.02
C TRP A 58 -15.86 -35.96 27.74
N GLY A 59 -15.45 -36.92 26.93
CA GLY A 59 -16.15 -37.24 25.69
C GLY A 59 -15.72 -36.38 24.51
N GLY A 60 -14.57 -35.70 24.66
CA GLY A 60 -14.07 -34.79 23.62
C GLY A 60 -13.12 -35.42 22.63
N TYR A 61 -12.81 -34.68 21.57
CA TYR A 61 -11.91 -35.18 20.52
C TYR A 61 -10.44 -34.91 20.78
N GLN A 62 -10.13 -34.00 21.72
CA GLN A 62 -8.75 -33.53 21.91
C GLN A 62 -7.97 -33.46 20.59
N ALA A 63 -8.53 -32.72 19.65
CA ALA A 63 -8.21 -32.84 18.23
C ALA A 63 -6.90 -32.15 17.88
N ASP A 64 -6.34 -32.55 16.74
CA ASP A 64 -5.36 -31.73 16.00
C ASP A 64 -5.90 -30.29 15.95
N PRO A 65 -5.13 -29.30 16.43
CA PRO A 65 -5.65 -27.92 16.47
C PRO A 65 -5.98 -27.36 15.11
N VAL A 66 -5.35 -27.88 14.05
CA VAL A 66 -5.68 -27.41 12.70
C VAL A 66 -7.14 -27.77 12.37
N LEU A 67 -7.60 -28.93 12.83
CA LEU A 67 -9.00 -29.29 12.61
C LEU A 67 -9.92 -28.27 13.28
N PHE A 68 -9.60 -27.88 14.51
CA PHE A 68 -10.40 -26.91 15.24
C PHE A 68 -10.45 -25.58 14.48
N TYR A 69 -9.28 -25.06 14.06
CA TYR A 69 -9.29 -23.76 13.37
C TYR A 69 -9.95 -23.83 12.00
N SER A 70 -9.88 -25.00 11.36
CA SER A 70 -10.55 -25.24 10.07
C SER A 70 -12.06 -25.18 10.26
N ALA A 71 -12.54 -25.72 11.38
CA ALA A 71 -13.98 -25.68 11.71
C ALA A 71 -14.43 -24.25 11.96
N VAL A 72 -13.60 -23.51 12.69
CA VAL A 72 -13.84 -22.08 12.93
C VAL A 72 -13.93 -21.29 11.64
N ARG A 73 -12.95 -21.50 10.78
CA ARG A 73 -12.91 -20.84 9.47
CA ARG A 73 -12.90 -20.84 9.49
C ARG A 73 -14.21 -21.07 8.72
N LYS A 74 -14.68 -22.33 8.71
CA LYS A 74 -15.93 -22.68 8.01
C LYS A 74 -17.14 -21.94 8.62
N ILE A 75 -17.30 -22.03 9.94
CA ILE A 75 -18.45 -21.35 10.58
C ILE A 75 -18.45 -19.85 10.29
N ALA A 76 -17.29 -19.24 10.47
CA ALA A 76 -17.17 -17.78 10.28
C ALA A 76 -17.44 -17.34 8.85
N SER A 77 -17.21 -18.23 7.87
CA SER A 77 -17.50 -17.92 6.47
C SER A 77 -19.00 -17.78 6.17
N ALA A 78 -19.82 -18.34 7.08
CA ALA A 78 -21.30 -18.23 6.99
C ALA A 78 -21.87 -17.08 7.82
N CYS A 79 -21.34 -16.88 9.02
CA CYS A 79 -21.83 -15.82 9.89
C CYS A 79 -20.64 -15.39 10.75
N GLY A 80 -20.20 -14.14 10.57
CA GLY A 80 -19.03 -13.65 11.28
C GLY A 80 -19.18 -13.73 12.79
N SER A 81 -20.31 -13.25 13.30
CA SER A 81 -20.56 -13.32 14.73
C SER A 81 -20.59 -14.75 15.28
N THR A 82 -21.28 -15.65 14.57
CA THR A 82 -21.35 -17.03 15.01
C THR A 82 -19.96 -17.65 15.01
N GLY A 83 -19.18 -17.34 13.97
CA GLY A 83 -17.80 -17.86 13.88
C GLY A 83 -16.92 -17.35 15.01
N TRP A 84 -17.07 -16.06 15.32
CA TRP A 84 -16.31 -15.44 16.40
C TRP A 84 -16.62 -16.09 17.74
N VAL A 85 -17.90 -16.20 18.05
CA VAL A 85 -18.34 -16.84 19.31
C VAL A 85 -17.90 -18.30 19.36
N SER A 86 -18.05 -19.01 18.24
CA SER A 86 -17.72 -20.43 18.20
C SER A 86 -16.24 -20.64 18.52
N SER A 87 -15.41 -19.80 17.92
CA SER A 87 -13.98 -19.93 18.13
C SER A 87 -13.59 -19.74 19.59
N ILE A 88 -14.09 -18.65 20.19
CA ILE A 88 -13.68 -18.30 21.56
C ILE A 88 -14.25 -19.29 22.58
N ILE A 89 -15.54 -19.57 22.48
CA ILE A 89 -16.14 -20.54 23.40
CA ILE A 89 -16.18 -20.55 23.36
C ILE A 89 -15.52 -21.93 23.21
N GLY A 90 -15.23 -22.30 21.97
CA GLY A 90 -14.60 -23.58 21.69
C GLY A 90 -13.22 -23.69 22.33
N VAL A 91 -12.46 -22.61 22.28
CA VAL A 91 -11.08 -22.66 22.82
C VAL A 91 -11.08 -22.75 24.34
N HIS A 92 -12.17 -22.30 24.98
CA HIS A 92 -12.23 -22.39 26.45
C HIS A 92 -12.22 -23.83 26.92
N ASN A 93 -12.63 -24.75 26.05
CA ASN A 93 -12.63 -26.19 26.41
C ASN A 93 -11.22 -26.76 26.41
N TRP A 94 -10.36 -26.13 25.61
CA TRP A 94 -8.94 -26.38 25.64
C TRP A 94 -8.35 -25.79 26.93
N HIS A 95 -8.70 -24.54 27.22
CA HIS A 95 -8.16 -23.87 28.42
C HIS A 95 -8.54 -24.63 29.69
N LEU A 96 -9.80 -25.07 29.78
CA LEU A 96 -10.23 -25.77 30.99
C LEU A 96 -9.48 -27.09 31.22
N ALA A 97 -9.04 -27.73 30.14
CA ALA A 97 -8.25 -28.97 30.22
C ALA A 97 -6.97 -28.79 31.03
N LEU A 98 -6.53 -27.53 31.16
CA LEU A 98 -5.29 -27.20 31.87
C LEU A 98 -5.54 -26.94 33.36
N PHE A 99 -6.79 -26.64 33.72
CA PHE A 99 -7.14 -26.45 35.14
C PHE A 99 -7.06 -27.80 35.86
N SER A 100 -7.12 -27.73 37.18
CA SER A 100 -7.12 -28.94 38.01
C SER A 100 -8.24 -29.89 37.57
N GLN A 101 -8.02 -31.18 37.80
CA GLN A 101 -9.04 -32.18 37.54
C GLN A 101 -10.33 -31.81 38.28
N GLN A 102 -10.20 -31.27 39.50
CA GLN A 102 -11.37 -30.95 40.31
C GLN A 102 -12.18 -29.85 39.65
N ALA A 103 -11.50 -28.85 39.09
CA ALA A 103 -12.19 -27.77 38.38
C ALA A 103 -12.95 -28.30 37.15
N GLN A 104 -12.32 -29.21 36.40
CA GLN A 104 -13.00 -29.83 35.25
C GLN A 104 -14.22 -30.63 35.69
N GLU A 105 -14.09 -31.35 36.80
CA GLU A 105 -15.21 -32.09 37.37
C GLU A 105 -16.33 -31.11 37.79
N ASP A 106 -15.97 -29.98 38.40
CA ASP A 106 -16.97 -28.96 38.75
C ASP A 106 -17.82 -28.52 37.55
N VAL A 107 -17.15 -28.34 36.41
CA VAL A 107 -17.80 -27.86 35.20
C VAL A 107 -18.55 -28.95 34.45
N TRP A 108 -17.89 -30.09 34.24
CA TRP A 108 -18.38 -31.11 33.32
C TRP A 108 -18.84 -32.41 33.99
N GLY A 109 -18.71 -32.49 35.31
CA GLY A 109 -19.01 -33.72 36.03
C GLY A 109 -20.41 -34.28 35.80
N ASN A 110 -21.38 -33.41 35.51
CA ASN A 110 -22.77 -33.85 35.31
C ASN A 110 -23.25 -33.69 33.87
N ASP A 111 -22.52 -32.89 33.10
CA ASP A 111 -22.95 -32.49 31.77
C ASP A 111 -21.71 -32.02 31.00
N THR A 112 -21.24 -32.88 30.10
CA THR A 112 -20.02 -32.56 29.35
C THR A 112 -20.25 -31.61 28.20
N ASP A 113 -21.49 -31.15 28.01
CA ASP A 113 -21.79 -30.10 27.01
C ASP A 113 -21.80 -28.68 27.58
N VAL A 114 -21.52 -28.54 28.87
CA VAL A 114 -21.51 -27.20 29.47
C VAL A 114 -20.46 -26.31 28.78
N ARG A 115 -20.78 -25.03 28.59
CA ARG A 115 -19.92 -24.06 27.92
C ARG A 115 -19.43 -23.00 28.92
N ILE A 116 -18.32 -22.39 28.55
CA ILE A 116 -17.63 -21.41 29.39
C ILE A 116 -17.38 -20.19 28.50
N SER A 117 -17.60 -18.98 29.03
CA SER A 117 -17.23 -17.77 28.28
C SER A 117 -15.99 -17.17 28.92
N SER A 118 -15.44 -16.12 28.34
CA SER A 118 -14.24 -15.55 28.97
C SER A 118 -14.15 -14.06 28.83
N SER A 119 -13.24 -13.48 29.60
CA SER A 119 -12.76 -12.14 29.32
C SER A 119 -11.37 -12.11 29.90
N TYR A 120 -10.35 -12.16 29.03
CA TYR A 120 -8.99 -12.38 29.55
C TYR A 120 -8.23 -11.10 29.88
N ALA A 121 -8.71 -9.96 29.38
CA ALA A 121 -8.09 -8.67 29.71
C ALA A 121 -8.30 -8.37 31.19
N PRO A 122 -7.33 -7.71 31.84
CA PRO A 122 -7.51 -7.51 33.27
C PRO A 122 -8.53 -6.43 33.56
N GLY A 124 -10.57 -6.97 36.44
CA GLY A 124 -10.88 -7.30 37.81
C GLY A 124 -9.64 -7.90 38.45
N ALA A 125 -9.78 -8.35 39.69
CA ALA A 125 -8.63 -8.86 40.44
C ALA A 125 -9.12 -9.78 41.53
N GLY A 126 -8.19 -10.60 42.04
CA GLY A 126 -8.51 -11.54 43.11
C GLY A 126 -7.57 -11.35 44.29
N GLN A 127 -8.15 -11.13 45.47
CA GLN A 127 -7.36 -10.98 46.69
C GLN A 127 -7.20 -12.33 47.37
N VAL A 128 -5.97 -12.64 47.77
CA VAL A 128 -5.69 -13.87 48.52
C VAL A 128 -6.50 -13.88 49.82
N VAL A 129 -7.20 -15.00 50.04
CA VAL A 129 -7.92 -15.27 51.30
C VAL A 129 -7.75 -16.75 51.60
N ASP A 130 -8.09 -17.18 52.81
CA ASP A 130 -8.03 -18.60 53.13
C ASP A 130 -8.86 -19.39 52.12
N GLY A 131 -8.22 -20.35 51.46
CA GLY A 131 -8.94 -21.28 50.59
C GLY A 131 -9.07 -20.82 49.14
N GLY A 132 -8.54 -19.64 48.84
CA GLY A 132 -8.65 -19.13 47.46
C GLY A 132 -8.54 -17.62 47.39
N TYR A 133 -9.55 -16.99 46.77
CA TYR A 133 -9.51 -15.56 46.42
C TYR A 133 -10.87 -14.91 46.53
N THR A 134 -10.87 -13.63 46.88
CA THR A 134 -12.06 -12.80 46.74
C THR A 134 -11.88 -11.99 45.48
N VAL A 135 -12.82 -12.17 44.56
CA VAL A 135 -12.69 -11.59 43.25
C VAL A 135 -13.73 -10.49 43.06
N ASN A 136 -13.28 -9.39 42.45
CA ASN A 136 -14.11 -8.25 42.09
C ASN A 136 -13.74 -7.80 40.70
N GLY A 137 -14.75 -7.57 39.87
CA GLY A 137 -14.48 -7.06 38.54
C GLY A 137 -15.70 -6.80 37.71
N ALA A 138 -15.47 -6.16 36.57
CA ALA A 138 -16.50 -5.96 35.56
C ALA A 138 -15.85 -6.20 34.19
N TRP A 139 -15.91 -7.45 33.77
CA TRP A 139 -15.17 -7.92 32.60
C TRP A 139 -16.02 -7.78 31.33
N ALA A 140 -15.69 -6.78 30.52
CA ALA A 140 -16.38 -6.51 29.24
C ALA A 140 -15.94 -7.47 28.14
N TRP A 141 -16.67 -7.41 27.03
CA TRP A 141 -16.32 -8.12 25.81
C TRP A 141 -16.31 -9.65 25.96
N SER A 142 -17.26 -10.19 26.75
CA SER A 142 -17.32 -11.66 26.92
C SER A 142 -18.24 -12.22 25.83
N SER A 143 -17.64 -12.49 24.67
CA SER A 143 -18.39 -12.98 23.52
C SER A 143 -19.16 -14.24 23.84
N GLY A 144 -20.45 -14.24 23.47
CA GLY A 144 -21.32 -15.39 23.69
C GLY A 144 -21.57 -15.74 25.17
N CYS A 145 -21.38 -14.78 26.07
CA CYS A 145 -21.52 -15.07 27.50
C CYS A 145 -22.91 -15.62 27.89
N ASP A 146 -23.97 -15.23 27.18
N ASP A 146 -23.96 -15.22 27.17
CA ASP A 146 -25.30 -15.75 27.52
CA ASP A 146 -25.31 -15.70 27.45
C ASP A 146 -25.40 -17.26 27.30
C ASP A 146 -25.49 -17.19 27.16
N HIS A 147 -24.51 -17.78 26.45
CA HIS A 147 -24.56 -19.19 26.06
C HIS A 147 -23.66 -20.07 26.90
N ALA A 148 -23.21 -19.53 28.03
CA ALA A 148 -22.28 -20.26 28.90
C ALA A 148 -22.80 -20.22 30.33
N SER A 149 -22.35 -21.17 31.15
CA SER A 149 -22.79 -21.23 32.55
C SER A 149 -21.60 -21.08 33.51
N TRP A 150 -20.43 -20.82 32.94
CA TRP A 150 -19.22 -20.47 33.68
C TRP A 150 -18.45 -19.44 32.89
N ALA A 151 -17.57 -18.70 33.57
CA ALA A 151 -16.65 -17.79 32.86
C ALA A 151 -15.25 -17.98 33.39
N VAL A 152 -14.26 -17.82 32.51
CA VAL A 152 -12.88 -17.70 32.95
C VAL A 152 -12.44 -16.26 32.71
N LEU A 153 -11.98 -15.65 33.79
CA LEU A 153 -11.80 -14.20 33.85
C LEU A 153 -10.38 -13.88 34.22
N GLY A 154 -9.70 -13.12 33.35
CA GLY A 154 -8.26 -12.85 33.52
C GLY A 154 -8.00 -11.68 34.46
N GLY A 155 -7.05 -11.83 35.36
CA GLY A 155 -6.70 -10.71 36.21
C GLY A 155 -5.55 -11.02 37.12
N PRO A 156 -5.05 -9.98 37.81
CA PRO A 156 -3.99 -10.22 38.77
C PRO A 156 -4.51 -10.80 40.07
N VAL A 157 -3.63 -11.55 40.74
CA VAL A 157 -3.81 -11.93 42.14
C VAL A 157 -3.19 -10.84 43.00
N ILE A 158 -3.92 -10.40 44.02
CA ILE A 158 -3.48 -9.37 44.93
C ILE A 158 -3.08 -9.98 46.28
N LYS A 159 -1.85 -9.72 46.70
CA LYS A 159 -1.31 -10.28 47.92
C LYS A 159 -0.44 -9.18 48.53
N ASP A 160 -0.66 -8.86 49.80
CA ASP A 160 -0.04 -7.69 50.44
C ASP A 160 -0.27 -6.42 49.61
N GLY A 161 -1.48 -6.34 49.04
CA GLY A 161 -1.94 -5.25 48.15
C GLY A 161 -1.01 -4.93 46.95
N ARG A 162 -0.43 -6.00 46.42
CA ARG A 162 0.43 -5.94 45.26
C ARG A 162 -0.02 -7.07 44.35
N PRO A 163 0.11 -6.90 43.02
CA PRO A 163 -0.17 -7.98 42.07
C PRO A 163 1.05 -8.91 41.95
N VAL A 164 0.81 -10.21 42.08
CA VAL A 164 1.92 -11.15 42.20
C VAL A 164 1.87 -12.26 41.14
N ASP A 165 0.78 -12.30 40.40
CA ASP A 165 0.59 -13.36 39.40
C ASP A 165 -0.50 -12.88 38.48
N PHE A 166 -0.57 -13.46 37.29
CA PHE A 166 -1.69 -13.17 36.39
C PHE A 166 -2.34 -14.48 36.06
N VAL A 167 -3.65 -14.58 36.34
CA VAL A 167 -4.33 -15.87 36.35
C VAL A 167 -5.67 -15.76 35.64
N SER A 168 -6.33 -16.90 35.45
CA SER A 168 -7.75 -16.91 35.11
C SER A 168 -8.54 -17.47 36.29
N PHE A 169 -9.58 -16.73 36.68
CA PHE A 169 -10.52 -17.19 37.70
C PHE A 169 -11.69 -17.86 37.03
N LEU A 170 -11.95 -19.12 37.40
CA LEU A 170 -13.10 -19.86 36.87
C LEU A 170 -14.28 -19.67 37.83
N ILE A 171 -15.35 -19.05 37.34
CA ILE A 171 -16.47 -18.65 38.19
C ILE A 171 -17.80 -19.12 37.58
N PRO A 172 -18.68 -19.75 38.39
CA PRO A 172 -19.92 -20.19 37.80
C PRO A 172 -20.93 -19.05 37.65
N ARG A 173 -21.88 -19.20 36.73
CA ARG A 173 -22.81 -18.12 36.45
C ARG A 173 -23.70 -17.70 37.62
N GLU A 174 -23.93 -18.59 38.59
CA GLU A 174 -24.73 -18.21 39.76
C GLU A 174 -24.02 -17.11 40.57
N ASP A 175 -22.72 -16.96 40.34
CA ASP A 175 -21.90 -15.98 41.05
C ASP A 175 -21.62 -14.68 40.31
N TYR A 176 -22.17 -14.53 39.10
CA TYR A 176 -21.98 -13.27 38.39
C TYR A 176 -23.22 -12.80 37.68
N ARG A 177 -23.21 -11.52 37.28
CA ARG A 177 -24.33 -10.91 36.56
C ARG A 177 -23.82 -10.47 35.18
N ILE A 178 -24.65 -10.64 34.16
CA ILE A 178 -24.30 -10.17 32.83
C ILE A 178 -25.08 -8.89 32.55
N ASP A 179 -24.34 -7.81 32.23
CA ASP A 179 -24.96 -6.53 31.88
C ASP A 179 -24.97 -6.37 30.38
N ASP A 180 -26.15 -6.07 29.81
CA ASP A 180 -26.31 -5.94 28.36
C ASP A 180 -25.92 -4.54 27.94
N VAL A 181 -24.69 -4.42 27.43
CA VAL A 181 -24.14 -3.14 27.00
C VAL A 181 -23.64 -3.16 25.55
N TRP A 182 -23.79 -4.28 24.87
CA TRP A 182 -23.14 -4.48 23.55
C TRP A 182 -23.81 -3.65 22.46
N ASN A 183 -23.13 -2.57 22.04
CA ASN A 183 -23.72 -1.57 21.17
C ASN A 183 -22.66 -1.03 20.20
N VAL A 184 -22.35 -1.85 19.20
CA VAL A 184 -21.15 -1.63 18.37
C VAL A 184 -21.44 -1.72 16.86
N VAL A 185 -20.47 -1.26 16.06
CA VAL A 185 -20.68 -1.14 14.61
C VAL A 185 -20.54 -2.48 13.85
N GLY A 186 -19.86 -3.44 14.47
CA GLY A 186 -19.71 -4.79 13.87
C GLY A 186 -19.62 -5.85 14.95
N LEU A 187 -19.69 -7.12 14.52
CA LEU A 187 -19.80 -8.26 15.45
C LEU A 187 -20.97 -8.04 16.42
N ARG A 188 -22.01 -7.38 15.93
CA ARG A 188 -23.19 -7.08 16.77
C ARG A 188 -23.81 -8.37 17.33
N GLY A 189 -23.82 -9.42 16.52
CA GLY A 189 -24.43 -10.69 16.94
C GLY A 189 -23.71 -11.42 18.06
N THR A 190 -22.46 -11.02 18.37
CA THR A 190 -21.69 -11.78 19.34
C THR A 190 -22.19 -11.64 20.78
N GLY A 191 -22.99 -10.59 21.06
CA GLY A 191 -23.49 -10.42 22.42
C GLY A 191 -22.34 -10.41 23.41
N SER A 192 -21.33 -9.61 23.10
CA SER A 192 -20.11 -9.55 23.91
C SER A 192 -20.30 -8.65 25.14
N ASN A 193 -21.15 -9.14 26.05
CA ASN A 193 -21.58 -8.35 27.20
C ASN A 193 -20.61 -8.44 28.38
N THR A 194 -20.97 -7.83 29.51
CA THR A 194 -20.04 -7.57 30.59
C THR A 194 -20.40 -8.42 31.79
N VAL A 195 -19.40 -9.13 32.30
CA VAL A 195 -19.56 -10.09 33.38
C VAL A 195 -19.13 -9.40 34.67
N VAL A 196 -20.10 -9.19 35.55
CA VAL A 196 -19.92 -8.38 36.74
C VAL A 196 -19.84 -9.30 37.96
N VAL A 197 -18.74 -9.16 38.69
CA VAL A 197 -18.40 -10.06 39.81
C VAL A 197 -18.21 -9.20 41.05
N GLU A 198 -18.97 -9.49 42.11
CA GLU A 198 -18.96 -8.66 43.31
C GLU A 198 -18.69 -9.49 44.55
N ASP A 199 -17.47 -9.35 45.11
CA ASP A 199 -17.14 -9.96 46.39
C ASP A 199 -17.38 -11.47 46.38
N VAL A 200 -16.85 -12.13 45.35
CA VAL A 200 -17.09 -13.56 45.13
C VAL A 200 -15.89 -14.39 45.54
N PHE A 201 -16.15 -15.45 46.32
CA PHE A 201 -15.12 -16.38 46.71
C PHE A 201 -14.87 -17.34 45.55
N VAL A 202 -13.60 -17.44 45.16
CA VAL A 202 -13.18 -18.41 44.13
C VAL A 202 -12.12 -19.32 44.77
N PRO A 203 -12.42 -20.64 44.85
CA PRO A 203 -11.48 -21.55 45.51
C PRO A 203 -10.20 -21.78 44.70
N THR A 204 -9.09 -22.04 45.41
CA THR A 204 -7.78 -22.28 44.82
C THR A 204 -7.80 -23.17 43.58
N HIS A 205 -8.54 -24.29 43.66
CA HIS A 205 -8.52 -25.25 42.55
C HIS A 205 -9.14 -24.71 41.26
N ARG A 206 -9.87 -23.61 41.38
CA ARG A 206 -10.53 -22.99 40.23
C ARG A 206 -9.76 -21.77 39.69
N VAL A 207 -8.47 -21.69 40.01
CA VAL A 207 -7.65 -20.58 39.52
C VAL A 207 -6.38 -21.11 38.87
N LEU A 208 -6.05 -20.60 37.68
CA LEU A 208 -4.90 -21.13 36.94
C LEU A 208 -4.00 -20.01 36.46
N SER A 209 -2.72 -20.08 36.81
CA SER A 209 -1.77 -19.07 36.41
C SER A 209 -1.31 -19.27 34.96
N PHE A 210 -1.25 -18.21 34.18
CA PHE A 210 -0.67 -18.32 32.85
C PHE A 210 0.82 -18.73 32.87
N LYS A 211 1.54 -18.35 33.92
CA LYS A 211 2.94 -18.80 34.08
C LYS A 211 3.05 -20.31 34.23
N ALA A 212 2.13 -20.91 35.00
CA ALA A 212 2.08 -22.37 35.18
C ALA A 212 1.82 -23.04 33.84
N SER A 214 2.63 -21.81 30.85
CA SER A 214 3.84 -21.64 30.03
CA SER A 214 3.81 -21.70 29.99
C SER A 214 4.98 -22.53 30.52
N ASN A 215 4.98 -22.83 31.82
CA ASN A 215 5.97 -23.71 32.43
C ASN A 215 5.68 -25.21 32.25
N LEU A 216 4.59 -25.52 31.53
CA LEU A 216 4.11 -26.90 31.39
C LEU A 216 3.85 -27.59 32.73
N THR A 217 3.51 -26.79 33.74
CA THR A 217 3.14 -27.31 35.05
C THR A 217 1.64 -27.15 35.38
N ALA A 218 0.82 -26.76 34.40
CA ALA A 218 -0.63 -26.68 34.66
C ALA A 218 -1.11 -28.03 35.15
N PRO A 219 -1.94 -28.06 36.21
CA PRO A 219 -2.30 -29.33 36.85
C PRO A 219 -3.12 -30.29 35.97
N GLY A 220 -3.86 -29.74 35.00
CA GLY A 220 -4.70 -30.56 34.10
C GLY A 220 -3.90 -31.46 33.17
N LEU A 221 -2.63 -31.13 32.98
CA LEU A 221 -1.75 -31.90 32.09
C LEU A 221 -1.46 -33.29 32.63
N GLU A 222 -1.69 -33.50 33.93
CA GLU A 222 -1.36 -34.79 34.54
C GLU A 222 -2.23 -35.89 33.93
N ARG A 223 -3.53 -35.60 33.83
CA ARG A 223 -4.48 -36.55 33.25
C ARG A 223 -4.77 -36.25 31.78
N ASN A 224 -4.72 -34.98 31.37
CA ASN A 224 -4.98 -34.63 29.98
C ASN A 224 -3.66 -34.55 29.23
N THR A 225 -3.22 -35.70 28.75
CA THR A 225 -1.85 -35.87 28.25
C THR A 225 -1.72 -35.65 26.73
N ALA A 226 -2.85 -35.38 26.05
CA ALA A 226 -2.83 -35.23 24.59
C ALA A 226 -1.88 -34.08 24.19
N PRO A 227 -1.15 -34.25 23.08
CA PRO A 227 -0.17 -33.19 22.70
C PRO A 227 -0.79 -31.82 22.45
N VAL A 228 -2.06 -31.76 22.06
CA VAL A 228 -2.68 -30.45 21.81
C VAL A 228 -2.63 -29.54 23.06
N TYR A 229 -2.65 -30.15 24.26
CA TYR A 229 -2.68 -29.33 25.50
C TYR A 229 -1.30 -28.77 25.87
N LYS A 230 -0.26 -29.14 25.11
CA LYS A 230 1.09 -28.59 25.33
C LYS A 230 1.37 -27.42 24.38
N PRO A 232 1.44 -23.69 22.94
CA PRO A 232 1.59 -22.42 23.64
C PRO A 232 0.35 -21.55 23.54
N TRP A 233 -0.08 -20.98 24.67
CA TRP A 233 -1.20 -20.03 24.68
C TRP A 233 -1.00 -18.88 23.70
N GLY A 234 0.25 -18.42 23.56
CA GLY A 234 0.55 -17.29 22.68
C GLY A 234 0.25 -17.56 21.21
N THR A 235 0.22 -18.86 20.83
CA THR A 235 -0.32 -19.25 19.54
C THR A 235 -1.83 -19.59 19.57
N ILE A 236 -2.24 -20.40 20.53
CA ILE A 236 -3.62 -20.89 20.57
C ILE A 236 -4.67 -19.79 20.67
N HIS A 237 -4.46 -18.85 21.59
CA HIS A 237 -5.53 -17.84 21.81
C HIS A 237 -5.52 -16.82 20.66
N PRO A 238 -4.35 -16.21 20.35
CA PRO A 238 -4.42 -15.29 19.20
C PRO A 238 -4.90 -15.94 17.88
N THR A 239 -4.54 -17.19 17.62
CA THR A 239 -5.04 -17.86 16.40
C THR A 239 -6.58 -18.01 16.46
N THR A 240 -7.11 -18.24 17.66
CA THR A 240 -8.59 -18.29 17.85
C THR A 240 -9.29 -16.95 17.49
N ILE A 241 -8.53 -15.86 17.58
CA ILE A 241 -8.98 -14.53 17.21
C ILE A 241 -8.81 -14.26 15.71
N SER A 242 -7.72 -14.73 15.13
CA SER A 242 -7.51 -14.49 13.69
C SER A 242 -8.33 -15.43 12.82
N ALA A 243 -8.44 -16.70 13.22
CA ALA A 243 -9.12 -17.71 12.37
C ALA A 243 -10.53 -17.30 11.92
N PRO A 244 -11.38 -16.77 12.84
CA PRO A 244 -12.72 -16.35 12.39
C PRO A 244 -12.66 -15.16 11.42
N ILE A 245 -11.68 -14.28 11.59
CA ILE A 245 -11.57 -13.14 10.67
C ILE A 245 -11.16 -13.62 9.28
N VAL A 246 -10.18 -14.53 9.24
CA VAL A 246 -9.85 -15.22 7.98
C VAL A 246 -11.11 -15.88 7.37
N GLY A 247 -11.87 -16.61 8.17
CA GLY A 247 -13.14 -17.23 7.70
C GLY A 247 -14.12 -16.19 7.15
N ALA A 249 -13.33 -13.54 5.70
CA ALA A 249 -12.79 -13.13 4.39
C ALA A 249 -13.17 -14.16 3.33
N TYR A 250 -13.10 -15.44 3.66
CA TYR A 250 -13.56 -16.48 2.72
C TYR A 250 -15.03 -16.27 2.35
N GLY A 251 -15.84 -15.97 3.36
CA GLY A 251 -17.28 -15.79 3.16
C GLY A 251 -17.55 -14.56 2.30
N ALA A 252 -16.84 -13.49 2.59
CA ALA A 252 -16.96 -12.24 1.83
C ALA A 252 -16.56 -12.49 0.37
N TYR A 253 -15.46 -13.19 0.19
CA TYR A 253 -14.98 -13.52 -1.17
C TYR A 253 -16.03 -14.33 -1.96
N ASP A 254 -16.54 -15.38 -1.35
CA ASP A 254 -17.50 -16.24 -2.03
C ASP A 254 -18.78 -15.46 -2.36
N ALA A 255 -19.24 -14.62 -1.42
CA ALA A 255 -20.48 -13.85 -1.62
C ALA A 255 -20.26 -12.89 -2.79
N HIS A 256 -19.11 -12.23 -2.78
CA HIS A 256 -18.77 -11.26 -3.83
C HIS A 256 -18.65 -11.92 -5.19
N VAL A 257 -17.90 -13.01 -5.28
CA VAL A 257 -17.75 -13.70 -6.57
C VAL A 257 -19.06 -14.29 -7.09
N GLU A 258 -19.89 -14.83 -6.20
CA GLU A 258 -21.22 -15.34 -6.62
C GLU A 258 -22.07 -14.22 -7.20
N HIS A 259 -22.15 -13.10 -6.50
CA HIS A 259 -22.98 -11.99 -6.96
C HIS A 259 -22.41 -11.39 -8.25
N GLN A 260 -21.11 -11.12 -8.27
CA GLN A 260 -20.47 -10.54 -9.44
C GLN A 260 -20.48 -11.47 -10.64
N GLY A 261 -20.28 -12.76 -10.40
CA GLY A 261 -20.28 -13.76 -11.49
C GLY A 261 -21.58 -13.73 -12.25
N LYS A 262 -22.68 -13.68 -11.52
CA LYS A 262 -24.01 -13.56 -12.10
C LYS A 262 -24.15 -12.30 -12.91
N ARG A 263 -23.69 -11.17 -12.36
CA ARG A 263 -23.75 -9.90 -13.07
C ARG A 263 -22.98 -9.94 -14.39
N VAL A 264 -21.74 -10.41 -14.34
CA VAL A 264 -20.86 -10.43 -15.53
CA VAL A 264 -20.87 -10.42 -15.53
C VAL A 264 -21.36 -11.39 -16.61
N ARG A 265 -21.89 -12.53 -16.21
CA ARG A 265 -22.36 -13.52 -17.19
C ARG A 265 -23.65 -13.04 -17.82
N ALA A 266 -24.46 -12.34 -17.02
CA ALA A 266 -25.74 -11.77 -17.48
C ALA A 266 -25.55 -10.48 -18.28
N ALA A 267 -24.38 -9.88 -18.17
CA ALA A 267 -24.09 -8.62 -18.85
C ALA A 267 -24.06 -8.82 -20.36
N PHE A 268 -24.08 -7.71 -21.09
CA PHE A 268 -24.06 -7.76 -22.54
C PHE A 268 -22.70 -7.30 -23.05
N ALA A 269 -22.44 -7.61 -24.31
CA ALA A 269 -21.14 -7.42 -24.96
C ALA A 269 -20.35 -6.16 -24.58
N GLY A 270 -21.00 -4.99 -24.62
CA GLY A 270 -20.29 -3.72 -24.39
C GLY A 270 -20.39 -3.12 -22.99
N GLU A 271 -20.93 -3.88 -22.05
CA GLU A 271 -21.14 -3.37 -20.69
C GLU A 271 -19.85 -3.40 -19.89
N LYS A 272 -19.70 -2.41 -19.01
CA LYS A 272 -18.53 -2.31 -18.12
C LYS A 272 -18.30 -3.62 -17.37
N ALA A 273 -19.39 -4.21 -16.87
CA ALA A 273 -19.31 -5.44 -16.08
C ALA A 273 -18.80 -6.62 -16.86
N LYS A 274 -18.94 -6.61 -18.18
CA LYS A 274 -18.55 -7.79 -18.93
C LYS A 274 -17.04 -7.90 -19.11
N ASP A 275 -16.35 -6.77 -19.13
CA ASP A 275 -14.90 -6.74 -19.33
C ASP A 275 -14.28 -5.66 -18.46
N ASP A 276 -14.30 -5.90 -17.16
CA ASP A 276 -13.69 -4.97 -16.21
C ASP A 276 -12.43 -5.63 -15.64
N PRO A 277 -11.26 -5.26 -16.18
CA PRO A 277 -10.10 -5.97 -15.70
C PRO A 277 -9.76 -5.60 -14.27
N PHE A 278 -10.15 -4.40 -13.83
CA PHE A 278 -9.83 -4.02 -12.45
C PHE A 278 -10.59 -4.84 -11.42
N ALA A 279 -11.86 -5.14 -11.69
CA ALA A 279 -12.63 -5.97 -10.78
C ALA A 279 -11.98 -7.37 -10.71
N LYS A 280 -11.51 -7.85 -11.86
CA LYS A 280 -10.83 -9.15 -11.91
C LYS A 280 -9.56 -9.12 -11.09
N VAL A 281 -8.79 -8.04 -11.21
CA VAL A 281 -7.55 -7.94 -10.43
C VAL A 281 -7.83 -7.92 -8.91
N ARG A 282 -8.85 -7.19 -8.50
CA ARG A 282 -9.15 -7.13 -7.06
C ARG A 282 -9.51 -8.51 -6.54
N ILE A 283 -10.27 -9.28 -7.34
CA ILE A 283 -10.58 -10.67 -6.98
C ILE A 283 -9.32 -11.55 -6.87
N ALA A 284 -8.37 -11.37 -7.78
CA ALA A 284 -7.13 -12.12 -7.73
C ALA A 284 -6.32 -11.75 -6.49
N GLU A 285 -6.20 -10.46 -6.23
CA GLU A 285 -5.45 -10.00 -5.05
C GLU A 285 -6.05 -10.54 -3.76
N ALA A 286 -7.38 -10.38 -3.63
CA ALA A 286 -8.07 -10.79 -2.42
C ALA A 286 -7.98 -12.28 -2.18
N SER A 287 -8.27 -13.08 -3.21
CA SER A 287 -8.21 -14.54 -3.05
C SER A 287 -6.80 -14.96 -2.67
N SER A 288 -5.78 -14.36 -3.31
CA SER A 288 -4.42 -14.80 -3.03
C SER A 288 -4.01 -14.46 -1.61
N ASP A 289 -4.38 -13.26 -1.18
CA ASP A 289 -3.97 -12.80 0.17
C ASP A 289 -4.71 -13.53 1.28
N ILE A 290 -5.97 -13.87 1.03
CA ILE A 290 -6.75 -14.69 1.98
C ILE A 290 -6.08 -16.05 2.08
N ASP A 291 -5.74 -16.64 0.94
CA ASP A 291 -5.10 -17.95 0.97
C ASP A 291 -3.75 -17.88 1.72
N ALA A 292 -2.98 -16.82 1.48
CA ALA A 292 -1.68 -16.69 2.17
C ALA A 292 -1.88 -16.62 3.69
N ALA A 293 -2.88 -15.83 4.10
CA ALA A 293 -3.24 -15.71 5.51
C ALA A 293 -3.51 -17.08 6.11
N TRP A 294 -4.37 -17.87 5.47
CA TRP A 294 -4.68 -19.20 5.96
C TRP A 294 -3.47 -20.14 5.96
N ARG A 295 -2.69 -20.12 4.88
CA ARG A 295 -1.49 -20.99 4.81
C ARG A 295 -0.56 -20.74 5.97
N GLN A 296 -0.32 -19.47 6.29
CA GLN A 296 0.57 -19.17 7.43
C GLN A 296 -0.08 -19.46 8.77
N LEU A 297 -1.34 -19.04 8.93
CA LEU A 297 -2.01 -19.23 10.20
C LEU A 297 -2.14 -20.70 10.57
N SER A 298 -2.62 -21.51 9.62
CA SER A 298 -2.73 -22.94 9.85
C SER A 298 -1.35 -23.63 9.83
N GLY A 299 -0.43 -23.13 8.99
CA GLY A 299 0.93 -23.69 8.85
C GLY A 299 1.73 -23.63 10.13
N ASN A 300 1.75 -22.47 10.78
CA ASN A 300 2.49 -22.34 12.02
C ASN A 300 1.90 -23.25 13.12
N VAL A 301 0.56 -23.31 13.18
CA VAL A 301 -0.09 -24.21 14.13
C VAL A 301 0.32 -25.67 13.84
N ALA A 302 0.26 -26.06 12.57
CA ALA A 302 0.65 -27.44 12.19
C ALA A 302 2.11 -27.77 12.57
N ASP A 303 3.01 -26.82 12.36
CA ASP A 303 4.43 -27.02 12.68
C ASP A 303 4.63 -27.16 14.17
N GLU A 304 3.98 -26.31 14.97
CA GLU A 304 4.08 -26.46 16.43
C GLU A 304 3.58 -27.83 16.85
N TYR A 305 2.43 -28.22 16.33
CA TYR A 305 1.76 -29.46 16.76
C TYR A 305 2.59 -30.68 16.36
N ALA A 306 3.15 -30.63 15.16
CA ALA A 306 4.01 -31.76 14.70
C ALA A 306 5.19 -31.98 15.65
N LEU A 307 5.78 -30.88 16.13
CA LEU A 307 6.91 -31.00 17.04
C LEU A 307 6.44 -31.67 18.33
N LEU A 308 5.30 -31.24 18.87
CA LEU A 308 4.77 -31.80 20.09
C LEU A 308 4.47 -33.30 19.93
N VAL A 309 3.84 -33.65 18.82
CA VAL A 309 3.51 -35.05 18.55
C VAL A 309 4.81 -35.89 18.52
N ALA A 310 5.88 -35.27 18.08
CA ALA A 310 7.21 -35.91 18.04
C ALA A 310 7.98 -35.85 19.38
N GLY A 311 7.31 -35.36 20.43
CA GLY A 311 7.90 -35.30 21.79
C GLY A 311 8.90 -34.18 22.02
N GLU A 312 8.93 -33.23 21.09
CA GLU A 312 9.86 -32.10 21.13
C GLU A 312 9.21 -30.87 21.70
N GLU A 313 10.04 -29.95 22.19
N GLU A 313 10.03 -29.95 22.18
CA GLU A 313 9.59 -28.62 22.57
CA GLU A 313 9.55 -28.63 22.59
C GLU A 313 9.26 -27.79 21.32
C GLU A 313 9.37 -27.71 21.39
N VAL A 314 8.41 -26.79 21.48
CA VAL A 314 8.17 -25.81 20.42
C VAL A 314 9.21 -24.71 20.62
N PRO A 315 10.09 -24.51 19.62
CA PRO A 315 11.11 -23.49 19.88
C PRO A 315 10.55 -22.10 19.88
N PHE A 316 11.20 -21.22 20.65
CA PHE A 316 10.76 -19.85 20.75
C PHE A 316 10.70 -19.15 19.40
N GLU A 317 11.66 -19.43 18.51
CA GLU A 317 11.65 -18.78 17.19
C GLU A 317 10.36 -19.08 16.44
N LEU A 318 9.83 -20.30 16.59
CA LEU A 318 8.56 -20.64 15.94
C LEU A 318 7.38 -19.91 16.58
N ARG A 319 7.37 -19.81 17.90
CA ARG A 319 6.32 -19.06 18.59
C ARG A 319 6.33 -17.61 18.13
N LEU A 320 7.53 -17.06 17.88
CA LEU A 320 7.63 -15.69 17.36
C LEU A 320 7.10 -15.57 15.94
N ARG A 321 7.47 -16.53 15.08
CA ARG A 321 6.93 -16.55 13.71
C ARG A 321 5.40 -16.68 13.70
N ALA A 322 4.87 -17.49 14.61
CA ALA A 322 3.44 -17.70 14.73
C ALA A 322 2.74 -16.39 15.00
N ARG A 323 3.24 -15.64 15.99
CA ARG A 323 2.63 -14.34 16.30
C ARG A 323 2.74 -13.34 15.14
N ARG A 324 3.93 -13.29 14.53
CA ARG A 324 4.16 -12.44 13.34
C ARG A 324 3.11 -12.68 12.26
N ASP A 325 2.93 -13.95 11.88
CA ASP A 325 2.05 -14.29 10.78
C ASP A 325 0.58 -14.22 11.16
N GLN A 326 0.30 -14.40 12.45
CA GLN A 326 -1.07 -14.42 12.95
C GLN A 326 -1.69 -13.00 12.92
N VAL A 327 -0.99 -12.02 13.49
CA VAL A 327 -1.49 -10.65 13.34
C VAL A 327 -1.57 -10.27 11.84
N ARG A 328 -0.58 -10.73 11.07
CA ARG A 328 -0.60 -10.39 9.64
C ARG A 328 -1.76 -11.04 8.89
N ALA A 329 -2.14 -12.25 9.30
CA ALA A 329 -3.26 -12.96 8.66
C ALA A 329 -4.54 -12.15 8.85
N THR A 330 -4.75 -11.63 10.06
CA THR A 330 -5.89 -10.73 10.30
C THR A 330 -5.83 -9.54 9.35
N GLY A 331 -4.65 -8.93 9.24
CA GLY A 331 -4.45 -7.79 8.34
C GLY A 331 -4.74 -8.13 6.89
N ARG A 332 -4.23 -9.29 6.42
CA ARG A 332 -4.47 -9.71 5.02
C ARG A 332 -5.98 -9.94 4.78
N ALA A 333 -6.63 -10.57 5.75
CA ALA A 333 -8.07 -10.85 5.64
C ALA A 333 -8.86 -9.55 5.52
N ILE A 334 -8.58 -8.58 6.38
CA ILE A 334 -9.30 -7.30 6.35
C ILE A 334 -8.99 -6.52 5.07
N SER A 335 -7.71 -6.45 4.68
CA SER A 335 -7.36 -5.78 3.42
C SER A 335 -8.10 -6.36 2.24
N SER A 336 -8.23 -7.69 2.23
CA SER A 336 -8.92 -8.40 1.15
C SER A 336 -10.41 -8.10 1.15
N ILE A 337 -11.03 -8.11 2.32
CA ILE A 337 -12.48 -7.77 2.40
C ILE A 337 -12.66 -6.32 1.93
N ASP A 338 -11.76 -5.45 2.37
CA ASP A 338 -11.83 -4.04 1.96
C ASP A 338 -11.80 -3.91 0.43
N LYS A 339 -10.89 -4.65 -0.22
CA LYS A 339 -10.79 -4.61 -1.67
C LYS A 339 -12.10 -5.03 -2.30
N LEU A 340 -12.71 -6.10 -1.77
CA LEU A 340 -13.93 -6.65 -2.37
C LEU A 340 -15.11 -5.69 -2.17
N PHE A 341 -15.22 -5.16 -0.96
CA PHE A 341 -16.33 -4.26 -0.63
C PHE A 341 -16.22 -3.00 -1.51
N GLU A 342 -15.01 -2.46 -1.63
CA GLU A 342 -14.77 -1.28 -2.48
C GLU A 342 -15.13 -1.60 -3.95
N SER A 343 -14.67 -2.73 -4.45
CA SER A 343 -14.97 -3.12 -5.85
C SER A 343 -16.48 -3.26 -6.11
N SER A 344 -17.19 -3.85 -5.15
CA SER A 344 -18.61 -4.08 -5.31
C SER A 344 -19.41 -2.79 -5.48
N GLY A 345 -18.98 -1.73 -4.79
CA GLY A 345 -19.58 -0.41 -4.97
C GLY A 345 -20.99 -0.27 -4.44
N ALA A 346 -21.84 0.46 -5.15
CA ALA A 346 -23.14 0.86 -4.63
C ALA A 346 -24.02 -0.30 -4.13
N THR A 347 -24.04 -1.40 -4.87
CA THR A 347 -24.86 -2.53 -4.51
C THR A 347 -24.54 -3.06 -3.10
N ALA A 348 -23.26 -2.97 -2.71
CA ALA A 348 -22.78 -3.50 -1.42
C ALA A 348 -23.23 -2.65 -0.23
N LEU A 349 -23.76 -1.45 -0.47
CA LEU A 349 -24.17 -0.62 0.67
C LEU A 349 -25.47 -1.05 1.34
N ALA A 350 -26.24 -1.89 0.65
CA ALA A 350 -27.58 -2.23 1.12
C ALA A 350 -27.56 -2.90 2.50
N ASN A 351 -28.33 -2.37 3.45
CA ASN A 351 -28.47 -3.03 4.75
C ASN A 351 -28.99 -4.46 4.55
N GLY A 352 -28.55 -5.35 5.43
CA GLY A 352 -29.01 -6.73 5.42
C GLY A 352 -28.31 -7.66 4.43
N THR A 353 -27.38 -7.14 3.65
CA THR A 353 -26.65 -7.93 2.65
C THR A 353 -25.29 -8.41 3.22
N PRO A 354 -24.81 -9.59 2.74
CA PRO A 354 -23.65 -10.18 3.40
C PRO A 354 -22.32 -9.41 3.37
N LEU A 355 -21.98 -8.79 2.24
CA LEU A 355 -20.60 -8.29 2.13
C LEU A 355 -20.32 -7.13 3.10
N GLN A 356 -21.25 -6.17 3.19
CA GLN A 356 -21.08 -5.05 4.13
C GLN A 356 -21.03 -5.57 5.58
N ARG A 357 -21.74 -6.66 5.85
CA ARG A 357 -21.69 -7.26 7.21
C ARG A 357 -20.33 -7.87 7.50
N PHE A 358 -19.78 -8.66 6.57
CA PHE A 358 -18.43 -9.22 6.78
C PHE A 358 -17.43 -8.10 6.97
N TRP A 359 -17.63 -7.00 6.22
CA TRP A 359 -16.74 -5.83 6.30
C TRP A 359 -16.77 -5.23 7.70
N ARG A 360 -17.95 -4.91 8.21
CA ARG A 360 -18.04 -4.35 9.56
C ARG A 360 -17.56 -5.32 10.61
N ASP A 361 -17.94 -6.59 10.42
CA ASP A 361 -17.55 -7.64 11.38
C ASP A 361 -16.03 -7.82 11.51
N ALA A 362 -15.34 -7.83 10.36
CA ALA A 362 -13.87 -8.01 10.34
C ALA A 362 -13.20 -6.81 10.99
N HIS A 363 -13.72 -5.61 10.70
CA HIS A 363 -13.12 -4.42 11.30
C HIS A 363 -13.36 -4.36 12.81
N ALA A 364 -14.44 -4.98 13.25
CA ALA A 364 -14.69 -5.04 14.69
C ALA A 364 -13.75 -6.04 15.33
N GLY A 365 -13.60 -7.21 14.70
CA GLY A 365 -12.71 -8.26 15.24
C GLY A 365 -11.27 -7.75 15.35
N ARG A 366 -10.91 -6.85 14.43
CA ARG A 366 -9.57 -6.28 14.34
C ARG A 366 -9.12 -5.63 15.65
N VAL A 367 -10.08 -5.15 16.47
CA VAL A 367 -9.72 -4.35 17.67
C VAL A 367 -9.17 -5.19 18.82
N HIS A 368 -9.37 -6.50 18.76
CA HIS A 368 -8.88 -7.39 19.83
C HIS A 368 -7.38 -7.18 20.09
N ALA A 369 -6.99 -7.19 21.37
CA ALA A 369 -5.58 -7.00 21.73
C ALA A 369 -4.67 -7.93 20.96
N ALA A 370 -5.14 -9.16 20.73
CA ALA A 370 -4.31 -10.18 20.08
C ALA A 370 -4.10 -9.93 18.57
N ASN A 371 -4.84 -8.96 18.02
CA ASN A 371 -4.65 -8.57 16.62
C ASN A 371 -3.74 -7.35 16.44
N ASP A 372 -3.35 -6.68 17.52
CA ASP A 372 -2.50 -5.51 17.37
C ASP A 372 -1.22 -5.93 16.65
N PRO A 373 -0.99 -5.40 15.43
CA PRO A 373 0.09 -6.02 14.65
C PRO A 373 1.47 -5.56 15.06
N GLU A 374 1.63 -4.27 15.39
CA GLU A 374 2.95 -3.79 15.80
C GLU A 374 3.47 -4.46 17.07
N ARG A 375 2.59 -4.84 17.97
CA ARG A 375 3.02 -5.52 19.17
C ARG A 375 3.78 -6.81 18.76
N ALA A 376 3.18 -7.61 17.88
CA ALA A 376 3.81 -8.86 17.45
C ALA A 376 5.04 -8.59 16.59
N TYR A 377 4.94 -7.59 15.70
CA TYR A 377 6.03 -7.31 14.76
C TYR A 377 7.28 -6.83 15.48
N VAL A 378 7.09 -5.92 16.43
CA VAL A 378 8.23 -5.41 17.21
C VAL A 378 8.88 -6.56 17.96
N TYR A 380 8.84 -9.79 17.26
CA TYR A 380 9.53 -10.65 16.29
C TYR A 380 10.88 -10.04 15.92
N GLY A 381 10.88 -8.75 15.57
CA GLY A 381 12.14 -8.05 15.24
C GLY A 381 13.16 -8.05 16.36
N THR A 382 12.67 -7.88 17.59
CA THR A 382 13.51 -7.95 18.78
C THR A 382 14.21 -9.31 18.83
N GLY A 383 13.44 -10.38 18.57
CA GLY A 383 13.98 -11.72 18.52
C GLY A 383 15.04 -11.89 17.45
N GLU A 384 14.80 -11.35 16.25
CA GLU A 384 15.78 -11.48 15.15
C GLU A 384 17.11 -10.81 15.46
N PHE A 385 17.04 -9.73 16.24
CA PHE A 385 18.24 -8.99 16.66
C PHE A 385 18.93 -9.59 17.89
N GLY A 386 18.33 -10.64 18.45
CA GLY A 386 18.89 -11.32 19.62
C GLY A 386 18.85 -10.45 20.87
N LEU A 387 17.79 -9.68 21.00
CA LEU A 387 17.59 -8.78 22.16
C LEU A 387 16.53 -9.38 23.10
N PRO A 388 16.54 -9.00 24.39
CA PRO A 388 15.60 -9.59 25.35
C PRO A 388 14.14 -9.28 25.04
N ILE A 389 13.27 -10.27 25.22
CA ILE A 389 11.83 -10.11 25.05
C ILE A 389 11.13 -10.35 26.38
N THR A 390 10.28 -9.41 26.80
CA THR A 390 9.51 -9.58 28.05
C THR A 390 8.01 -9.72 27.82
N ASP A 391 7.55 -9.41 26.61
CA ASP A 391 6.14 -9.55 26.28
C ASP A 391 5.78 -11.04 26.43
N THR A 392 4.67 -11.31 27.11
CA THR A 392 4.27 -12.70 27.37
C THR A 392 3.27 -13.24 26.32
N VAL A 394 3.07 -14.67 23.50
CA VAL A 394 3.92 -15.43 22.57
C VAL A 394 4.06 -16.86 23.07
N ASP B 6 -9.55 36.17 2.77
CA ASP B 6 -9.63 34.68 2.89
C ASP B 6 -11.08 34.18 2.92
N HIS B 7 -11.29 32.94 2.49
CA HIS B 7 -12.65 32.38 2.48
C HIS B 7 -13.26 32.24 3.88
N ASP B 8 -12.41 31.99 4.87
CA ASP B 8 -12.91 31.77 6.22
C ASP B 8 -13.63 32.99 6.81
N SER B 9 -13.34 34.18 6.29
CA SER B 9 -13.97 35.41 6.77
C SER B 9 -15.32 35.75 6.10
N HIS B 10 -15.70 35.01 5.07
CA HIS B 10 -16.96 35.28 4.38
C HIS B 10 -18.15 35.12 5.34
N GLU B 11 -19.17 35.96 5.19
CA GLU B 11 -20.32 35.93 6.08
C GLU B 11 -20.96 34.55 6.14
N VAL B 12 -21.01 33.84 5.01
CA VAL B 12 -21.65 32.53 5.00
C VAL B 12 -20.83 31.54 5.83
N GLN B 14 -18.72 32.26 8.35
CA GLN B 14 -18.89 32.61 9.77
C GLN B 14 -20.21 32.08 10.32
N ARG B 15 -21.28 32.21 9.54
CA ARG B 15 -22.58 31.71 9.98
C ARG B 15 -22.56 30.18 10.06
N LEU B 16 -21.89 29.52 9.12
CA LEU B 16 -21.79 28.04 9.17
C LEU B 16 -21.00 27.61 10.41
N ASP B 17 -19.97 28.38 10.75
CA ASP B 17 -19.18 28.04 11.93
C ASP B 17 -20.06 27.93 13.17
N ALA B 18 -21.04 28.81 13.28
CA ALA B 18 -21.90 28.85 14.48
C ALA B 18 -22.80 27.62 14.55
N LEU B 19 -23.02 26.99 13.41
CA LEU B 19 -23.95 25.90 13.31
C LEU B 19 -23.28 24.53 13.58
N LEU B 20 -21.94 24.47 13.45
CA LEU B 20 -21.26 23.16 13.51
C LEU B 20 -21.50 22.33 14.78
N PRO B 21 -21.41 22.96 15.98
CA PRO B 21 -21.67 22.14 17.18
C PRO B 21 -23.03 21.43 17.14
N THR B 22 -24.05 22.13 16.64
CA THR B 22 -25.40 21.55 16.57
C THR B 22 -25.40 20.38 15.58
N LEU B 23 -24.80 20.59 14.41
CA LEU B 23 -24.71 19.51 13.42
C LEU B 23 -24.00 18.28 13.99
N ARG B 24 -22.89 18.49 14.70
CA ARG B 24 -22.18 17.37 15.36
C ARG B 24 -23.09 16.68 16.35
N GLU B 25 -23.75 17.46 17.20
CA GLU B 25 -24.61 16.92 18.26
CA GLU B 25 -24.57 16.88 18.26
C GLU B 25 -25.69 16.02 17.65
N ARG B 26 -26.19 16.44 16.50
CA ARG B 26 -27.38 15.81 15.87
C ARG B 26 -27.03 14.78 14.79
N ALA B 27 -25.74 14.48 14.65
CA ALA B 27 -25.35 13.48 13.64
C ALA B 27 -26.07 12.12 13.80
N GLN B 28 -26.21 11.63 15.02
CA GLN B 28 -26.85 10.32 15.17
C GLN B 28 -28.34 10.38 14.81
N GLU B 29 -29.04 11.41 15.30
CA GLU B 29 -30.48 11.51 15.01
C GLU B 29 -30.74 11.71 13.53
N THR B 30 -29.80 12.38 12.85
CA THR B 30 -29.83 12.49 11.40
C THR B 30 -29.72 11.12 10.70
N GLU B 31 -28.76 10.28 11.13
CA GLU B 31 -28.68 8.93 10.56
C GLU B 31 -30.00 8.19 10.79
N ASP B 32 -30.51 8.29 12.02
CA ASP B 32 -31.68 7.52 12.44
C ASP B 32 -32.94 7.94 11.69
N LEU B 33 -32.99 9.22 11.32
CA LEU B 33 -34.14 9.75 10.59
C LEU B 33 -34.09 9.30 9.12
N ARG B 34 -32.88 8.94 8.66
CA ARG B 34 -32.64 8.55 7.25
C ARG B 34 -32.90 9.67 6.23
N ARG B 35 -32.90 10.90 6.72
CA ARG B 35 -32.97 12.10 5.89
C ARG B 35 -32.54 13.26 6.76
N ILE B 36 -32.17 14.37 6.14
CA ILE B 36 -31.72 15.52 6.95
C ILE B 36 -32.92 16.09 7.73
N PRO B 37 -32.74 16.34 9.03
CA PRO B 37 -33.81 17.02 9.76
C PRO B 37 -34.18 18.39 9.16
N ASP B 38 -35.46 18.73 9.25
CA ASP B 38 -35.95 20.03 8.78
CA ASP B 38 -35.90 20.00 8.73
C ASP B 38 -35.14 21.18 9.37
N ASP B 39 -34.88 21.11 10.67
CA ASP B 39 -34.15 22.19 11.35
C ASP B 39 -32.80 22.44 10.67
N SER B 40 -32.12 21.35 10.27
CA SER B 40 -30.79 21.49 9.71
C SER B 40 -30.87 22.19 8.36
N LYS B 42 -33.28 24.19 7.33
CA LYS B 42 -33.66 25.58 7.59
C LYS B 42 -32.46 26.40 8.07
N ALA B 43 -31.68 25.84 9.00
CA ALA B 43 -30.48 26.53 9.49
C ALA B 43 -29.48 26.79 8.36
N LEU B 44 -29.23 25.78 7.53
CA LEU B 44 -28.31 25.93 6.40
C LEU B 44 -28.82 27.03 5.46
N GLN B 45 -30.12 27.02 5.17
CA GLN B 45 -30.71 28.06 4.33
C GLN B 45 -30.44 29.46 4.91
N GLU B 46 -30.66 29.62 6.21
CA GLU B 46 -30.47 30.89 6.96
CA GLU B 46 -30.50 30.94 6.80
C GLU B 46 -29.06 31.45 6.83
N THR B 47 -28.08 30.54 6.75
CA THR B 47 -26.69 30.97 6.65
C THR B 47 -26.40 31.65 5.30
N GLY B 48 -27.24 31.38 4.29
CA GLY B 48 -27.00 31.81 2.91
C GLY B 48 -26.26 30.76 2.09
N PHE B 49 -26.01 29.61 2.69
CA PHE B 49 -25.21 28.59 2.02
C PHE B 49 -25.76 28.21 0.63
N PHE B 50 -27.07 27.96 0.52
CA PHE B 50 -27.60 27.50 -0.78
C PHE B 50 -27.52 28.59 -1.84
N ARG B 51 -27.43 29.84 -1.38
CA ARG B 51 -27.33 30.96 -2.29
C ARG B 51 -25.91 31.13 -2.88
N LEU B 52 -24.92 30.37 -2.39
CA LEU B 52 -23.54 30.62 -2.80
C LEU B 52 -23.32 30.58 -4.31
N LEU B 53 -23.83 29.54 -4.98
CA LEU B 53 -23.65 29.44 -6.45
C LEU B 53 -24.87 29.87 -7.24
N GLN B 54 -25.86 30.41 -6.54
CA GLN B 54 -27.07 30.91 -7.18
C GLN B 54 -26.77 32.25 -7.86
N PRO B 55 -27.37 32.52 -9.05
CA PRO B 55 -27.11 33.81 -9.71
C PRO B 55 -27.51 35.04 -8.91
N GLU B 56 -26.82 36.14 -9.13
CA GLU B 56 -27.18 37.39 -8.46
CA GLU B 56 -27.17 37.41 -8.48
C GLU B 56 -28.59 37.87 -8.80
N GLN B 57 -29.08 37.55 -10.00
CA GLN B 57 -30.44 37.99 -10.39
C GLN B 57 -31.54 37.39 -9.51
N TRP B 58 -31.18 36.30 -8.82
CA TRP B 58 -32.07 35.60 -7.88
C TRP B 58 -31.68 35.81 -6.42
N GLY B 59 -30.80 36.76 -6.15
CA GLY B 59 -30.39 37.06 -4.78
C GLY B 59 -29.19 36.24 -4.32
N GLY B 60 -28.57 35.54 -5.26
CA GLY B 60 -27.42 34.68 -4.94
C GLY B 60 -26.08 35.40 -4.96
N TYR B 61 -25.05 34.67 -4.54
CA TYR B 61 -23.67 35.20 -4.47
C TYR B 61 -22.86 34.94 -5.75
N GLN B 62 -23.35 34.05 -6.62
CA GLN B 62 -22.59 33.58 -7.80
C GLN B 62 -21.09 33.55 -7.48
N ALA B 63 -20.77 32.81 -6.43
CA ALA B 63 -19.49 32.91 -5.75
C ALA B 63 -18.34 32.19 -6.45
N ASP B 64 -17.12 32.62 -6.09
CA ASP B 64 -15.90 31.83 -6.32
C ASP B 64 -16.20 30.38 -5.90
N PRO B 65 -16.02 29.42 -6.83
CA PRO B 65 -16.40 28.03 -6.52
C PRO B 65 -15.56 27.45 -5.36
N VAL B 66 -14.35 27.97 -5.14
CA VAL B 66 -13.57 27.52 -3.98
C VAL B 66 -14.29 27.87 -2.66
N LEU B 67 -14.94 29.04 -2.62
CA LEU B 67 -15.75 29.38 -1.45
C LEU B 67 -16.85 28.34 -1.21
N PHE B 68 -17.55 27.96 -2.29
CA PHE B 68 -18.58 26.96 -2.17
C PHE B 68 -18.02 25.62 -1.66
N TYR B 69 -16.95 25.11 -2.27
CA TYR B 69 -16.41 23.83 -1.80
C TYR B 69 -15.81 23.90 -0.39
N SER B 70 -15.29 25.09 -0.02
CA SER B 70 -14.82 25.29 1.36
C SER B 70 -15.99 25.21 2.35
N ALA B 71 -17.14 25.77 1.97
CA ALA B 71 -18.34 25.66 2.83
C ALA B 71 -18.76 24.20 2.98
N VAL B 72 -18.75 23.49 1.87
CA VAL B 72 -19.08 22.06 1.90
C VAL B 72 -18.11 21.30 2.77
N ARG B 73 -16.81 21.57 2.63
CA ARG B 73 -15.81 20.90 3.47
C ARG B 73 -16.13 21.10 4.96
N LYS B 74 -16.49 22.34 5.31
CA LYS B 74 -16.80 22.70 6.69
C LYS B 74 -18.03 21.94 7.20
N ILE B 75 -19.12 21.97 6.45
CA ILE B 75 -20.34 21.28 6.87
C ILE B 75 -20.08 19.78 7.04
N ALA B 76 -19.43 19.19 6.05
CA ALA B 76 -19.17 17.72 6.03
C ALA B 76 -18.28 17.28 7.20
N SER B 77 -17.44 18.20 7.71
CA SER B 77 -16.56 17.91 8.84
C SER B 77 -17.32 17.76 10.16
N ALA B 78 -18.56 18.25 10.18
CA ALA B 78 -19.44 18.10 11.34
C ALA B 78 -20.41 16.94 11.19
N CYS B 79 -20.93 16.74 9.98
CA CYS B 79 -21.90 15.67 9.72
C CYS B 79 -21.77 15.26 8.27
N GLY B 80 -21.32 14.01 8.03
CA GLY B 80 -21.10 13.51 6.69
C GLY B 80 -22.35 13.60 5.81
N SER B 81 -23.50 13.16 6.34
CA SER B 81 -24.74 13.16 5.55
C SER B 81 -25.18 14.59 5.21
N THR B 82 -25.09 15.48 6.19
CA THR B 82 -25.54 16.86 5.97
C THR B 82 -24.57 17.52 4.97
N GLY B 83 -23.27 17.21 5.09
CA GLY B 83 -22.31 17.80 4.14
C GLY B 83 -22.52 17.30 2.71
N TRP B 84 -22.81 16.00 2.58
CA TRP B 84 -23.13 15.41 1.26
C TRP B 84 -24.37 16.03 0.63
N VAL B 85 -25.46 16.13 1.40
CA VAL B 85 -26.70 16.75 0.86
C VAL B 85 -26.45 18.23 0.51
N SER B 86 -25.74 18.95 1.38
CA SER B 86 -25.47 20.37 1.17
C SER B 86 -24.74 20.59 -0.14
N SER B 87 -23.70 19.79 -0.36
CA SER B 87 -22.90 19.93 -1.58
C SER B 87 -23.76 19.74 -2.83
N ILE B 88 -24.53 18.64 -2.83
CA ILE B 88 -25.33 18.25 -4.00
C ILE B 88 -26.46 19.26 -4.25
N ILE B 89 -27.28 19.49 -3.24
CA ILE B 89 -28.36 20.47 -3.37
C ILE B 89 -27.82 21.84 -3.77
N GLY B 90 -26.69 22.24 -3.17
CA GLY B 90 -26.13 23.56 -3.45
C GLY B 90 -25.68 23.68 -4.90
N VAL B 91 -25.08 22.62 -5.44
CA VAL B 91 -24.56 22.69 -6.81
C VAL B 91 -25.67 22.73 -7.86
N HIS B 92 -26.86 22.25 -7.51
CA HIS B 92 -27.98 22.36 -8.44
C HIS B 92 -28.35 23.80 -8.72
N ASN B 93 -28.03 24.71 -7.81
CA ASN B 93 -28.32 26.12 -8.05
C ASN B 93 -27.37 26.71 -9.07
N TRP B 94 -26.19 26.09 -9.19
CA TRP B 94 -25.26 26.40 -10.27
C TRP B 94 -25.83 25.83 -11.58
N HIS B 95 -26.28 24.57 -11.54
CA HIS B 95 -26.78 23.91 -12.75
C HIS B 95 -27.99 24.66 -13.30
N LEU B 96 -28.92 25.05 -12.43
CA LEU B 96 -30.13 25.75 -12.91
C LEU B 96 -29.81 27.09 -13.60
N ALA B 97 -28.72 27.74 -13.16
CA ALA B 97 -28.26 28.99 -13.79
C ALA B 97 -27.97 28.86 -15.30
N LEU B 98 -27.79 27.63 -15.77
CA LEU B 98 -27.45 27.36 -17.17
C LEU B 98 -28.70 27.08 -18.00
N PHE B 99 -29.79 26.74 -17.33
CA PHE B 99 -31.07 26.54 -18.01
C PHE B 99 -31.60 27.88 -18.53
N SER B 100 -32.60 27.81 -19.41
CA SER B 100 -33.23 29.03 -19.93
C SER B 100 -33.68 29.95 -18.81
N GLN B 101 -33.70 31.25 -19.10
CA GLN B 101 -34.29 32.23 -18.18
C GLN B 101 -35.69 31.82 -17.74
N GLN B 102 -36.54 31.40 -18.69
CA GLN B 102 -37.90 30.95 -18.35
C GLN B 102 -37.90 29.78 -17.34
N ALA B 103 -36.99 28.81 -17.51
CA ALA B 103 -36.87 27.72 -16.52
C ALA B 103 -36.47 28.21 -15.13
N GLN B 104 -35.48 29.11 -15.06
CA GLN B 104 -35.10 29.71 -13.76
C GLN B 104 -36.30 30.46 -13.12
N GLU B 105 -37.08 31.14 -13.97
CA GLU B 105 -38.28 31.86 -13.54
CA GLU B 105 -38.26 31.86 -13.51
C GLU B 105 -39.34 30.91 -13.01
N ASP B 106 -39.52 29.77 -13.69
CA ASP B 106 -40.44 28.75 -13.20
C ASP B 106 -40.09 28.31 -11.77
N VAL B 107 -38.80 28.18 -11.50
CA VAL B 107 -38.36 27.65 -10.22
C VAL B 107 -38.32 28.74 -9.12
N TRP B 108 -37.74 29.89 -9.46
CA TRP B 108 -37.40 30.91 -8.47
C TRP B 108 -38.20 32.23 -8.57
N GLY B 109 -39.13 32.30 -9.52
CA GLY B 109 -39.86 33.54 -9.80
C GLY B 109 -40.72 34.05 -8.65
N ASN B 110 -41.04 33.16 -7.70
CA ASN B 110 -41.83 33.57 -6.53
C ASN B 110 -41.14 33.31 -5.19
N ASP B 111 -40.11 32.46 -5.19
CA ASP B 111 -39.44 32.09 -3.97
C ASP B 111 -38.01 31.69 -4.35
N THR B 112 -37.06 32.58 -4.05
CA THR B 112 -35.67 32.32 -4.46
C THR B 112 -34.94 31.36 -3.51
N ASP B 113 -35.63 30.88 -2.48
CA ASP B 113 -35.07 29.83 -1.61
C ASP B 113 -35.45 28.40 -2.04
N VAL B 114 -36.21 28.28 -3.12
CA VAL B 114 -36.60 26.95 -3.62
C VAL B 114 -35.36 26.10 -3.92
N ARG B 115 -35.43 24.81 -3.55
CA ARG B 115 -34.33 23.86 -3.77
C ARG B 115 -34.70 22.81 -4.82
N ILE B 116 -33.66 22.25 -5.43
CA ILE B 116 -33.77 21.29 -6.53
C ILE B 116 -32.89 20.11 -6.15
N SER B 117 -33.39 18.88 -6.31
CA SER B 117 -32.55 17.69 -6.14
C SER B 117 -32.22 17.13 -7.54
N SER B 118 -31.43 16.06 -7.58
CA SER B 118 -31.06 15.50 -8.87
C SER B 118 -30.87 14.01 -8.83
N SER B 119 -30.77 13.45 -10.02
CA SER B 119 -30.24 12.11 -10.22
C SER B 119 -29.74 12.13 -11.65
N TYR B 120 -28.42 12.20 -11.81
CA TYR B 120 -27.84 12.39 -13.15
C TYR B 120 -27.57 11.12 -13.94
N ALA B 121 -27.49 9.98 -13.26
CA ALA B 121 -27.32 8.71 -13.98
C ALA B 121 -28.56 8.43 -14.82
N PRO B 122 -28.38 7.76 -15.99
CA PRO B 122 -29.55 7.57 -16.83
C PRO B 122 -30.42 6.47 -16.26
N GLY B 124 -33.90 6.91 -16.71
CA GLY B 124 -35.14 7.26 -17.39
C GLY B 124 -34.79 7.86 -18.72
N ALA B 125 -35.79 8.36 -19.43
CA ALA B 125 -35.59 8.89 -20.78
C ALA B 125 -36.73 9.81 -21.15
N GLY B 126 -36.51 10.65 -22.16
CA GLY B 126 -37.57 11.53 -22.65
C GLY B 126 -37.78 11.34 -24.14
N GLN B 127 -39.03 11.05 -24.53
CA GLN B 127 -39.38 10.87 -25.93
C GLN B 127 -39.72 12.23 -26.52
N VAL B 128 -39.17 12.55 -27.70
CA VAL B 128 -39.53 13.82 -28.34
C VAL B 128 -41.03 13.83 -28.66
N VAL B 129 -41.69 14.90 -28.26
CA VAL B 129 -43.08 15.19 -28.65
C VAL B 129 -43.19 16.68 -28.93
N ASP B 130 -44.32 17.11 -29.52
CA ASP B 130 -44.55 18.53 -29.79
C ASP B 130 -44.44 19.33 -28.51
N GLY B 131 -43.59 20.35 -28.52
CA GLY B 131 -43.43 21.25 -27.38
C GLY B 131 -42.48 20.78 -26.30
N GLY B 132 -41.92 19.59 -26.47
CA GLY B 132 -41.04 19.06 -25.43
C GLY B 132 -40.83 17.57 -25.50
N TYR B 133 -40.98 16.90 -24.35
CA TYR B 133 -40.65 15.49 -24.21
C TYR B 133 -41.63 14.80 -23.27
N THR B 134 -41.84 13.51 -23.51
CA THR B 134 -42.57 12.66 -22.58
C THR B 134 -41.53 11.86 -21.82
N VAL B 135 -41.56 11.99 -20.49
CA VAL B 135 -40.53 11.44 -19.63
C VAL B 135 -41.07 10.33 -18.72
N ASN B 136 -40.27 9.26 -18.63
CA ASN B 136 -40.55 8.12 -17.79
C ASN B 136 -39.23 7.69 -17.15
N GLY B 137 -39.26 7.43 -15.85
CA GLY B 137 -38.08 6.90 -15.21
C GLY B 137 -38.28 6.67 -13.73
N ALA B 138 -37.28 6.04 -13.13
CA ALA B 138 -37.26 5.83 -11.70
C ALA B 138 -35.82 6.09 -11.28
N TRP B 139 -35.57 7.33 -10.90
CA TRP B 139 -34.23 7.81 -10.65
C TRP B 139 -33.87 7.67 -9.18
N ALA B 140 -33.03 6.68 -8.88
CA ALA B 140 -32.56 6.41 -7.52
C ALA B 140 -31.47 7.40 -7.08
N TRP B 141 -31.17 7.34 -5.80
CA TRP B 141 -30.02 8.04 -5.19
C TRP B 141 -30.13 9.55 -5.27
N SER B 142 -31.35 10.08 -5.12
CA SER B 142 -31.53 11.54 -5.16
C SER B 142 -31.34 12.14 -3.75
N SER B 143 -30.07 12.37 -3.40
CA SER B 143 -29.76 12.85 -2.06
C SER B 143 -30.53 14.14 -1.76
N GLY B 144 -31.15 14.17 -0.57
CA GLY B 144 -31.91 15.35 -0.14
C GLY B 144 -33.18 15.65 -0.94
N CYS B 145 -33.69 14.65 -1.68
CA CYS B 145 -34.86 14.90 -2.52
C CYS B 145 -36.10 15.29 -1.70
N ASP B 146 -36.18 14.88 -0.44
CA ASP B 146 -37.30 15.26 0.43
C ASP B 146 -37.34 16.77 0.74
N HIS B 147 -36.22 17.44 0.48
CA HIS B 147 -36.05 18.87 0.78
C HIS B 147 -36.09 19.76 -0.44
N ALA B 148 -36.54 19.21 -1.56
CA ALA B 148 -36.59 19.99 -2.81
C ALA B 148 -37.98 19.97 -3.41
N SER B 149 -38.29 20.95 -4.24
CA SER B 149 -39.60 20.97 -4.89
C SER B 149 -39.50 20.83 -6.40
N TRP B 150 -38.27 20.59 -6.87
CA TRP B 150 -38.00 20.29 -8.28
C TRP B 150 -36.89 19.27 -8.34
N ALA B 151 -36.80 18.55 -9.45
CA ALA B 151 -35.65 17.66 -9.67
C ALA B 151 -35.08 17.90 -11.05
N VAL B 152 -33.76 17.77 -11.17
CA VAL B 152 -33.13 17.71 -12.48
C VAL B 152 -32.66 16.27 -12.69
N LEU B 153 -33.14 15.66 -13.77
CA LEU B 153 -33.01 14.21 -13.95
C LEU B 153 -32.28 13.91 -15.26
N GLY B 154 -31.17 13.18 -15.16
CA GLY B 154 -30.31 12.91 -16.32
C GLY B 154 -30.81 11.73 -17.16
N GLY B 155 -30.84 11.90 -18.48
CA GLY B 155 -31.21 10.78 -19.33
C GLY B 155 -31.08 11.13 -20.78
N PRO B 156 -31.18 10.11 -21.65
CA PRO B 156 -31.18 10.40 -23.08
C PRO B 156 -32.50 10.95 -23.60
N VAL B 157 -32.40 11.69 -24.71
CA VAL B 157 -33.55 12.06 -25.52
C VAL B 157 -33.73 10.99 -26.58
N ILE B 158 -34.98 10.51 -26.72
CA ILE B 158 -35.34 9.47 -27.70
C ILE B 158 -36.07 10.10 -28.87
N LYS B 159 -35.51 9.88 -30.06
CA LYS B 159 -36.03 10.43 -31.30
C LYS B 159 -35.92 9.33 -32.35
N ASP B 160 -37.04 9.03 -33.04
CA ASP B 160 -37.14 7.87 -33.94
C ASP B 160 -36.55 6.58 -33.33
N GLY B 161 -36.80 6.39 -32.03
CA GLY B 161 -36.44 5.16 -31.31
C GLY B 161 -34.97 5.00 -30.95
N ARG B 162 -34.23 6.11 -30.96
CA ARG B 162 -32.79 6.08 -30.69
C ARG B 162 -32.42 7.27 -29.80
N PRO B 163 -31.39 7.10 -28.94
CA PRO B 163 -30.88 8.15 -28.02
C PRO B 163 -29.96 9.14 -28.74
N VAL B 164 -30.42 10.37 -28.88
CA VAL B 164 -29.72 11.33 -29.71
C VAL B 164 -28.94 12.39 -28.95
N ASP B 165 -29.20 12.51 -27.65
CA ASP B 165 -28.58 13.55 -26.82
C ASP B 165 -28.72 13.12 -25.37
N PHE B 166 -27.82 13.58 -24.52
CA PHE B 166 -27.94 13.33 -23.08
C PHE B 166 -28.21 14.68 -22.41
N VAL B 167 -29.32 14.74 -21.69
CA VAL B 167 -29.82 16.01 -21.15
C VAL B 167 -30.20 15.86 -19.67
N SER B 168 -30.54 16.99 -19.04
CA SER B 168 -31.25 16.99 -17.76
C SER B 168 -32.64 17.52 -17.98
N PHE B 169 -33.61 16.78 -17.46
CA PHE B 169 -35.02 17.16 -17.43
C PHE B 169 -35.34 17.80 -16.10
N LEU B 170 -35.85 19.04 -16.15
CA LEU B 170 -36.26 19.77 -14.96
C LEU B 170 -37.74 19.56 -14.76
N ILE B 171 -38.08 18.92 -13.64
CA ILE B 171 -39.44 18.49 -13.35
C ILE B 171 -39.90 18.94 -11.97
N PRO B 172 -41.12 19.52 -11.88
CA PRO B 172 -41.57 19.97 -10.56
C PRO B 172 -42.14 18.81 -9.75
N ARG B 173 -42.10 18.95 -8.43
CA ARG B 173 -42.51 17.87 -7.53
C ARG B 173 -43.95 17.41 -7.71
N GLU B 174 -44.82 18.28 -8.17
CA GLU B 174 -46.21 17.88 -8.44
C GLU B 174 -46.28 16.76 -9.50
N ASP B 175 -45.22 16.63 -10.30
CA ASP B 175 -45.16 15.68 -11.39
C ASP B 175 -44.38 14.39 -11.08
N TYR B 176 -43.90 14.23 -9.86
CA TYR B 176 -43.23 12.98 -9.52
C TYR B 176 -43.54 12.48 -8.13
N ARG B 177 -43.20 11.21 -7.88
CA ARG B 177 -43.38 10.60 -6.57
C ARG B 177 -42.01 10.27 -5.99
N ILE B 178 -41.85 10.46 -4.69
CA ILE B 178 -40.61 10.05 -4.03
C ILE B 178 -40.89 8.75 -3.28
N ASP B 179 -40.17 7.69 -3.63
CA ASP B 179 -40.28 6.43 -2.91
C ASP B 179 -39.20 6.34 -1.84
N ASP B 180 -39.61 6.12 -0.59
CA ASP B 180 -38.69 6.03 0.52
C ASP B 180 -38.08 4.64 0.52
N VAL B 181 -36.86 4.53 0.02
CA VAL B 181 -36.16 3.25 -0.12
C VAL B 181 -34.77 3.23 0.56
N TRP B 182 -34.38 4.34 1.16
CA TRP B 182 -32.99 4.54 1.57
C TRP B 182 -32.66 3.73 2.82
N ASN B 183 -31.85 2.68 2.64
CA ASN B 183 -31.64 1.69 3.68
C ASN B 183 -30.23 1.11 3.52
N VAL B 184 -29.23 1.88 3.93
CA VAL B 184 -27.83 1.60 3.57
C VAL B 184 -26.90 1.71 4.78
N VAL B 185 -25.66 1.27 4.61
CA VAL B 185 -24.72 1.18 5.74
C VAL B 185 -24.04 2.50 6.12
N GLY B 186 -24.03 3.47 5.19
CA GLY B 186 -23.37 4.79 5.41
C GLY B 186 -24.11 5.84 4.64
N LEU B 187 -23.84 7.11 4.94
CA LEU B 187 -24.62 8.25 4.42
C LEU B 187 -26.13 8.03 4.67
N ARG B 188 -26.42 7.42 5.82
CA ARG B 188 -27.80 7.09 6.18
C ARG B 188 -28.71 8.31 6.23
N GLY B 189 -28.17 9.43 6.70
CA GLY B 189 -28.95 10.64 6.83
C GLY B 189 -29.25 11.39 5.54
N THR B 190 -28.71 10.93 4.40
CA THR B 190 -28.85 11.71 3.16
C THR B 190 -30.23 11.58 2.51
N GLY B 191 -30.99 10.56 2.90
CA GLY B 191 -32.35 10.39 2.32
C GLY B 191 -32.28 10.38 0.82
N SER B 192 -31.41 9.52 0.28
CA SER B 192 -31.17 9.48 -1.15
C SER B 192 -32.20 8.58 -1.81
N ASN B 193 -33.44 9.04 -1.77
CA ASN B 193 -34.59 8.28 -2.25
C ASN B 193 -34.79 8.33 -3.76
N THR B 194 -35.87 7.73 -4.23
CA THR B 194 -36.05 7.49 -5.66
C THR B 194 -37.17 8.36 -6.19
N VAL B 195 -36.87 9.07 -7.28
CA VAL B 195 -37.80 9.99 -7.90
C VAL B 195 -38.44 9.27 -9.08
N VAL B 196 -39.74 9.03 -8.98
CA VAL B 196 -40.42 8.21 -9.97
C VAL B 196 -41.28 9.10 -10.85
N VAL B 197 -41.09 8.98 -12.17
CA VAL B 197 -41.71 9.87 -13.18
C VAL B 197 -42.45 8.98 -14.18
N GLU B 198 -43.75 9.22 -14.34
CA GLU B 198 -44.58 8.39 -15.21
C GLU B 198 -45.37 9.22 -16.20
N ASP B 199 -45.01 9.09 -17.47
CA ASP B 199 -45.76 9.71 -18.58
C ASP B 199 -45.92 11.21 -18.35
N VAL B 200 -44.81 11.88 -18.07
CA VAL B 200 -44.83 13.29 -17.70
C VAL B 200 -44.37 14.15 -18.86
N PHE B 201 -45.16 15.18 -19.17
CA PHE B 201 -44.73 16.16 -20.17
C PHE B 201 -43.75 17.17 -19.57
N VAL B 202 -42.58 17.30 -20.21
CA VAL B 202 -41.59 18.30 -19.86
C VAL B 202 -41.35 19.21 -21.05
N PRO B 203 -41.65 20.51 -20.89
CA PRO B 203 -41.51 21.44 -22.00
C PRO B 203 -40.05 21.69 -22.39
N THR B 204 -39.84 22.03 -23.65
CA THR B 204 -38.50 22.26 -24.19
C THR B 204 -37.66 23.18 -23.31
N HIS B 205 -38.23 24.29 -22.83
CA HIS B 205 -37.41 25.26 -22.08
C HIS B 205 -36.89 24.72 -20.75
N ARG B 206 -37.42 23.57 -20.33
CA ARG B 206 -36.96 22.95 -19.07
C ARG B 206 -36.02 21.77 -19.26
N VAL B 207 -35.37 21.71 -20.43
CA VAL B 207 -34.46 20.63 -20.74
C VAL B 207 -33.15 21.23 -21.22
N LEU B 208 -32.04 20.74 -20.67
CA LEU B 208 -30.73 21.29 -20.97
C LEU B 208 -29.74 20.17 -21.33
N SER B 209 -29.16 20.30 -22.52
CA SER B 209 -28.20 19.34 -23.02
C SER B 209 -26.83 19.58 -22.39
N PHE B 210 -26.20 18.50 -21.93
CA PHE B 210 -24.85 18.61 -21.40
C PHE B 210 -23.85 19.07 -22.48
N LYS B 211 -24.13 18.71 -23.74
CA LYS B 211 -23.33 19.20 -24.86
C LYS B 211 -23.41 20.70 -25.04
N ALA B 212 -24.60 21.27 -24.91
CA ALA B 212 -24.78 22.74 -24.94
C ALA B 212 -23.96 23.39 -23.84
N SER B 214 -21.20 22.19 -22.39
CA SER B 214 -19.78 22.05 -22.65
C SER B 214 -19.31 22.81 -23.88
N ASN B 215 -20.27 23.21 -24.73
CA ASN B 215 -20.01 24.09 -25.88
C ASN B 215 -20.08 25.57 -25.52
N LEU B 216 -20.38 25.87 -24.25
CA LEU B 216 -20.59 27.23 -23.75
C LEU B 216 -21.75 27.96 -24.44
N THR B 217 -22.79 27.20 -24.78
CA THR B 217 -23.98 27.75 -25.40
C THR B 217 -25.25 27.57 -24.58
N ALA B 218 -25.13 27.13 -23.32
CA ALA B 218 -26.31 26.99 -22.45
C ALA B 218 -27.01 28.34 -22.40
N PRO B 219 -28.36 28.36 -22.53
CA PRO B 219 -29.12 29.63 -22.65
C PRO B 219 -29.03 30.53 -21.43
N GLY B 220 -28.84 29.93 -20.25
CA GLY B 220 -28.71 30.69 -18.99
C GLY B 220 -27.53 31.65 -18.97
N LEU B 221 -26.50 31.38 -19.77
CA LEU B 221 -25.29 32.21 -19.84
C LEU B 221 -25.52 33.65 -20.37
N GLU B 222 -26.59 33.84 -21.13
CA GLU B 222 -26.88 35.17 -21.69
C GLU B 222 -27.05 36.20 -20.55
N ARG B 223 -27.86 35.86 -19.55
CA ARG B 223 -28.12 36.76 -18.40
CA ARG B 223 -28.10 36.77 -18.41
C ARG B 223 -27.18 36.46 -17.22
N ASN B 224 -26.86 35.18 -17.01
CA ASN B 224 -25.95 34.82 -15.93
C ASN B 224 -24.51 34.76 -16.43
N THR B 225 -23.88 35.94 -16.48
CA THR B 225 -22.58 36.13 -17.09
C THR B 225 -21.38 35.92 -16.14
N ALA B 226 -21.65 35.66 -14.87
CA ALA B 226 -20.56 35.48 -13.89
C ALA B 226 -19.63 34.35 -14.33
N PRO B 227 -18.31 34.51 -14.12
CA PRO B 227 -17.37 33.50 -14.60
C PRO B 227 -17.58 32.11 -14.00
N VAL B 228 -18.14 31.99 -12.80
CA VAL B 228 -18.36 30.65 -12.19
C VAL B 228 -19.22 29.77 -13.10
N TYR B 229 -20.13 30.38 -13.88
CA TYR B 229 -21.04 29.57 -14.70
C TYR B 229 -20.41 29.01 -15.99
N LYS B 230 -19.16 29.41 -16.25
CA LYS B 230 -18.42 28.90 -17.39
C LYS B 230 -17.46 27.74 -17.00
N PRO B 232 -16.25 24.00 -16.15
CA PRO B 232 -16.67 22.73 -16.75
C PRO B 232 -17.38 21.81 -15.78
N TRP B 233 -18.47 21.20 -16.27
CA TRP B 233 -19.23 20.22 -15.47
C TRP B 233 -18.35 19.09 -14.97
N GLY B 234 -17.38 18.67 -15.79
CA GLY B 234 -16.49 17.56 -15.42
C GLY B 234 -15.63 17.79 -14.19
N THR B 235 -15.40 19.06 -13.85
CA THR B 235 -14.77 19.46 -12.59
C THR B 235 -15.86 19.77 -11.54
N ILE B 236 -16.87 20.56 -11.93
CA ILE B 236 -17.86 21.03 -10.96
C ILE B 236 -18.60 19.90 -10.25
N HIS B 237 -19.16 18.96 -11.01
CA HIS B 237 -19.99 17.93 -10.39
C HIS B 237 -19.14 16.94 -9.60
N PRO B 238 -18.08 16.38 -10.22
CA PRO B 238 -17.30 15.45 -9.40
C PRO B 238 -16.62 16.07 -8.18
N THR B 239 -16.23 17.34 -8.27
CA THR B 239 -15.69 18.00 -7.05
C THR B 239 -16.77 18.09 -5.95
N THR B 240 -18.05 18.22 -6.35
CA THR B 240 -19.13 18.31 -5.35
CA THR B 240 -19.13 18.31 -5.36
C THR B 240 -19.29 16.99 -4.63
N ILE B 241 -18.84 15.91 -5.28
CA ILE B 241 -18.90 14.57 -4.71
C ILE B 241 -17.66 14.27 -3.86
N SER B 242 -16.51 14.81 -4.21
CA SER B 242 -15.27 14.60 -3.43
CA SER B 242 -15.29 14.59 -3.44
C SER B 242 -15.16 15.55 -2.25
N ALA B 243 -15.54 16.82 -2.44
CA ALA B 243 -15.38 17.80 -1.35
C ALA B 243 -15.99 17.35 0.00
N PRO B 244 -17.24 16.81 0.02
CA PRO B 244 -17.76 16.38 1.32
C PRO B 244 -16.97 15.21 1.90
N ILE B 245 -16.43 14.32 1.07
CA ILE B 245 -15.66 13.21 1.60
C ILE B 245 -14.36 13.73 2.20
N VAL B 246 -13.73 14.71 1.55
CA VAL B 246 -12.55 15.35 2.15
C VAL B 246 -12.91 16.01 3.50
N GLY B 247 -14.06 16.68 3.56
CA GLY B 247 -14.54 17.29 4.80
C GLY B 247 -14.73 16.24 5.89
N ALA B 249 -13.13 13.57 6.23
CA ALA B 249 -11.81 13.19 6.73
C ALA B 249 -11.27 14.24 7.72
N TYR B 250 -11.45 15.53 7.43
CA TYR B 250 -11.03 16.56 8.38
C TYR B 250 -11.75 16.37 9.70
N GLY B 251 -13.06 16.08 9.62
CA GLY B 251 -13.86 15.88 10.85
C GLY B 251 -13.37 14.67 11.63
N ALA B 252 -13.11 13.58 10.90
CA ALA B 252 -12.63 12.33 11.51
C ALA B 252 -11.30 12.59 12.20
N TYR B 253 -10.42 13.32 11.51
CA TYR B 253 -9.11 13.65 12.06
C TYR B 253 -9.24 14.44 13.38
N ASP B 254 -10.05 15.49 13.37
CA ASP B 254 -10.21 16.33 14.54
C ASP B 254 -10.82 15.57 15.70
N ALA B 255 -11.81 14.73 15.39
CA ALA B 255 -12.46 13.93 16.44
C ALA B 255 -11.43 12.97 17.06
N HIS B 256 -10.65 12.33 16.21
CA HIS B 256 -9.69 11.35 16.68
C HIS B 256 -8.60 12.01 17.51
N VAL B 257 -8.03 13.10 17.00
CA VAL B 257 -6.94 13.75 17.74
C VAL B 257 -7.44 14.32 19.05
N GLU B 258 -8.66 14.85 19.06
CA GLU B 258 -9.24 15.35 20.33
C GLU B 258 -9.32 14.23 21.37
N HIS B 259 -9.93 13.12 20.97
CA HIS B 259 -10.14 12.00 21.87
C HIS B 259 -8.80 11.42 22.34
N GLN B 260 -7.92 11.14 21.38
CA GLN B 260 -6.62 10.55 21.71
C GLN B 260 -5.72 11.48 22.53
N GLY B 261 -5.69 12.77 22.18
CA GLY B 261 -4.84 13.73 22.88
C GLY B 261 -5.13 13.73 24.37
N LYS B 262 -6.41 13.71 24.72
CA LYS B 262 -6.82 13.63 26.11
C LYS B 262 -6.29 12.37 26.78
N ARG B 263 -6.42 11.24 26.08
CA ARG B 263 -5.95 9.95 26.58
C ARG B 263 -4.47 9.97 26.88
N VAL B 264 -3.70 10.49 25.93
CA VAL B 264 -2.23 10.45 25.97
C VAL B 264 -1.69 11.36 27.06
N ARG B 265 -2.29 12.54 27.19
CA ARG B 265 -1.87 13.50 28.21
C ARG B 265 -2.24 13.03 29.62
N ALA B 266 -3.27 12.19 29.71
CA ALA B 266 -3.71 11.62 31.00
C ALA B 266 -2.98 10.32 31.32
N ALA B 267 -2.21 9.81 30.38
CA ALA B 267 -1.53 8.52 30.54
C ALA B 267 -0.34 8.57 31.50
N PHE B 268 -0.02 7.42 32.09
CA PHE B 268 1.11 7.27 32.98
C PHE B 268 2.16 6.40 32.32
N ALA B 269 3.38 6.47 32.85
CA ALA B 269 4.48 5.58 32.47
C ALA B 269 4.06 4.12 32.43
N LYS B 272 0.18 2.08 27.42
CA LYS B 272 0.41 2.09 25.97
C LYS B 272 0.29 3.50 25.39
N ALA B 273 -0.74 4.24 25.81
CA ALA B 273 -1.00 5.59 25.29
C ALA B 273 0.09 6.60 25.61
N LYS B 274 0.94 6.27 26.60
CA LYS B 274 1.99 7.19 27.04
C LYS B 274 3.00 7.45 25.93
N ASP B 275 3.47 6.35 25.32
CA ASP B 275 4.44 6.41 24.25
C ASP B 275 4.07 5.38 23.18
N ASP B 276 3.17 5.78 22.28
CA ASP B 276 2.79 4.91 21.18
C ASP B 276 3.21 5.58 19.87
N PRO B 277 4.41 5.22 19.35
CA PRO B 277 4.84 5.97 18.17
C PRO B 277 4.05 5.60 16.93
N PHE B 278 3.49 4.39 16.88
CA PHE B 278 2.65 4.00 15.75
C PHE B 278 1.38 4.85 15.60
N ALA B 279 0.71 5.16 16.70
CA ALA B 279 -0.47 6.05 16.69
C ALA B 279 -0.07 7.43 16.17
N LYS B 280 1.12 7.87 16.57
CA LYS B 280 1.60 9.17 16.10
C LYS B 280 1.85 9.14 14.59
N VAL B 281 2.46 8.07 14.09
CA VAL B 281 2.68 7.95 12.64
C VAL B 281 1.35 7.96 11.86
N ARG B 282 0.32 7.24 12.35
CA ARG B 282 -0.93 7.21 11.61
C ARG B 282 -1.52 8.60 11.51
N ILE B 283 -1.42 9.39 12.59
CA ILE B 283 -1.86 10.78 12.64
CA ILE B 283 -1.94 10.74 12.51
C ILE B 283 -1.12 11.65 11.60
N ALA B 284 0.20 11.44 11.52
CA ALA B 284 1.03 12.15 10.54
C ALA B 284 0.62 11.80 9.14
N GLU B 285 0.49 10.51 8.87
CA GLU B 285 0.10 10.06 7.53
C GLU B 285 -1.27 10.60 7.12
N ALA B 286 -2.26 10.43 8.01
CA ALA B 286 -3.63 10.84 7.70
C ALA B 286 -3.70 12.36 7.47
N SER B 287 -3.12 13.15 8.39
CA SER B 287 -3.17 14.61 8.24
C SER B 287 -2.51 15.08 6.93
N SER B 288 -1.35 14.51 6.61
CA SER B 288 -0.66 14.91 5.38
C SER B 288 -1.49 14.57 4.14
N ASP B 289 -2.06 13.37 4.11
CA ASP B 289 -2.79 12.96 2.91
C ASP B 289 -4.12 13.69 2.73
N ILE B 290 -4.77 14.00 3.85
CA ILE B 290 -6.00 14.80 3.79
C ILE B 290 -5.63 16.19 3.27
N ASP B 291 -4.54 16.75 3.79
CA ASP B 291 -4.13 18.06 3.29
C ASP B 291 -3.79 18.04 1.78
N ALA B 292 -3.09 16.99 1.34
CA ALA B 292 -2.77 16.84 -0.08
C ALA B 292 -4.03 16.77 -0.95
N ALA B 293 -5.02 16.00 -0.47
CA ALA B 293 -6.31 15.89 -1.14
C ALA B 293 -6.93 17.27 -1.34
N TRP B 294 -6.98 18.06 -0.27
CA TRP B 294 -7.61 19.36 -0.33
C TRP B 294 -6.81 20.32 -1.21
N ARG B 295 -5.49 20.30 -1.09
CA ARG B 295 -4.67 21.20 -1.92
C ARG B 295 -4.92 20.96 -3.38
N GLN B 296 -5.01 19.70 -3.79
CA GLN B 296 -5.20 19.42 -5.22
C GLN B 296 -6.63 19.71 -5.63
N LEU B 297 -7.59 19.21 -4.84
CA LEU B 297 -9.00 19.41 -5.18
C LEU B 297 -9.35 20.90 -5.31
N SER B 298 -9.03 21.68 -4.29
CA SER B 298 -9.28 23.13 -4.33
C SER B 298 -8.36 23.88 -5.34
N GLY B 299 -7.12 23.40 -5.50
CA GLY B 299 -6.13 24.03 -6.39
C GLY B 299 -6.53 23.97 -7.84
N ASN B 300 -6.96 22.78 -8.28
CA ASN B 300 -7.46 22.67 -9.65
C ASN B 300 -8.69 23.54 -9.92
N VAL B 301 -9.63 23.60 -8.97
CA VAL B 301 -10.80 24.49 -9.16
C VAL B 301 -10.32 25.95 -9.21
N ALA B 302 -9.40 26.30 -8.29
CA ALA B 302 -8.91 27.70 -8.25
C ALA B 302 -8.27 28.09 -9.57
N ASP B 303 -7.46 27.19 -10.14
CA ASP B 303 -6.76 27.49 -11.38
C ASP B 303 -7.74 27.63 -12.55
N GLU B 304 -8.75 26.75 -12.61
CA GLU B 304 -9.76 26.88 -13.65
C GLU B 304 -10.48 28.21 -13.54
N TYR B 305 -10.91 28.52 -12.32
CA TYR B 305 -11.67 29.76 -12.10
C TYR B 305 -10.84 31.02 -12.41
N ALA B 306 -9.56 31.01 -12.01
CA ALA B 306 -8.67 32.17 -12.30
C ALA B 306 -8.60 32.44 -13.80
N LEU B 307 -8.55 31.38 -14.60
CA LEU B 307 -8.55 31.56 -16.06
C LEU B 307 -9.83 32.24 -16.53
N LEU B 308 -10.96 31.79 -16.00
CA LEU B 308 -12.24 32.33 -16.43
C LEU B 308 -12.41 33.79 -16.00
N VAL B 309 -11.95 34.08 -14.78
CA VAL B 309 -11.99 35.47 -14.27
C VAL B 309 -11.15 36.38 -15.19
N ALA B 310 -10.05 35.84 -15.70
CA ALA B 310 -9.16 36.57 -16.62
C ALA B 310 -9.69 36.63 -18.08
N GLY B 311 -10.82 35.96 -18.34
CA GLY B 311 -11.42 35.91 -19.68
C GLY B 311 -10.73 34.93 -20.63
N GLU B 312 -10.02 33.96 -20.06
CA GLU B 312 -9.29 32.95 -20.81
C GLU B 312 -10.04 31.62 -20.77
N GLU B 313 -9.67 30.73 -21.68
CA GLU B 313 -10.26 29.40 -21.76
C GLU B 313 -9.59 28.48 -20.74
N VAL B 314 -10.35 27.48 -20.27
CA VAL B 314 -9.80 26.42 -19.43
C VAL B 314 -9.25 25.33 -20.37
N PRO B 315 -7.93 25.09 -20.33
CA PRO B 315 -7.36 24.07 -21.22
C PRO B 315 -7.79 22.66 -20.83
N PHE B 316 -7.94 21.80 -21.84
CA PHE B 316 -8.34 20.42 -21.60
C PHE B 316 -7.36 19.70 -20.66
N GLU B 317 -6.06 20.00 -20.79
CA GLU B 317 -5.07 19.37 -19.92
C GLU B 317 -5.37 19.59 -18.43
N LEU B 318 -5.86 20.79 -18.09
CA LEU B 318 -6.22 21.11 -16.73
C LEU B 318 -7.49 20.36 -16.29
N ARG B 319 -8.46 20.26 -17.20
CA ARG B 319 -9.66 19.46 -16.90
C ARG B 319 -9.28 17.99 -16.60
N LEU B 320 -8.32 17.48 -17.38
CA LEU B 320 -7.85 16.09 -17.13
C LEU B 320 -7.16 15.97 -15.78
N ARG B 321 -6.28 16.92 -15.46
CA ARG B 321 -5.62 16.89 -14.13
C ARG B 321 -6.64 17.01 -13.01
N ALA B 322 -7.67 17.82 -13.19
CA ALA B 322 -8.74 17.98 -12.19
C ALA B 322 -9.38 16.63 -11.90
N ARG B 323 -9.78 15.91 -12.95
CA ARG B 323 -10.42 14.62 -12.71
C ARG B 323 -9.44 13.62 -12.06
N ARG B 324 -8.20 13.57 -12.54
CA ARG B 324 -7.15 12.74 -11.92
C ARG B 324 -7.07 12.96 -10.40
N ASP B 325 -6.92 14.22 -10.00
CA ASP B 325 -6.70 14.54 -8.59
C ASP B 325 -7.96 14.44 -7.75
N GLN B 326 -9.12 14.61 -8.40
CA GLN B 326 -10.40 14.64 -7.70
C GLN B 326 -10.76 13.22 -7.25
N VAL B 327 -10.70 12.26 -8.17
CA VAL B 327 -10.90 10.86 -7.72
C VAL B 327 -9.85 10.49 -6.67
N ARG B 328 -8.62 10.97 -6.86
CA ARG B 328 -7.56 10.64 -5.92
C ARG B 328 -7.78 11.26 -4.55
N ALA B 329 -8.35 12.47 -4.51
CA ALA B 329 -8.65 13.15 -3.27
C ALA B 329 -9.63 12.34 -2.42
N THR B 330 -10.67 11.82 -3.09
CA THR B 330 -11.61 10.90 -2.43
C THR B 330 -10.85 9.70 -1.85
N GLY B 331 -9.96 9.11 -2.65
CA GLY B 331 -9.17 7.95 -2.18
C GLY B 331 -8.28 8.28 -0.98
N ARG B 332 -7.60 9.44 -1.04
CA ARG B 332 -6.73 9.87 0.07
C ARG B 332 -7.56 10.09 1.35
N ALA B 333 -8.71 10.74 1.20
CA ALA B 333 -9.60 10.99 2.34
C ALA B 333 -10.02 9.66 2.98
N ILE B 334 -10.44 8.69 2.17
CA ILE B 334 -10.92 7.41 2.70
C ILE B 334 -9.76 6.65 3.34
N SER B 335 -8.60 6.63 2.66
CA SER B 335 -7.46 5.93 3.22
C SER B 335 -7.09 6.49 4.59
N SER B 336 -7.16 7.82 4.69
CA SER B 336 -6.79 8.49 5.94
C SER B 336 -7.79 8.19 7.05
N ILE B 337 -9.09 8.21 6.71
CA ILE B 337 -10.09 7.84 7.70
C ILE B 337 -9.89 6.40 8.16
N ASP B 338 -9.62 5.52 7.20
CA ASP B 338 -9.34 4.10 7.55
C ASP B 338 -8.20 4.01 8.53
N LYS B 339 -7.14 4.77 8.29
CA LYS B 339 -5.97 4.74 9.20
C LYS B 339 -6.36 5.14 10.62
N LEU B 340 -7.15 6.20 10.73
CA LEU B 340 -7.52 6.73 12.05
C LEU B 340 -8.46 5.77 12.76
N PHE B 341 -9.44 5.23 12.03
CA PHE B 341 -10.40 4.29 12.61
C PHE B 341 -9.68 3.05 13.10
N GLU B 342 -8.79 2.50 12.28
CA GLU B 342 -8.01 1.34 12.68
C GLU B 342 -7.15 1.64 13.92
N SER B 343 -6.47 2.79 13.90
CA SER B 343 -5.61 3.15 15.04
C SER B 343 -6.42 3.28 16.35
N SER B 344 -7.60 3.89 16.27
CA SER B 344 -8.43 4.12 17.45
C SER B 344 -8.83 2.81 18.16
N GLY B 345 -9.07 1.77 17.37
CA GLY B 345 -9.34 0.46 17.90
C GLY B 345 -10.67 0.33 18.60
N ALA B 346 -10.67 -0.36 19.74
CA ALA B 346 -11.93 -0.79 20.36
C ALA B 346 -12.90 0.34 20.67
N THR B 347 -12.39 1.46 21.19
CA THR B 347 -13.20 2.60 21.57
C THR B 347 -14.06 3.12 20.39
N ALA B 348 -13.50 3.01 19.18
CA ALA B 348 -14.13 3.54 17.98
C ALA B 348 -15.27 2.69 17.47
N LEU B 349 -15.45 1.49 18.01
CA LEU B 349 -16.57 0.63 17.58
C LEU B 349 -17.94 1.07 18.11
N ALA B 350 -17.94 1.93 19.14
CA ALA B 350 -19.18 2.25 19.84
C ALA B 350 -20.17 2.93 18.90
N ASN B 351 -21.41 2.41 18.82
CA ASN B 351 -22.44 3.10 18.05
C ASN B 351 -22.64 4.50 18.60
N GLY B 352 -22.98 5.42 17.69
CA GLY B 352 -23.31 6.78 18.05
C GLY B 352 -22.11 7.71 18.18
N THR B 353 -20.90 7.18 18.06
CA THR B 353 -19.69 7.99 18.15
C THR B 353 -19.19 8.42 16.75
N PRO B 354 -18.50 9.55 16.68
CA PRO B 354 -18.23 10.16 15.35
C PRO B 354 -17.32 9.40 14.39
N LEU B 355 -16.24 8.78 14.90
CA LEU B 355 -15.23 8.26 13.96
C LEU B 355 -15.79 7.12 13.08
N GLN B 356 -16.48 6.16 13.69
CA GLN B 356 -17.08 5.03 12.92
C GLN B 356 -18.15 5.53 11.96
N ARG B 357 -18.80 6.65 12.30
CA ARG B 357 -19.79 7.27 11.38
C ARG B 357 -19.10 7.87 10.16
N PHE B 358 -18.04 8.65 10.38
CA PHE B 358 -17.30 9.20 9.24
C PHE B 358 -16.76 8.10 8.33
N TRP B 359 -16.34 7.00 8.96
CA TRP B 359 -15.82 5.84 8.23
C TRP B 359 -16.88 5.23 7.33
N ARG B 360 -18.06 4.92 7.89
CA ARG B 360 -19.14 4.40 7.06
C ARG B 360 -19.57 5.40 6.00
N ASP B 361 -19.67 6.67 6.39
CA ASP B 361 -20.17 7.70 5.45
C ASP B 361 -19.22 7.86 4.26
N ALA B 362 -17.93 7.89 4.54
CA ALA B 362 -16.93 8.06 3.46
C ALA B 362 -16.94 6.86 2.53
N HIS B 363 -17.04 5.65 3.10
CA HIS B 363 -17.12 4.45 2.25
C HIS B 363 -18.42 4.39 1.43
N ALA B 364 -19.51 4.97 1.97
CA ALA B 364 -20.74 5.04 1.19
C ALA B 364 -20.57 6.07 0.06
N GLY B 365 -19.97 7.24 0.36
CA GLY B 365 -19.82 8.27 -0.69
C GLY B 365 -18.92 7.80 -1.86
N ARG B 366 -17.99 6.91 -1.49
CA ARG B 366 -17.02 6.33 -2.44
C ARG B 366 -17.72 5.65 -3.65
N VAL B 367 -18.96 5.16 -3.48
CA VAL B 367 -19.65 4.40 -4.55
C VAL B 367 -20.15 5.27 -5.72
N HIS B 368 -20.19 6.57 -5.53
CA HIS B 368 -20.69 7.47 -6.57
C HIS B 368 -19.88 7.29 -7.87
N ALA B 369 -20.58 7.28 -9.02
CA ALA B 369 -19.91 7.16 -10.33
C ALA B 369 -18.72 8.09 -10.49
N ALA B 370 -18.86 9.32 -9.96
CA ALA B 370 -17.81 10.33 -10.14
C ALA B 370 -16.58 10.08 -9.28
N ASN B 371 -16.67 9.11 -8.38
CA ASN B 371 -15.52 8.74 -7.56
C ASN B 371 -14.78 7.54 -8.12
N ASP B 372 -15.32 6.89 -9.15
CA ASP B 372 -14.61 5.71 -9.66
C ASP B 372 -13.21 6.14 -10.12
N PRO B 373 -12.16 5.60 -9.49
CA PRO B 373 -10.86 6.23 -9.79
C PRO B 373 -10.24 5.77 -11.11
N GLU B 374 -10.34 4.48 -11.44
CA GLU B 374 -9.77 4.00 -12.71
C GLU B 374 -10.39 4.73 -13.89
N ARG B 375 -11.66 5.09 -13.79
CA ARG B 375 -12.26 5.81 -14.89
C ARG B 375 -11.46 7.07 -15.22
N ALA B 376 -11.17 7.87 -14.18
CA ALA B 376 -10.44 9.13 -14.38
C ALA B 376 -8.98 8.88 -14.73
N TYR B 377 -8.38 7.88 -14.08
CA TYR B 377 -6.95 7.59 -14.27
C TYR B 377 -6.66 7.10 -15.67
N VAL B 378 -7.49 6.18 -16.18
CA VAL B 378 -7.31 5.70 -17.54
C VAL B 378 -7.45 6.85 -18.54
N TYR B 380 -6.97 10.10 -17.96
CA TYR B 380 -5.78 10.95 -17.84
C TYR B 380 -4.60 10.36 -18.63
N GLY B 381 -4.34 9.06 -18.43
CA GLY B 381 -3.24 8.37 -19.12
C GLY B 381 -3.39 8.43 -20.64
N THR B 382 -4.61 8.19 -21.13
CA THR B 382 -4.93 8.29 -22.56
C THR B 382 -4.53 9.68 -23.08
N GLY B 383 -4.90 10.73 -22.35
CA GLY B 383 -4.51 12.11 -22.71
C GLY B 383 -2.99 12.29 -22.75
N GLU B 384 -2.28 11.74 -21.77
CA GLU B 384 -0.80 11.86 -21.73
C GLU B 384 -0.14 11.22 -22.94
N PHE B 385 -0.79 10.21 -23.50
CA PHE B 385 -0.32 9.56 -24.73
C PHE B 385 -0.81 10.26 -26.01
N GLY B 386 -1.61 11.31 -25.86
CA GLY B 386 -2.17 12.03 -27.00
C GLY B 386 -3.16 11.20 -27.83
N LEU B 387 -3.80 10.22 -27.18
CA LEU B 387 -4.77 9.36 -27.82
C LEU B 387 -6.18 9.92 -27.62
N PRO B 388 -7.14 9.51 -28.48
CA PRO B 388 -8.49 10.07 -28.42
C PRO B 388 -9.23 9.73 -27.13
N ILE B 389 -9.93 10.72 -26.59
CA ILE B 389 -10.77 10.55 -25.40
C ILE B 389 -12.23 10.76 -25.78
N THR B 390 -13.09 9.80 -25.45
CA THR B 390 -14.53 9.92 -25.73
C THR B 390 -15.38 10.07 -24.45
N ASP B 391 -14.77 9.77 -23.29
CA ASP B 391 -15.44 9.92 -22.00
C ASP B 391 -15.80 11.40 -21.82
N THR B 392 -17.08 11.67 -21.48
CA THR B 392 -17.56 13.04 -21.30
C THR B 392 -17.41 13.59 -19.88
N VAL B 394 -15.38 15.02 -17.82
CA VAL B 394 -14.14 15.78 -17.82
C VAL B 394 -14.46 17.20 -18.28
N HIS C 7 7.37 31.95 -10.51
CA HIS C 7 8.85 32.03 -10.53
C HIS C 7 9.50 31.72 -11.89
N ASP C 8 8.73 31.17 -12.81
CA ASP C 8 9.30 30.78 -14.11
C ASP C 8 9.85 31.95 -14.90
N SER C 9 9.40 33.17 -14.60
CA SER C 9 9.86 34.35 -15.31
C SER C 9 11.18 34.92 -14.79
N HIS C 10 11.64 34.40 -13.66
CA HIS C 10 12.84 34.94 -13.05
C HIS C 10 14.04 34.65 -13.95
N GLU C 11 14.93 35.62 -14.08
CA GLU C 11 16.10 35.49 -14.96
C GLU C 11 16.89 34.22 -14.66
N VAL C 12 17.03 33.86 -13.39
CA VAL C 12 17.76 32.63 -13.08
C VAL C 12 17.05 31.39 -13.66
N GLN C 14 14.94 31.24 -16.19
CA GLN C 14 15.04 31.28 -17.64
CA GLN C 14 15.05 31.32 -17.65
C GLN C 14 16.39 30.78 -18.12
N ARG C 15 17.47 31.23 -17.46
CA ARG C 15 18.82 30.76 -17.80
C ARG C 15 18.98 29.26 -17.53
N LEU C 16 18.37 28.78 -16.44
CA LEU C 16 18.45 27.33 -16.15
C LEU C 16 17.72 26.54 -17.21
N ASP C 17 16.57 27.05 -17.67
CA ASP C 17 15.85 26.38 -18.76
C ASP C 17 16.74 26.11 -19.96
N ALA C 18 17.55 27.10 -20.32
CA ALA C 18 18.41 27.01 -21.48
C ALA C 18 19.51 25.96 -21.32
N LEU C 19 19.85 25.67 -20.06
CA LEU C 19 20.95 24.77 -19.72
C LEU C 19 20.51 23.31 -19.62
N LEU C 20 19.22 23.05 -19.40
CA LEU C 20 18.80 21.67 -19.10
C LEU C 20 19.20 20.62 -20.14
N PRO C 21 19.03 20.93 -21.44
CA PRO C 21 19.44 19.91 -22.42
C PRO C 21 20.90 19.48 -22.24
N THR C 22 21.79 20.41 -21.90
CA THR C 22 23.20 20.11 -21.65
C THR C 22 23.36 19.16 -20.46
N LEU C 23 22.64 19.46 -19.39
CA LEU C 23 22.66 18.61 -18.19
C LEU C 23 22.14 17.20 -18.49
N ARG C 24 21.06 17.07 -19.26
CA ARG C 24 20.55 15.75 -19.64
C ARG C 24 21.58 14.98 -20.45
N GLU C 25 22.15 15.64 -21.46
CA GLU C 25 23.13 15.00 -22.35
C GLU C 25 24.32 14.46 -21.56
N ARG C 26 24.70 15.17 -20.50
CA ARG C 26 25.87 14.81 -19.70
C ARG C 26 25.58 13.82 -18.58
N ALA C 27 24.31 13.46 -18.37
CA ALA C 27 23.95 12.66 -17.20
C ALA C 27 24.77 11.37 -17.08
N GLN C 28 24.99 10.64 -18.19
CA GLN C 28 25.73 9.39 -18.05
C GLN C 28 27.19 9.67 -17.77
N GLU C 29 27.78 10.64 -18.48
CA GLU C 29 29.16 11.02 -18.20
C GLU C 29 29.37 11.43 -16.73
N THR C 30 28.44 12.23 -16.21
CA THR C 30 28.46 12.61 -14.80
C THR C 30 28.49 11.38 -13.87
N GLU C 31 27.65 10.39 -14.18
CA GLU C 31 27.65 9.14 -13.41
CA GLU C 31 27.64 9.15 -13.40
C GLU C 31 29.01 8.46 -13.52
N ASP C 32 29.46 8.30 -14.75
CA ASP C 32 30.71 7.58 -15.03
C ASP C 32 31.93 8.16 -14.35
N LEU C 33 32.01 9.49 -14.31
CA LEU C 33 33.14 10.18 -13.71
C LEU C 33 32.97 10.36 -12.21
N ARG C 34 31.77 10.03 -11.69
CA ARG C 34 31.45 10.13 -10.24
C ARG C 34 31.63 11.54 -9.69
N ARG C 35 31.37 12.54 -10.53
CA ARG C 35 31.64 13.93 -10.14
C ARG C 35 30.88 14.83 -11.09
N ILE C 36 30.32 15.92 -10.58
CA ILE C 36 29.69 16.87 -11.50
C ILE C 36 30.78 17.50 -12.38
N PRO C 37 30.55 17.56 -13.70
CA PRO C 37 31.55 18.21 -14.54
C PRO C 37 31.77 19.69 -14.20
N ASP C 38 33.04 20.10 -14.26
CA ASP C 38 33.40 21.50 -14.01
C ASP C 38 32.58 22.45 -14.87
N ASP C 39 32.38 22.07 -16.13
CA ASP C 39 31.67 22.97 -17.05
C ASP C 39 30.18 23.12 -16.67
N SER C 40 29.59 22.07 -16.08
CA SER C 40 28.21 22.19 -15.57
C SER C 40 28.16 23.16 -14.41
N LYS C 42 30.27 25.57 -13.71
CA LYS C 42 30.52 26.90 -14.27
C LYS C 42 29.24 27.48 -14.88
N ALA C 43 28.54 26.67 -15.67
CA ALA C 43 27.32 27.13 -16.34
C ALA C 43 26.24 27.44 -15.30
N LEU C 44 26.16 26.60 -14.26
CA LEU C 44 25.18 26.84 -13.18
C LEU C 44 25.53 28.16 -12.47
N GLN C 45 26.82 28.39 -12.21
CA GLN C 45 27.27 29.64 -11.60
C GLN C 45 26.84 30.83 -12.46
N GLU C 46 27.01 30.70 -13.78
CA GLU C 46 26.70 31.77 -14.70
C GLU C 46 25.19 32.10 -14.77
N THR C 47 24.33 31.15 -14.41
CA THR C 47 22.90 31.43 -14.41
C THR C 47 22.54 32.36 -13.26
N GLY C 48 23.42 32.42 -12.27
CA GLY C 48 23.12 33.12 -11.01
C GLY C 48 22.53 32.20 -9.95
N PHE C 49 22.38 30.91 -10.28
CA PHE C 49 21.80 29.96 -9.34
C PHE C 49 22.40 29.97 -7.92
N PHE C 50 23.74 29.89 -7.80
CA PHE C 50 24.35 29.79 -6.47
C PHE C 50 24.14 31.07 -5.66
N ARG C 51 23.89 32.17 -6.37
CA ARG C 51 23.65 33.47 -5.73
C ARG C 51 22.26 33.60 -5.12
N LEU C 52 21.37 32.66 -5.43
CA LEU C 52 19.96 32.82 -5.05
C LEU C 52 19.73 33.05 -3.56
N LEU C 53 20.36 32.25 -2.70
CA LEU C 53 20.22 32.45 -1.23
C LEU C 53 21.38 33.24 -0.59
N GLN C 54 22.27 33.77 -1.42
CA GLN C 54 23.41 34.53 -0.92
C GLN C 54 22.97 35.97 -0.58
N PRO C 55 23.51 36.55 0.51
CA PRO C 55 23.07 37.92 0.89
C PRO C 55 23.36 38.98 -0.17
N GLU C 56 22.52 40.01 -0.15
CA GLU C 56 22.69 41.12 -1.09
C GLU C 56 24.08 41.79 -0.93
N GLN C 57 24.61 41.81 0.28
CA GLN C 57 25.90 42.50 0.50
C GLN C 57 27.04 41.84 -0.29
N TRP C 58 26.86 40.56 -0.67
CA TRP C 58 27.84 39.80 -1.43
C TRP C 58 27.41 39.61 -2.89
N GLY C 59 26.46 40.42 -3.35
CA GLY C 59 25.98 40.36 -4.73
C GLY C 59 24.94 39.28 -4.98
N GLY C 60 24.38 38.74 -3.89
CA GLY C 60 23.34 37.71 -3.97
C GLY C 60 21.89 38.22 -4.09
N TYR C 61 20.98 37.29 -4.32
CA TYR C 61 19.57 37.63 -4.47
C TYR C 61 18.79 37.61 -3.15
N GLN C 62 19.35 36.97 -2.11
CA GLN C 62 18.60 36.72 -0.86
C GLN C 62 17.10 36.46 -1.14
N ALA C 63 16.88 35.47 -2.00
CA ALA C 63 15.62 35.27 -2.68
C ALA C 63 14.57 34.66 -1.78
N ASP C 64 13.32 34.84 -2.19
CA ASP C 64 12.21 33.98 -1.76
C ASP C 64 12.66 32.50 -1.83
N PRO C 65 12.58 31.76 -0.71
CA PRO C 65 13.11 30.40 -0.72
C PRO C 65 12.37 29.48 -1.71
N VAL C 66 11.11 29.78 -2.01
CA VAL C 66 10.42 28.98 -3.04
C VAL C 66 11.12 29.08 -4.40
N LEU C 67 11.63 30.26 -4.73
CA LEU C 67 12.39 30.38 -5.98
C LEU C 67 13.61 29.44 -5.99
N PHE C 68 14.36 29.43 -4.89
CA PHE C 68 15.49 28.53 -4.76
C PHE C 68 15.09 27.05 -4.96
N TYR C 69 14.06 26.58 -4.25
CA TYR C 69 13.65 25.17 -4.38
C TYR C 69 13.07 24.87 -5.76
N SER C 70 12.44 25.87 -6.37
CA SER C 70 11.91 25.70 -7.73
C SER C 70 13.06 25.53 -8.72
N ALA C 71 14.15 26.28 -8.47
CA ALA C 71 15.36 26.14 -9.31
C ALA C 71 15.97 24.74 -9.15
N VAL C 72 16.03 24.28 -7.91
CA VAL C 72 16.54 22.94 -7.61
C VAL C 72 15.69 21.88 -8.28
N ARG C 73 14.37 22.01 -8.17
CA ARG C 73 13.46 21.03 -8.79
C ARG C 73 13.75 20.91 -10.29
N LYS C 74 13.91 22.07 -10.94
CA LYS C 74 14.22 22.10 -12.36
C LYS C 74 15.54 21.40 -12.70
N ILE C 75 16.61 21.76 -12.00
CA ILE C 75 17.92 21.16 -12.30
C ILE C 75 17.88 19.65 -12.11
N ALA C 76 17.32 19.22 -10.99
CA ALA C 76 17.23 17.78 -10.65
C ALA C 76 16.41 16.97 -11.64
N SER C 77 15.43 17.62 -12.31
CA SER C 77 14.62 16.96 -13.34
C SER C 77 15.44 16.59 -14.60
N ALA C 78 16.61 17.22 -14.76
CA ALA C 78 17.53 16.92 -15.89
C ALA C 78 18.62 15.95 -15.49
N CYS C 79 19.20 16.14 -14.30
CA CYS C 79 20.28 15.27 -13.83
C CYS C 79 20.15 15.22 -12.31
N GLY C 80 19.87 14.03 -11.78
CA GLY C 80 19.66 13.88 -10.34
C GLY C 80 20.88 14.27 -9.53
N SER C 81 22.07 13.82 -9.97
CA SER C 81 23.30 14.19 -9.22
C SER C 81 23.56 15.71 -9.26
N THR C 82 23.40 16.30 -10.43
CA THR C 82 23.64 17.75 -10.53
C THR C 82 22.62 18.49 -9.65
N GLY C 83 21.37 18.04 -9.65
CA GLY C 83 20.32 18.71 -8.85
C GLY C 83 20.61 18.62 -7.36
N TRP C 84 21.06 17.44 -6.94
CA TRP C 84 21.42 17.14 -5.54
C TRP C 84 22.56 18.05 -5.09
N VAL C 85 23.65 18.05 -5.85
CA VAL C 85 24.78 18.95 -5.54
C VAL C 85 24.38 20.43 -5.56
N SER C 86 23.60 20.82 -6.56
CA SER C 86 23.16 22.21 -6.67
C SER C 86 22.39 22.65 -5.42
N SER C 87 21.44 21.82 -4.99
CA SER C 87 20.63 22.15 -3.81
C SER C 87 21.49 22.32 -2.56
N ILE C 88 22.39 21.35 -2.32
CA ILE C 88 23.19 21.34 -1.11
C ILE C 88 24.23 22.47 -1.11
N ILE C 89 25.01 22.56 -2.18
CA ILE C 89 25.96 23.68 -2.29
C ILE C 89 25.26 25.04 -2.22
N GLY C 90 24.11 25.15 -2.91
CA GLY C 90 23.37 26.44 -2.91
C GLY C 90 22.89 26.81 -1.51
N VAL C 91 22.44 25.82 -0.73
CA VAL C 91 21.90 26.16 0.59
C VAL C 91 23.01 26.59 1.54
N HIS C 92 24.26 26.18 1.28
CA HIS C 92 25.35 26.63 2.15
C HIS C 92 25.58 28.12 2.13
N ASN C 93 25.17 28.75 1.04
CA ASN C 93 25.24 30.22 0.95
C ASN C 93 24.24 30.89 1.87
N TRP C 94 23.13 30.19 2.15
CA TRP C 94 22.18 30.61 3.16
C TRP C 94 22.82 30.41 4.55
N HIS C 95 23.38 29.24 4.79
CA HIS C 95 24.01 28.96 6.08
C HIS C 95 25.11 29.96 6.44
N LEU C 96 25.98 30.25 5.48
CA LEU C 96 27.10 31.17 5.73
C LEU C 96 26.61 32.58 6.10
N ALA C 97 25.44 32.98 5.58
CA ALA C 97 24.85 34.27 5.91
C ALA C 97 24.62 34.44 7.42
N LEU C 98 24.53 33.32 8.13
CA LEU C 98 24.26 33.34 9.57
C LEU C 98 25.55 33.40 10.40
N PHE C 99 26.68 33.06 9.79
CA PHE C 99 27.96 33.16 10.48
C PHE C 99 28.33 34.64 10.70
N SER C 100 29.37 34.88 11.49
CA SER C 100 29.86 36.25 11.67
C SER C 100 30.12 36.95 10.33
N GLN C 101 29.98 38.27 10.33
CA GLN C 101 30.41 39.04 9.18
C GLN C 101 31.85 38.70 8.75
N GLN C 102 32.74 38.54 9.74
CA GLN C 102 34.15 38.29 9.42
CA GLN C 102 34.16 38.26 9.49
C GLN C 102 34.34 36.94 8.73
N ALA C 103 33.56 35.93 9.13
CA ALA C 103 33.59 34.63 8.45
C ALA C 103 33.14 34.77 6.98
N GLN C 104 32.04 35.50 6.76
CA GLN C 104 31.59 35.74 5.38
C GLN C 104 32.67 36.46 4.55
N GLU C 105 33.33 37.44 5.16
CA GLU C 105 34.39 38.15 4.45
CA GLU C 105 34.42 38.18 4.52
C GLU C 105 35.58 37.24 4.16
N ASP C 106 35.90 36.34 5.09
CA ASP C 106 36.97 35.35 4.84
C ASP C 106 36.70 34.55 3.57
N VAL C 107 35.43 34.18 3.39
CA VAL C 107 35.02 33.35 2.27
C VAL C 107 34.84 34.13 0.96
N TRP C 108 34.13 35.26 1.06
CA TRP C 108 33.67 35.99 -0.12
C TRP C 108 34.32 37.35 -0.36
N GLY C 109 35.21 37.76 0.55
CA GLY C 109 35.79 39.13 0.49
C GLY C 109 36.53 39.46 -0.79
N ASN C 110 37.04 38.44 -1.48
CA ASN C 110 37.79 38.64 -2.72
C ASN C 110 37.10 38.08 -3.96
N ASP C 111 36.12 37.20 -3.73
CA ASP C 111 35.49 36.45 -4.81
C ASP C 111 34.15 35.96 -4.27
N THR C 112 33.08 36.59 -4.71
CA THR C 112 31.75 36.26 -4.20
C THR C 112 31.13 35.03 -4.84
N ASP C 113 31.87 34.38 -5.76
CA ASP C 113 31.40 33.14 -6.38
C ASP C 113 31.94 31.88 -5.69
N VAL C 114 32.74 32.09 -4.64
CA VAL C 114 33.29 30.97 -3.89
C VAL C 114 32.17 30.08 -3.33
N ARG C 115 32.36 28.76 -3.45
CA ARG C 115 31.41 27.74 -2.95
C ARG C 115 31.93 27.03 -1.71
N ILE C 116 30.98 26.49 -0.94
CA ILE C 116 31.22 25.81 0.33
C ILE C 116 30.50 24.47 0.28
N SER C 117 31.18 23.38 0.66
CA SER C 117 30.49 22.09 0.82
C SER C 117 30.25 21.83 2.31
N SER C 118 29.61 20.72 2.63
CA SER C 118 29.29 20.45 4.03
C SER C 118 29.28 18.99 4.37
N SER C 119 29.31 18.72 5.67
CA SER C 119 28.94 17.41 6.17
C SER C 119 28.47 17.70 7.60
N TYR C 120 27.16 17.65 7.81
CA TYR C 120 26.60 18.11 9.08
C TYR C 120 26.51 17.07 10.19
N ALA C 121 26.59 15.79 9.84
CA ALA C 121 26.62 14.72 10.86
C ALA C 121 27.90 14.78 11.69
N PRO C 122 27.81 14.44 12.98
CA PRO C 122 28.96 14.55 13.88
C PRO C 122 30.02 13.47 13.63
N GLY C 124 33.25 14.31 13.57
CA GLY C 124 34.45 14.91 14.15
C GLY C 124 34.03 15.86 15.25
N ALA C 125 35.00 16.57 15.82
CA ALA C 125 34.73 17.42 16.99
C ALA C 125 35.79 18.48 17.10
N GLY C 126 35.47 19.53 17.85
CA GLY C 126 36.39 20.64 18.07
C GLY C 126 36.67 20.74 19.56
N GLN C 127 37.95 20.75 19.92
CA GLN C 127 38.35 20.93 21.30
C GLN C 127 38.63 22.41 21.51
N VAL C 128 38.04 23.01 22.55
CA VAL C 128 38.30 24.39 22.89
C VAL C 128 39.79 24.64 23.11
N VAL C 129 40.32 25.64 22.41
CA VAL C 129 41.69 26.14 22.63
C VAL C 129 41.66 27.66 22.65
N ASP C 130 42.79 28.31 22.93
CA ASP C 130 42.81 29.77 22.92
C ASP C 130 42.42 30.27 21.52
N GLY C 131 41.37 31.08 21.47
CA GLY C 131 40.94 31.76 20.27
C GLY C 131 40.11 30.93 19.32
N GLY C 132 39.70 29.74 19.74
CA GLY C 132 38.91 28.89 18.84
C GLY C 132 38.94 27.45 19.27
N TYR C 133 39.17 26.57 18.30
CA TYR C 133 39.00 25.11 18.45
C TYR C 133 40.07 24.36 17.68
N THR C 134 40.49 23.23 18.25
CA THR C 134 41.32 22.27 17.50
C THR C 134 40.36 21.19 17.00
N VAL C 135 40.28 21.05 15.68
CA VAL C 135 39.28 20.17 15.04
C VAL C 135 39.93 18.94 14.46
N ASN C 136 39.30 17.79 14.72
CA ASN C 136 39.68 16.52 14.11
C ASN C 136 38.43 15.81 13.66
N GLY C 137 38.50 15.23 12.46
CA GLY C 137 37.41 14.37 12.00
C GLY C 137 37.61 13.85 10.58
N ALA C 138 36.70 12.97 10.17
CA ALA C 138 36.69 12.45 8.83
C ALA C 138 35.23 12.46 8.41
N TRP C 139 34.85 13.56 7.80
CA TRP C 139 33.46 13.83 7.52
C TRP C 139 33.07 13.29 6.14
N ALA C 140 32.34 12.17 6.14
CA ALA C 140 31.88 11.53 4.89
C ALA C 140 30.71 12.27 4.26
N TRP C 141 30.38 11.90 3.03
CA TRP C 141 29.15 12.30 2.32
C TRP C 141 29.10 13.80 2.00
N SER C 142 30.24 14.42 1.69
CA SER C 142 30.25 15.85 1.36
C SER C 142 29.97 16.07 -0.13
N SER C 143 28.69 16.11 -0.47
CA SER C 143 28.29 16.21 -1.89
C SER C 143 28.91 17.43 -2.56
N GLY C 144 29.48 17.20 -3.74
CA GLY C 144 30.12 18.27 -4.49
C GLY C 144 31.35 18.90 -3.88
N CYS C 145 32.00 18.21 -2.94
CA CYS C 145 33.10 18.83 -2.20
C CYS C 145 34.27 19.25 -3.09
N ASP C 146 34.44 18.60 -4.24
CA ASP C 146 35.53 19.01 -5.15
C ASP C 146 35.29 20.41 -5.75
N HIS C 147 34.04 20.87 -5.71
CA HIS C 147 33.65 22.13 -6.35
C HIS C 147 33.58 23.28 -5.36
N ALA C 148 34.15 23.06 -4.18
CA ALA C 148 34.13 24.08 -3.11
C ALA C 148 35.51 24.31 -2.59
N SER C 149 35.71 25.47 -2.00
CA SER C 149 37.03 25.77 -1.44
C SER C 149 36.95 26.01 0.07
N TRP C 150 35.78 25.73 0.66
CA TRP C 150 35.57 25.75 2.10
C TRP C 150 34.60 24.64 2.44
N ALA C 151 34.60 24.21 3.69
CA ALA C 151 33.57 23.27 4.15
C ALA C 151 32.99 23.72 5.49
N VAL C 152 31.68 23.46 5.66
CA VAL C 152 31.08 23.59 6.98
C VAL C 152 30.79 22.20 7.50
N LEU C 153 31.33 21.92 8.69
CA LEU C 153 31.41 20.56 9.23
C LEU C 153 30.77 20.51 10.61
N GLY C 154 29.79 19.63 10.78
CA GLY C 154 29.03 19.58 12.03
C GLY C 154 29.68 18.72 13.10
N GLY C 155 29.63 19.17 14.34
CA GLY C 155 30.19 18.38 15.42
C GLY C 155 30.07 19.07 16.75
N PRO C 156 30.31 18.31 17.83
CA PRO C 156 30.32 18.91 19.16
C PRO C 156 31.57 19.72 19.46
N VAL C 157 31.43 20.72 20.33
CA VAL C 157 32.55 21.43 20.95
C VAL C 157 32.82 20.73 22.27
N ILE C 158 34.09 20.38 22.50
CA ILE C 158 34.50 19.67 23.71
C ILE C 158 35.27 20.63 24.60
N LYS C 159 34.82 20.76 25.84
CA LYS C 159 35.51 21.57 26.84
C LYS C 159 35.59 20.75 28.10
N ASP C 160 36.79 20.67 28.68
CA ASP C 160 37.04 19.87 29.88
C ASP C 160 36.40 18.48 29.78
N GLY C 161 36.54 17.87 28.61
CA GLY C 161 36.18 16.48 28.40
C GLY C 161 34.73 16.19 28.11
N ARG C 162 33.89 17.23 28.03
CA ARG C 162 32.46 17.06 27.79
C ARG C 162 31.97 17.94 26.64
N PRO C 163 30.96 17.46 25.87
CA PRO C 163 30.33 18.29 24.83
C PRO C 163 29.56 19.43 25.47
N VAL C 164 29.75 20.65 24.95
CA VAL C 164 29.13 21.85 25.52
C VAL C 164 28.36 22.67 24.49
N ASP C 165 28.45 22.24 23.23
CA ASP C 165 27.75 22.91 22.15
C ASP C 165 27.73 21.95 20.96
N PHE C 166 26.88 22.25 20.00
CA PHE C 166 26.89 21.56 18.73
C PHE C 166 26.87 22.60 17.63
N VAL C 167 27.89 22.57 16.79
CA VAL C 167 28.20 23.70 15.91
C VAL C 167 28.56 23.21 14.52
N SER C 168 28.70 24.16 13.61
CA SER C 168 29.39 23.94 12.35
C SER C 168 30.70 24.70 12.40
N PHE C 169 31.78 24.01 12.04
CA PHE C 169 33.09 24.62 11.87
C PHE C 169 33.34 24.92 10.39
N LEU C 170 33.69 26.17 10.11
CA LEU C 170 33.97 26.61 8.74
C LEU C 170 35.48 26.53 8.53
N ILE C 171 35.90 25.69 7.56
CA ILE C 171 37.32 25.38 7.35
C ILE C 171 37.67 25.55 5.87
N PRO C 172 38.80 26.24 5.56
CA PRO C 172 39.19 26.39 4.17
C PRO C 172 39.88 25.13 3.66
N ARG C 173 39.75 24.90 2.36
CA ARG C 173 40.27 23.70 1.74
C ARG C 173 41.78 23.48 1.90
N GLU C 174 42.54 24.55 2.08
CA GLU C 174 43.98 24.41 2.39
C GLU C 174 44.24 23.59 3.68
N ASP C 175 43.22 23.52 4.56
CA ASP C 175 43.36 22.84 5.83
C ASP C 175 42.74 21.45 5.87
N TYR C 176 42.19 20.97 4.75
CA TYR C 176 41.66 19.61 4.75
C TYR C 176 42.01 18.84 3.50
N ARG C 177 41.86 17.51 3.56
CA ARG C 177 42.11 16.64 2.43
C ARG C 177 40.79 15.99 2.05
N ILE C 178 40.57 15.82 0.75
CA ILE C 178 39.38 15.09 0.28
C ILE C 178 39.83 13.69 -0.13
N ASP C 179 39.23 12.68 0.49
CA ASP C 179 39.49 11.29 0.12
C ASP C 179 38.40 10.80 -0.82
N ASP C 180 38.83 10.27 -1.97
CA ASP C 180 37.92 9.74 -2.96
C ASP C 180 37.48 8.32 -2.59
N VAL C 181 36.29 8.21 -2.01
CA VAL C 181 35.72 6.95 -1.54
C VAL C 181 34.33 6.69 -2.14
N TRP C 182 33.85 7.60 -2.97
CA TRP C 182 32.45 7.58 -3.43
C TRP C 182 32.17 6.48 -4.45
N ASN C 183 31.63 5.36 -3.94
CA ASN C 183 31.46 4.14 -4.71
CA ASN C 183 31.41 4.18 -4.78
C ASN C 183 30.09 3.53 -4.39
N VAL C 184 29.04 4.08 -5.00
CA VAL C 184 27.66 3.79 -4.58
C VAL C 184 26.72 3.48 -5.73
N VAL C 185 25.53 2.96 -5.40
CA VAL C 185 24.58 2.46 -6.41
C VAL C 185 23.80 3.58 -7.12
N GLY C 186 23.75 4.75 -6.49
CA GLY C 186 23.00 5.89 -7.04
C GLY C 186 23.61 7.19 -6.54
N LEU C 187 23.19 8.30 -7.16
CA LEU C 187 23.82 9.62 -6.96
C LEU C 187 25.35 9.52 -7.13
N ARG C 188 25.76 8.70 -8.08
CA ARG C 188 27.19 8.45 -8.32
C ARG C 188 27.89 9.75 -8.71
N GLY C 189 27.21 10.56 -9.51
CA GLY C 189 27.76 11.85 -9.98
C GLY C 189 28.02 12.90 -8.91
N THR C 190 27.47 12.69 -7.72
CA THR C 190 27.56 13.72 -6.68
C THR C 190 28.97 13.87 -6.10
N GLY C 191 29.85 12.88 -6.28
CA GLY C 191 31.20 12.94 -5.67
C GLY C 191 31.13 13.31 -4.20
N SER C 192 30.32 12.56 -3.46
CA SER C 192 30.09 12.86 -2.04
C SER C 192 31.22 12.24 -1.20
N ASN C 193 32.41 12.81 -1.39
CA ASN C 193 33.63 12.28 -0.80
C ASN C 193 33.85 12.75 0.64
N THR C 194 34.98 12.34 1.23
CA THR C 194 35.19 12.51 2.66
C THR C 194 36.22 13.61 2.93
N VAL C 195 35.84 14.52 3.82
CA VAL C 195 36.67 15.67 4.18
C VAL C 195 37.39 15.33 5.47
N VAL C 196 38.71 15.21 5.34
CA VAL C 196 39.56 14.73 6.44
C VAL C 196 40.31 15.91 7.04
N VAL C 197 40.13 16.07 8.36
CA VAL C 197 40.63 17.22 9.10
C VAL C 197 41.49 16.72 10.25
N GLU C 198 42.75 17.15 10.28
CA GLU C 198 43.73 16.62 11.24
C GLU C 198 44.41 17.77 11.97
N ASP C 199 44.07 17.93 13.26
CA ASP C 199 44.74 18.86 14.17
C ASP C 199 44.68 20.29 13.59
N VAL C 200 43.48 20.68 13.18
CA VAL C 200 43.28 21.96 12.51
C VAL C 200 42.73 23.01 13.47
N PHE C 201 43.38 24.18 13.51
CA PHE C 201 42.85 25.33 14.26
C PHE C 201 41.76 26.04 13.47
N VAL C 202 40.61 26.20 14.12
CA VAL C 202 39.49 26.96 13.58
C VAL C 202 39.16 28.10 14.56
N PRO C 203 39.30 29.35 14.11
CA PRO C 203 39.06 30.49 15.02
C PRO C 203 37.58 30.64 15.35
N THR C 204 37.32 31.18 16.53
CA THR C 204 35.95 31.38 17.02
C THR C 204 34.99 32.01 16.00
N HIS C 205 35.46 33.01 15.25
CA HIS C 205 34.56 33.71 14.32
C HIS C 205 34.08 32.82 13.18
N ARG C 206 34.75 31.69 13.00
CA ARG C 206 34.39 30.72 11.96
C ARG C 206 33.57 29.54 12.49
N VAL C 207 32.91 29.74 13.62
CA VAL C 207 32.15 28.66 14.22
C VAL C 207 30.75 29.18 14.53
N LEU C 208 29.73 28.37 14.24
CA LEU C 208 28.36 28.79 14.47
C LEU C 208 27.56 27.69 15.15
N SER C 209 27.02 27.99 16.32
CA SER C 209 26.21 27.02 17.05
C SER C 209 24.83 26.91 16.42
N PHE C 210 24.30 25.68 16.29
CA PHE C 210 22.93 25.53 15.81
C PHE C 210 21.90 26.11 16.78
N LYS C 211 22.25 26.18 18.07
CA LYS C 211 21.38 26.78 19.06
C LYS C 211 21.25 28.28 18.85
N ALA C 212 22.34 28.95 18.44
CA ALA C 212 22.31 30.38 18.17
C ALA C 212 21.37 30.62 16.98
N SER C 214 18.77 28.73 16.04
CA SER C 214 17.36 28.52 16.40
C SER C 214 16.85 29.56 17.41
N ASN C 215 17.78 30.15 18.16
CA ASN C 215 17.46 31.28 19.04
C ASN C 215 17.23 32.59 18.29
N LEU C 216 17.48 32.59 16.98
CA LEU C 216 17.50 33.80 16.16
C LEU C 216 18.51 34.81 16.70
N THR C 217 19.64 34.30 17.18
CA THR C 217 20.77 35.13 17.60
C THR C 217 22.06 34.89 16.80
N ALA C 218 21.99 34.19 15.66
CA ALA C 218 23.18 34.04 14.83
C ALA C 218 23.71 35.42 14.46
N PRO C 219 25.04 35.61 14.54
CA PRO C 219 25.62 36.95 14.38
C PRO C 219 25.44 37.54 12.99
N GLY C 220 25.29 36.66 11.99
CA GLY C 220 25.09 37.10 10.62
C GLY C 220 23.81 37.89 10.42
N LEU C 221 22.84 37.68 11.31
CA LEU C 221 21.53 38.35 11.18
C LEU C 221 21.62 39.87 11.39
N GLU C 222 22.68 40.34 12.03
CA GLU C 222 22.76 41.78 12.31
C GLU C 222 22.82 42.58 11.00
N ARG C 223 23.64 42.11 10.05
CA ARG C 223 23.78 42.77 8.76
C ARG C 223 22.95 42.13 7.65
N ASN C 224 22.70 40.82 7.76
CA ASN C 224 21.90 40.12 6.76
C ASN C 224 20.49 40.02 7.31
N THR C 225 19.76 41.11 7.12
CA THR C 225 18.43 41.29 7.72
C THR C 225 17.27 40.75 6.88
N ALA C 226 17.53 40.22 5.69
CA ALA C 226 16.45 39.76 4.80
C ALA C 226 15.63 38.65 5.48
N PRO C 227 14.31 38.65 5.25
CA PRO C 227 13.47 37.65 5.93
C PRO C 227 13.87 36.19 5.67
N VAL C 228 14.47 35.89 4.52
CA VAL C 228 14.79 34.50 4.22
C VAL C 228 15.75 33.90 5.30
N TYR C 229 16.58 34.76 5.90
CA TYR C 229 17.58 34.28 6.85
C TYR C 229 17.00 33.96 8.23
N LYS C 230 15.73 34.27 8.40
CA LYS C 230 15.03 33.93 9.65
C LYS C 230 14.24 32.61 9.53
N PRO C 232 13.47 28.64 9.53
CA PRO C 232 13.99 27.61 10.44
C PRO C 232 14.85 26.61 9.67
N TRP C 233 16.00 26.27 10.25
CA TRP C 233 16.90 25.28 9.64
C TRP C 233 16.19 23.96 9.43
N GLY C 234 15.30 23.59 10.37
CA GLY C 234 14.56 22.33 10.27
C GLY C 234 13.62 22.24 9.08
N THR C 235 13.26 23.40 8.49
CA THR C 235 12.63 23.40 7.16
C THR C 235 13.65 23.58 6.03
N ILE C 236 14.54 24.55 6.17
CA ILE C 236 15.50 24.89 5.10
C ILE C 236 16.34 23.69 4.67
N HIS C 237 16.98 23.02 5.63
CA HIS C 237 17.92 21.97 5.27
C HIS C 237 17.20 20.69 4.75
N PRO C 238 16.24 20.15 5.52
CA PRO C 238 15.52 18.99 4.96
C PRO C 238 14.81 19.24 3.61
N THR C 239 14.28 20.44 3.41
CA THR C 239 13.67 20.76 2.10
C THR C 239 14.75 20.72 0.97
N THR C 240 15.99 21.12 1.26
CA THR C 240 17.07 21.03 0.27
CA THR C 240 17.06 21.03 0.26
C THR C 240 17.37 19.60 -0.14
N ILE C 241 17.06 18.67 0.76
CA ILE C 241 17.23 17.25 0.51
C ILE C 241 16.04 16.63 -0.24
N SER C 242 14.83 17.09 0.05
CA SER C 242 13.64 16.55 -0.63
C SER C 242 13.44 17.15 -2.01
N ALA C 243 13.66 18.47 -2.14
CA ALA C 243 13.42 19.14 -3.42
C ALA C 243 14.07 18.47 -4.64
N PRO C 244 15.36 18.11 -4.57
CA PRO C 244 15.96 17.41 -5.73
C PRO C 244 15.32 16.06 -5.99
N ILE C 245 14.90 15.35 -4.94
CA ILE C 245 14.27 14.04 -5.18
C ILE C 245 12.92 14.23 -5.89
N VAL C 246 12.12 15.22 -5.45
CA VAL C 246 10.91 15.57 -6.19
C VAL C 246 11.23 15.92 -7.64
N GLY C 247 12.28 16.72 -7.85
CA GLY C 247 12.70 17.10 -9.21
C GLY C 247 13.03 15.84 -10.04
N ALA C 249 11.75 12.98 -9.73
CA ALA C 249 10.49 12.34 -10.07
C ALA C 249 9.84 13.01 -11.30
N TYR C 250 9.88 14.35 -11.36
CA TYR C 250 9.41 15.05 -12.55
C TYR C 250 10.15 14.61 -13.81
N GLY C 251 11.47 14.50 -13.68
CA GLY C 251 12.31 14.13 -14.85
C GLY C 251 11.99 12.70 -15.27
N ALA C 252 11.82 11.84 -14.28
CA ALA C 252 11.49 10.41 -14.53
C ALA C 252 10.13 10.30 -15.21
N TYR C 253 9.17 11.06 -14.71
CA TYR C 253 7.83 11.06 -15.27
C TYR C 253 7.87 11.48 -16.74
N ASP C 254 8.51 12.60 -17.04
CA ASP C 254 8.57 13.10 -18.41
C ASP C 254 9.24 12.13 -19.36
N ALA C 255 10.35 11.52 -18.90
CA ALA C 255 11.11 10.56 -19.71
C ALA C 255 10.24 9.36 -20.01
N HIS C 256 9.60 8.83 -18.98
CA HIS C 256 8.71 7.68 -19.12
C HIS C 256 7.57 7.96 -20.11
N VAL C 257 6.86 9.07 -19.92
CA VAL C 257 5.69 9.38 -20.77
C VAL C 257 6.13 9.60 -22.20
N GLU C 258 7.29 10.25 -22.40
CA GLU C 258 7.81 10.46 -23.75
C GLU C 258 8.10 9.11 -24.42
N HIS C 259 8.79 8.24 -23.73
CA HIS C 259 9.17 6.98 -24.34
C HIS C 259 7.92 6.11 -24.60
N GLN C 260 7.05 6.02 -23.60
CA GLN C 260 5.85 5.20 -23.69
C GLN C 260 4.82 5.73 -24.68
N GLY C 261 4.70 7.06 -24.75
CA GLY C 261 3.80 7.69 -25.70
C GLY C 261 4.08 7.25 -27.12
N LYS C 262 5.36 7.30 -27.49
CA LYS C 262 5.81 6.86 -28.80
C LYS C 262 5.48 5.38 -29.03
N ARG C 263 5.74 4.58 -28.00
CA ARG C 263 5.53 3.14 -28.03
C ARG C 263 4.05 2.77 -28.21
N VAL C 264 3.17 3.51 -27.54
CA VAL C 264 1.73 3.26 -27.59
C VAL C 264 1.14 3.73 -28.93
N ASP C 275 -3.56 -0.92 -25.83
CA ASP C 275 -4.70 -1.35 -25.02
C ASP C 275 -4.31 -1.79 -23.61
N ASP C 276 -3.50 -0.99 -22.94
CA ASP C 276 -3.06 -1.30 -21.59
C ASP C 276 -3.57 -0.25 -20.61
N PRO C 277 -4.72 -0.53 -19.96
CA PRO C 277 -5.18 0.49 -19.01
C PRO C 277 -4.31 0.62 -17.77
N PHE C 278 -3.59 -0.43 -17.42
CA PHE C 278 -2.77 -0.40 -16.21
C PHE C 278 -1.61 0.57 -16.31
N ALA C 279 -0.96 0.64 -17.49
CA ALA C 279 0.12 1.61 -17.70
C ALA C 279 -0.43 3.05 -17.55
N LYS C 280 -1.64 3.27 -18.04
CA LYS C 280 -2.29 4.59 -17.90
C LYS C 280 -2.56 4.90 -16.44
N VAL C 281 -3.03 3.91 -15.68
CA VAL C 281 -3.28 4.14 -14.26
C VAL C 281 -1.98 4.50 -13.53
N ARG C 282 -0.90 3.80 -13.84
CA ARG C 282 0.33 4.07 -13.10
C ARG C 282 0.78 5.50 -13.36
N ILE C 283 0.63 5.95 -14.63
CA ILE C 283 0.94 7.34 -15.01
C ILE C 283 0.10 8.38 -14.24
N ALA C 284 -1.19 8.08 -14.10
CA ALA C 284 -2.10 8.94 -13.34
C ALA C 284 -1.68 9.04 -11.88
N GLU C 285 -1.46 7.89 -11.27
CA GLU C 285 -1.02 7.82 -9.85
C GLU C 285 0.28 8.60 -9.64
N ALA C 286 1.28 8.32 -10.46
CA ALA C 286 2.59 8.94 -10.30
C ALA C 286 2.50 10.44 -10.48
N SER C 287 1.84 10.90 -11.55
CA SER C 287 1.78 12.33 -11.80
C SER C 287 1.05 13.04 -10.65
N SER C 288 -0.06 12.44 -10.17
CA SER C 288 -0.80 13.07 -9.07
C SER C 288 0.04 13.18 -7.80
N ASP C 289 0.73 12.09 -7.47
CA ASP C 289 1.51 12.04 -6.22
C ASP C 289 2.76 12.91 -6.24
N ILE C 290 3.38 13.03 -7.41
CA ILE C 290 4.51 13.97 -7.57
C ILE C 290 4.01 15.39 -7.35
N ASP C 291 2.88 15.71 -7.97
CA ASP C 291 2.30 17.04 -7.83
C ASP C 291 1.95 17.33 -6.36
N ALA C 292 1.36 16.34 -5.68
CA ALA C 292 0.99 16.52 -4.26
C ALA C 292 2.25 16.81 -3.44
N ALA C 293 3.31 16.03 -3.69
CA ALA C 293 4.60 16.23 -3.02
C ALA C 293 5.08 17.68 -3.18
N TRP C 294 5.12 18.15 -4.43
CA TRP C 294 5.56 19.52 -4.68
C TRP C 294 4.66 20.57 -4.03
N ARG C 295 3.35 20.40 -4.15
CA ARG C 295 2.40 21.37 -3.55
C ARG C 295 2.67 21.53 -2.07
N GLN C 296 2.86 20.41 -1.37
CA GLN C 296 3.11 20.48 0.08
C GLN C 296 4.50 21.02 0.40
N LEU C 297 5.51 20.48 -0.26
CA LEU C 297 6.89 20.91 0.00
C LEU C 297 7.06 22.43 -0.23
N SER C 298 6.62 22.91 -1.40
CA SER C 298 6.74 24.34 -1.68
C SER C 298 5.73 25.15 -0.86
N GLY C 299 4.54 24.59 -0.63
CA GLY C 299 3.50 25.30 0.13
C GLY C 299 3.89 25.63 1.56
N ASN C 300 4.47 24.66 2.26
CA ASN C 300 4.91 24.91 3.64
C ASN C 300 6.01 25.97 3.69
N VAL C 301 6.96 25.91 2.76
CA VAL C 301 8.01 26.95 2.66
C VAL C 301 7.38 28.32 2.41
N ALA C 302 6.43 28.40 1.47
CA ALA C 302 5.78 29.68 1.15
C ALA C 302 5.07 30.26 2.38
N ASP C 303 4.39 29.40 3.12
CA ASP C 303 3.64 29.86 4.29
C ASP C 303 4.56 30.38 5.37
N GLU C 304 5.67 29.67 5.61
CA GLU C 304 6.64 30.15 6.59
C GLU C 304 7.18 31.50 6.17
N TYR C 305 7.58 31.62 4.91
CA TYR C 305 8.20 32.84 4.41
C TYR C 305 7.19 34.02 4.48
N ALA C 306 5.92 33.74 4.16
CA ALA C 306 4.88 34.81 4.20
C ALA C 306 4.77 35.39 5.59
N LEU C 307 4.85 34.52 6.60
CA LEU C 307 4.80 34.99 7.98
C LEU C 307 6.01 35.85 8.32
N LEU C 308 7.21 35.41 7.94
CA LEU C 308 8.41 36.20 8.18
C LEU C 308 8.34 37.57 7.51
N VAL C 309 7.87 37.59 6.26
CA VAL C 309 7.78 38.85 5.50
C VAL C 309 6.83 39.81 6.23
N ALA C 310 5.81 39.24 6.87
CA ALA C 310 4.84 39.98 7.69
C ALA C 310 5.31 40.30 9.11
N GLY C 311 6.57 40.01 9.39
CA GLY C 311 7.19 40.34 10.68
C GLY C 311 6.83 39.41 11.82
N GLU C 312 6.24 38.26 11.49
CA GLU C 312 5.79 37.28 12.46
C GLU C 312 6.82 36.17 12.66
N GLU C 313 6.70 35.49 13.80
CA GLU C 313 7.44 34.27 14.09
C GLU C 313 6.77 33.13 13.32
N VAL C 314 7.54 32.15 12.89
CA VAL C 314 6.97 30.94 12.29
C VAL C 314 6.47 30.08 13.45
N PRO C 315 5.15 29.77 13.48
CA PRO C 315 4.59 28.95 14.57
C PRO C 315 5.19 27.57 14.54
N PHE C 316 5.45 27.02 15.72
CA PHE C 316 5.96 25.67 15.84
C PHE C 316 5.06 24.68 15.11
N GLU C 317 3.73 24.87 15.16
CA GLU C 317 2.84 23.90 14.47
C GLU C 317 3.14 23.83 12.96
N LEU C 318 3.52 24.97 12.38
CA LEU C 318 3.85 25.00 10.95
C LEU C 318 5.19 24.29 10.70
N ARG C 319 6.17 24.52 11.57
CA ARG C 319 7.45 23.81 11.46
C ARG C 319 7.25 22.28 11.49
N LEU C 320 6.32 21.84 12.35
CA LEU C 320 6.01 20.40 12.45
C LEU C 320 5.35 19.89 11.16
N ARG C 321 4.39 20.67 10.62
CA ARG C 321 3.71 20.29 9.36
C ARG C 321 4.73 20.25 8.23
N ALA C 322 5.66 21.20 8.24
CA ALA C 322 6.70 21.22 7.20
C ALA C 322 7.49 19.91 7.20
N ARG C 323 7.94 19.49 8.38
CA ARG C 323 8.71 18.25 8.48
C ARG C 323 7.89 17.04 8.06
N ARG C 324 6.64 16.96 8.54
CA ARG C 324 5.69 15.91 8.18
C ARG C 324 5.59 15.75 6.65
N ASP C 325 5.34 16.87 5.96
CA ASP C 325 5.09 16.82 4.54
C ASP C 325 6.37 16.67 3.72
N GLN C 326 7.47 17.14 4.28
CA GLN C 326 8.76 17.08 3.59
C GLN C 326 9.28 15.64 3.48
N VAL C 327 9.32 14.92 4.60
CA VAL C 327 9.68 13.50 4.48
C VAL C 327 8.67 12.77 3.58
N ARG C 328 7.40 13.14 3.66
CA ARG C 328 6.39 12.44 2.85
C ARG C 328 6.56 12.78 1.39
N ALA C 329 7.01 14.00 1.07
CA ALA C 329 7.27 14.42 -0.32
C ALA C 329 8.34 13.52 -0.94
N THR C 330 9.41 13.26 -0.18
CA THR C 330 10.42 12.30 -0.64
C THR C 330 9.78 10.93 -0.91
N GLY C 331 8.95 10.47 0.01
CA GLY C 331 8.33 9.16 -0.13
C GLY C 331 7.41 9.09 -1.35
N ARG C 332 6.60 10.14 -1.57
CA ARG C 332 5.72 10.20 -2.73
C ARG C 332 6.54 10.18 -4.04
N ALA C 333 7.63 10.95 -4.07
CA ALA C 333 8.50 11.01 -5.26
C ALA C 333 9.05 9.62 -5.58
N ILE C 334 9.59 8.95 -4.56
CA ILE C 334 10.18 7.59 -4.73
C ILE C 334 9.10 6.56 -5.13
N SER C 335 7.94 6.62 -4.49
CA SER C 335 6.86 5.70 -4.82
C SER C 335 6.49 5.86 -6.28
N SER C 336 6.45 7.11 -6.72
CA SER C 336 6.02 7.45 -8.07
C SER C 336 7.06 6.97 -9.08
N ILE C 337 8.34 7.22 -8.79
CA ILE C 337 9.40 6.74 -9.71
C ILE C 337 9.33 5.21 -9.76
N ASP C 338 9.13 4.58 -8.61
CA ASP C 338 9.04 3.11 -8.59
C ASP C 338 7.93 2.60 -9.49
N LYS C 339 6.77 3.26 -9.42
CA LYS C 339 5.63 2.87 -10.28
C LYS C 339 6.01 2.94 -11.75
N LEU C 340 6.66 4.03 -12.13
CA LEU C 340 7.01 4.25 -13.54
C LEU C 340 8.06 3.26 -14.01
N PHE C 341 9.09 3.05 -13.19
CA PHE C 341 10.16 2.11 -13.53
C PHE C 341 9.61 0.70 -13.71
N GLU C 342 8.76 0.29 -12.78
CA GLU C 342 8.13 -1.03 -12.82
C GLU C 342 7.27 -1.15 -14.08
N SER C 343 6.48 -0.12 -14.36
CA SER C 343 5.58 -0.16 -15.54
C SER C 343 6.37 -0.25 -16.85
N SER C 344 7.47 0.48 -16.92
CA SER C 344 8.29 0.51 -18.13
C SER C 344 8.84 -0.90 -18.46
N GLY C 345 9.20 -1.66 -17.43
CA GLY C 345 9.60 -3.06 -17.67
C GLY C 345 10.97 -3.22 -18.32
N ALA C 346 11.09 -4.18 -19.23
CA ALA C 346 12.38 -4.61 -19.75
C ALA C 346 13.21 -3.49 -20.37
N THR C 347 12.54 -2.62 -21.11
CA THR C 347 13.22 -1.52 -21.80
C THR C 347 13.98 -0.60 -20.82
N ALA C 348 13.47 -0.50 -19.59
CA ALA C 348 14.05 0.43 -18.61
C ALA C 348 15.31 -0.12 -17.94
N LEU C 349 15.64 -1.40 -18.15
CA LEU C 349 16.83 -1.95 -17.52
C LEU C 349 18.15 -1.50 -18.16
N ALA C 350 18.07 -0.97 -19.38
CA ALA C 350 19.26 -0.71 -20.19
C ALA C 350 20.15 0.32 -19.51
N ASN C 351 21.44 -0.02 -19.32
CA ASN C 351 22.41 0.94 -18.79
C ASN C 351 22.44 2.19 -19.65
N GLY C 352 22.65 3.35 -19.02
CA GLY C 352 22.81 4.61 -19.73
C GLY C 352 21.52 5.37 -20.01
N THR C 353 20.39 4.76 -19.70
CA THR C 353 19.09 5.35 -20.00
C THR C 353 18.57 6.09 -18.76
N PRO C 354 17.76 7.15 -18.98
CA PRO C 354 17.39 8.03 -17.87
C PRO C 354 16.55 7.42 -16.75
N LEU C 355 15.56 6.58 -17.07
CA LEU C 355 14.62 6.21 -16.01
C LEU C 355 15.27 5.40 -14.87
N GLN C 356 16.05 4.38 -15.24
CA GLN C 356 16.76 3.58 -14.23
C GLN C 356 17.74 4.42 -13.41
N ARG C 357 18.32 5.45 -14.05
CA ARG C 357 19.20 6.40 -13.32
C ARG C 357 18.41 7.22 -12.28
N PHE C 358 17.28 7.80 -12.67
CA PHE C 358 16.47 8.56 -11.70
C PHE C 358 16.04 7.64 -10.55
N TRP C 359 15.73 6.40 -10.90
CA TRP C 359 15.36 5.40 -9.91
C TRP C 359 16.47 5.15 -8.89
N ARG C 360 17.68 4.85 -9.37
CA ARG C 360 18.78 4.61 -8.44
C ARG C 360 19.12 5.87 -7.66
N ASP C 361 19.08 7.01 -8.36
CA ASP C 361 19.42 8.29 -7.72
C ASP C 361 18.46 8.66 -6.58
N ALA C 362 17.16 8.48 -6.82
CA ALA C 362 16.13 8.82 -5.79
C ALA C 362 16.30 7.91 -4.58
N HIS C 363 16.58 6.62 -4.82
CA HIS C 363 16.78 5.68 -3.72
C HIS C 363 18.05 5.98 -2.91
N ALA C 364 19.05 6.54 -3.59
CA ALA C 364 20.26 6.95 -2.90
C ALA C 364 19.95 8.18 -2.04
N GLY C 365 19.21 9.16 -2.59
CA GLY C 365 18.89 10.40 -1.85
C GLY C 365 18.05 10.07 -0.62
N ARG C 366 17.23 9.02 -0.74
CA ARG C 366 16.33 8.60 0.34
C ARG C 366 17.07 8.31 1.67
N VAL C 367 18.36 7.92 1.62
CA VAL C 367 19.10 7.54 2.86
C VAL C 367 19.48 8.67 3.79
N HIS C 368 19.37 9.89 3.29
CA HIS C 368 19.77 11.06 4.06
C HIS C 368 18.96 11.10 5.35
N ALA C 369 19.65 11.42 6.45
CA ALA C 369 19.00 11.55 7.77
C ALA C 369 17.72 12.38 7.73
N ALA C 370 17.74 13.46 6.93
CA ALA C 370 16.60 14.36 6.84
C ALA C 370 15.39 13.76 6.13
N ASN C 371 15.58 12.62 5.48
CA ASN C 371 14.47 11.94 4.80
C ASN C 371 13.82 10.83 5.64
N ASP C 372 14.42 10.49 6.78
CA ASP C 372 13.86 9.43 7.60
C ASP C 372 12.43 9.84 8.01
N PRO C 373 11.42 9.08 7.53
CA PRO C 373 10.04 9.57 7.69
C PRO C 373 9.50 9.40 9.09
N GLU C 374 9.76 8.25 9.73
CA GLU C 374 9.20 8.09 11.08
C GLU C 374 9.71 9.13 12.07
N ARG C 375 10.94 9.61 11.90
CA ARG C 375 11.48 10.63 12.78
C ARG C 375 10.54 11.85 12.78
N ALA C 376 10.20 12.30 11.57
CA ALA C 376 9.34 13.49 11.41
C ALA C 376 7.88 13.18 11.82
N TYR C 377 7.39 11.98 11.45
CA TYR C 377 6.00 11.61 11.72
C TYR C 377 5.75 11.49 13.21
N VAL C 378 6.66 10.83 13.91
CA VAL C 378 6.53 10.66 15.37
C VAL C 378 6.54 12.05 16.03
N TYR C 380 5.69 14.98 14.70
CA TYR C 380 4.45 15.64 14.35
C TYR C 380 3.31 15.18 15.30
N GLY C 381 3.19 13.85 15.46
CA GLY C 381 2.13 13.32 16.35
C GLY C 381 2.29 13.70 17.80
N THR C 382 3.54 13.75 18.27
CA THR C 382 3.83 14.23 19.62
C THR C 382 3.28 15.67 19.77
N GLY C 383 3.55 16.52 18.78
CA GLY C 383 3.00 17.88 18.80
C GLY C 383 1.48 17.94 18.80
N GLU C 384 0.84 17.07 18.03
CA GLU C 384 -0.62 17.07 17.96
C GLU C 384 -1.23 16.80 19.33
N PHE C 385 -0.51 16.05 20.15
CA PHE C 385 -0.93 15.72 21.52
C PHE C 385 -0.49 16.77 22.58
N GLY C 386 0.21 17.80 22.14
CA GLY C 386 0.73 18.83 23.06
C GLY C 386 1.79 18.33 24.02
N LEU C 387 2.53 17.29 23.64
CA LEU C 387 3.59 16.69 24.47
C LEU C 387 4.94 17.30 24.11
N PRO C 388 5.91 17.30 25.06
CA PRO C 388 7.18 17.96 24.74
C PRO C 388 7.98 17.30 23.62
N ILE C 389 8.69 18.13 22.86
CA ILE C 389 9.54 17.70 21.74
C ILE C 389 10.97 18.16 21.99
N THR C 390 11.93 17.23 21.94
CA THR C 390 13.36 17.56 22.15
C THR C 390 14.18 17.48 20.85
N ASP C 391 13.66 16.76 19.86
CA ASP C 391 14.27 16.68 18.53
C ASP C 391 14.47 18.09 17.95
N THR C 392 15.70 18.41 17.54
CA THR C 392 16.03 19.75 17.04
C THR C 392 15.82 19.87 15.53
N VAL C 394 13.69 20.49 13.24
CA VAL C 394 12.35 21.06 13.10
C VAL C 394 12.48 22.56 13.13
N HIS D 7 13.26 -31.88 1.84
CA HIS D 7 14.14 -31.65 0.66
C HIS D 7 15.58 -31.27 1.06
N ASP D 8 15.75 -30.69 2.24
CA ASP D 8 17.06 -30.17 2.66
C ASP D 8 18.15 -31.25 2.79
N SER D 9 17.73 -32.50 3.00
CA SER D 9 18.67 -33.63 3.16
C SER D 9 19.09 -34.29 1.85
N HIS D 10 18.49 -33.89 0.73
CA HIS D 10 18.85 -34.48 -0.55
C HIS D 10 20.32 -34.21 -0.85
N GLU D 11 21.02 -35.18 -1.43
CA GLU D 11 22.45 -35.04 -1.73
C GLU D 11 22.77 -33.77 -2.53
N VAL D 12 21.90 -33.41 -3.48
CA VAL D 12 22.15 -32.23 -4.31
C VAL D 12 22.09 -30.98 -3.43
N GLN D 14 22.63 -30.81 -0.18
CA GLN D 14 23.80 -30.77 0.70
C GLN D 14 25.05 -30.26 -0.01
N ARG D 15 25.25 -30.70 -1.25
CA ARG D 15 26.35 -30.23 -2.06
C ARG D 15 26.22 -28.75 -2.39
N LEU D 16 25.00 -28.29 -2.66
CA LEU D 16 24.81 -26.86 -2.91
C LEU D 16 25.09 -26.04 -1.68
N ASP D 17 24.72 -26.54 -0.50
CA ASP D 17 25.05 -25.84 0.75
C ASP D 17 26.56 -25.54 0.83
N ALA D 18 27.38 -26.51 0.40
CA ALA D 18 28.84 -26.35 0.51
C ALA D 18 29.37 -25.27 -0.42
N LEU D 19 28.60 -24.99 -1.48
CA LEU D 19 28.99 -24.05 -2.52
C LEU D 19 28.60 -22.59 -2.19
N LEU D 20 27.58 -22.40 -1.35
CA LEU D 20 27.03 -21.07 -1.14
C LEU D 20 28.03 -19.98 -0.75
N PRO D 21 28.93 -20.24 0.24
CA PRO D 21 29.89 -19.20 0.60
C PRO D 21 30.70 -18.70 -0.60
N THR D 22 31.06 -19.61 -1.49
CA THR D 22 31.81 -19.25 -2.71
C THR D 22 30.98 -18.40 -3.64
N LEU D 23 29.71 -18.79 -3.84
CA LEU D 23 28.84 -18.00 -4.71
C LEU D 23 28.64 -16.61 -4.14
N ARG D 24 28.47 -16.51 -2.83
CA ARG D 24 28.38 -15.18 -2.18
C ARG D 24 29.61 -14.36 -2.40
N GLU D 25 30.78 -14.95 -2.13
CA GLU D 25 32.08 -14.27 -2.26
CA GLU D 25 32.04 -14.22 -2.25
C GLU D 25 32.25 -13.71 -3.67
N ARG D 26 31.76 -14.47 -4.66
CA ARG D 26 32.02 -14.17 -6.07
C ARG D 26 30.90 -13.38 -6.74
N ALA D 27 29.93 -12.93 -5.97
CA ALA D 27 28.77 -12.25 -6.57
C ALA D 27 29.19 -11.00 -7.36
N GLN D 28 30.11 -10.20 -6.81
CA GLN D 28 30.53 -9.00 -7.56
C GLN D 28 31.27 -9.34 -8.86
N GLU D 29 32.25 -10.25 -8.78
CA GLU D 29 32.96 -10.64 -10.00
C GLU D 29 32.02 -11.23 -11.04
N THR D 30 30.96 -11.91 -10.59
CA THR D 30 29.94 -12.39 -11.51
C THR D 30 29.22 -11.24 -12.24
N GLU D 31 28.81 -10.21 -11.50
CA GLU D 31 28.21 -9.03 -12.12
C GLU D 31 29.17 -8.42 -13.14
N ASP D 32 30.42 -8.27 -12.73
CA ASP D 32 31.41 -7.57 -13.56
C ASP D 32 31.74 -8.34 -14.83
N LEU D 33 31.69 -9.67 -14.75
CA LEU D 33 31.94 -10.50 -15.92
C LEU D 33 30.79 -10.45 -16.95
N ARG D 34 29.60 -10.10 -16.45
CA ARG D 34 28.34 -10.02 -17.24
C ARG D 34 27.89 -11.37 -17.77
N ARG D 35 28.41 -12.43 -17.13
CA ARG D 35 27.98 -13.79 -17.40
C ARG D 35 28.48 -14.64 -16.22
N ILE D 36 27.93 -15.84 -16.08
CA ILE D 36 28.36 -16.67 -14.93
C ILE D 36 29.81 -17.16 -15.12
N PRO D 37 30.65 -17.03 -14.08
CA PRO D 37 32.01 -17.60 -14.23
C PRO D 37 31.97 -19.10 -14.55
N ASP D 38 32.88 -19.55 -15.40
CA ASP D 38 33.01 -20.98 -15.73
CA ASP D 38 32.93 -20.97 -15.73
C ASP D 38 33.07 -21.84 -14.48
N ASP D 39 33.84 -21.39 -13.48
CA ASP D 39 33.98 -22.17 -12.24
C ASP D 39 32.64 -22.42 -11.57
N SER D 40 31.76 -21.42 -11.58
CA SER D 40 30.46 -21.57 -10.93
C SER D 40 29.61 -22.59 -11.67
N LYS D 42 30.68 -25.03 -13.51
CA LYS D 42 31.26 -26.35 -13.29
C LYS D 42 30.91 -26.86 -11.89
N ALA D 43 30.97 -25.98 -10.89
CA ALA D 43 30.68 -26.40 -9.51
C ALA D 43 29.22 -26.81 -9.38
N LEU D 44 28.33 -26.02 -9.98
CA LEU D 44 26.90 -26.34 -10.01
C LEU D 44 26.67 -27.70 -10.67
N GLN D 45 27.31 -27.92 -11.83
CA GLN D 45 27.18 -29.20 -12.53
C GLN D 45 27.60 -30.36 -11.61
N GLU D 46 28.71 -30.18 -10.91
CA GLU D 46 29.24 -31.25 -10.05
C GLU D 46 28.35 -31.58 -8.85
N THR D 47 27.54 -30.62 -8.41
CA THR D 47 26.55 -30.91 -7.35
C THR D 47 25.46 -31.88 -7.81
N GLY D 48 25.28 -32.00 -9.14
CA GLY D 48 24.15 -32.73 -9.73
C GLY D 48 22.92 -31.86 -9.99
N PHE D 49 23.04 -30.56 -9.70
CA PHE D 49 21.89 -29.66 -9.81
C PHE D 49 21.22 -29.71 -11.18
N PHE D 50 22.02 -29.65 -12.25
CA PHE D 50 21.38 -29.60 -13.60
C PHE D 50 20.67 -30.92 -13.94
N ARG D 51 21.07 -31.98 -13.26
CA ARG D 51 20.44 -33.28 -13.45
C ARG D 51 19.07 -33.42 -12.76
N LEU D 52 18.68 -32.45 -11.93
CA LEU D 52 17.49 -32.63 -11.09
C LEU D 52 16.23 -32.96 -11.90
N LEU D 53 15.99 -32.20 -12.97
CA LEU D 53 14.80 -32.43 -13.80
C LEU D 53 15.06 -33.21 -15.08
N GLN D 54 16.31 -33.70 -15.22
CA GLN D 54 16.69 -34.51 -16.38
C GLN D 54 16.18 -35.94 -16.20
N PRO D 55 15.72 -36.56 -17.29
CA PRO D 55 15.24 -37.96 -17.19
C PRO D 55 16.25 -38.98 -16.68
N GLU D 56 15.73 -40.00 -16.00
CA GLU D 56 16.58 -41.08 -15.50
CA GLU D 56 16.59 -41.07 -15.50
C GLU D 56 17.36 -41.77 -16.64
N GLN D 57 16.77 -41.85 -17.83
CA GLN D 57 17.48 -42.52 -18.95
C GLN D 57 18.81 -41.83 -19.31
N TRP D 58 18.91 -40.54 -18.97
CA TRP D 58 20.11 -39.75 -19.23
C TRP D 58 20.94 -39.53 -17.98
N GLY D 59 20.64 -40.27 -16.92
CA GLY D 59 21.38 -40.14 -15.67
C GLY D 59 20.81 -39.09 -14.73
N GLY D 60 19.60 -38.60 -15.03
CA GLY D 60 18.96 -37.57 -14.20
C GLY D 60 18.16 -38.09 -13.02
N TYR D 61 17.68 -37.16 -12.19
CA TYR D 61 16.89 -37.48 -11.01
C TYR D 61 15.38 -37.47 -11.29
N GLN D 62 14.96 -36.87 -12.40
CA GLN D 62 13.53 -36.67 -12.75
C GLN D 62 12.73 -36.35 -11.48
N ALA D 63 13.20 -35.32 -10.77
CA ALA D 63 12.87 -35.10 -9.36
C ALA D 63 11.50 -34.48 -9.15
N ASP D 64 11.02 -34.62 -7.90
CA ASP D 64 9.92 -33.79 -7.36
C ASP D 64 10.21 -32.33 -7.73
N PRO D 65 9.28 -31.66 -8.44
CA PRO D 65 9.61 -30.27 -8.85
C PRO D 65 9.86 -29.34 -7.68
N VAL D 66 9.28 -29.63 -6.50
CA VAL D 66 9.58 -28.77 -5.32
C VAL D 66 11.06 -28.88 -4.93
N LEU D 67 11.68 -30.04 -5.11
CA LEU D 67 13.11 -30.17 -4.85
C LEU D 67 13.90 -29.23 -5.78
N PHE D 68 13.55 -29.24 -7.06
CA PHE D 68 14.18 -28.37 -8.01
C PHE D 68 14.05 -26.89 -7.63
N TYR D 69 12.82 -26.43 -7.34
CA TYR D 69 12.65 -25.01 -7.00
C TYR D 69 13.29 -24.67 -5.66
N SER D 70 13.36 -25.64 -4.75
CA SER D 70 14.07 -25.42 -3.47
C SER D 70 15.58 -25.23 -3.71
N ALA D 71 16.10 -25.97 -4.69
CA ALA D 71 17.51 -25.81 -5.04
C ALA D 71 17.77 -24.42 -5.62
N VAL D 72 16.85 -24.00 -6.49
CA VAL D 72 16.95 -22.69 -7.12
C VAL D 72 16.87 -21.60 -6.04
N ARG D 73 15.91 -21.77 -5.12
CA ARG D 73 15.76 -20.80 -4.04
C ARG D 73 17.09 -20.64 -3.26
N LYS D 74 17.72 -21.78 -2.95
CA LYS D 74 18.98 -21.79 -2.23
C LYS D 74 20.10 -21.08 -3.01
N ILE D 75 20.27 -21.43 -4.29
CA ILE D 75 21.33 -20.80 -5.09
C ILE D 75 21.13 -19.28 -5.16
N ALA D 76 19.89 -18.89 -5.48
CA ALA D 76 19.56 -17.47 -5.70
C ALA D 76 19.75 -16.67 -4.41
N SER D 77 19.65 -17.32 -3.25
CA SER D 77 19.86 -16.62 -1.97
C SER D 77 21.32 -16.22 -1.74
N ALA D 78 22.24 -16.83 -2.51
CA ALA D 78 23.65 -16.51 -2.45
C ALA D 78 24.06 -15.55 -3.55
N CYS D 79 23.52 -15.77 -4.76
CA CYS D 79 23.84 -14.91 -5.92
C CYS D 79 22.63 -14.89 -6.86
N GLY D 80 22.03 -13.72 -7.02
CA GLY D 80 20.81 -13.60 -7.84
C GLY D 80 21.02 -14.02 -9.29
N SER D 81 22.13 -13.57 -9.88
CA SER D 81 22.39 -13.89 -11.30
C SER D 81 22.60 -15.40 -11.45
N THR D 82 23.36 -15.98 -10.52
CA THR D 82 23.62 -17.43 -10.62
C THR D 82 22.31 -18.21 -10.38
N GLY D 83 21.50 -17.77 -9.42
CA GLY D 83 20.22 -18.44 -9.19
C GLY D 83 19.28 -18.38 -10.40
N TRP D 84 19.23 -17.20 -11.03
CA TRP D 84 18.42 -16.98 -12.24
C TRP D 84 18.84 -17.94 -13.37
N VAL D 85 20.14 -17.91 -13.68
CA VAL D 85 20.68 -18.81 -14.73
C VAL D 85 20.44 -20.29 -14.36
N SER D 86 20.67 -20.64 -13.10
CA SER D 86 20.53 -22.05 -12.66
C SER D 86 19.10 -22.54 -12.89
N SER D 87 18.14 -21.72 -12.48
CA SER D 87 16.71 -22.05 -12.65
C SER D 87 16.35 -22.25 -14.12
N ILE D 88 16.76 -21.32 -14.97
CA ILE D 88 16.38 -21.30 -16.39
C ILE D 88 17.04 -22.46 -17.14
N ILE D 89 18.36 -22.56 -17.02
CA ILE D 89 19.09 -23.65 -17.67
C ILE D 89 18.61 -25.02 -17.18
N GLY D 90 18.37 -25.12 -15.87
CA GLY D 90 17.93 -26.38 -15.26
C GLY D 90 16.57 -26.84 -15.81
N VAL D 91 15.66 -25.89 -15.98
CA VAL D 91 14.31 -26.26 -16.41
C VAL D 91 14.31 -26.70 -17.88
N HIS D 92 15.33 -26.28 -18.64
CA HIS D 92 15.39 -26.75 -20.04
C HIS D 92 15.61 -28.24 -20.15
N ASN D 93 16.12 -28.82 -19.08
CA ASN D 93 16.31 -30.30 -19.07
C ASN D 93 14.99 -31.02 -18.91
N TRP D 94 14.06 -30.35 -18.23
CA TRP D 94 12.68 -30.81 -18.18
C TRP D 94 12.04 -30.65 -19.58
N HIS D 95 12.20 -29.47 -20.19
CA HIS D 95 11.60 -29.23 -21.51
C HIS D 95 12.10 -30.23 -22.54
N LEU D 96 13.41 -30.48 -22.57
CA LEU D 96 13.93 -31.44 -23.55
C LEU D 96 13.38 -32.87 -23.37
N ALA D 97 13.04 -33.22 -22.13
CA ALA D 97 12.44 -34.52 -21.83
C ALA D 97 11.14 -34.79 -22.60
N LEU D 98 10.50 -33.71 -23.07
CA LEU D 98 9.22 -33.78 -23.79
C LEU D 98 9.40 -33.94 -25.31
N PHE D 99 10.60 -33.65 -25.81
CA PHE D 99 10.88 -33.77 -27.24
C PHE D 99 10.98 -35.26 -27.63
N SER D 100 11.08 -35.53 -28.92
CA SER D 100 11.29 -36.88 -29.41
C SER D 100 12.51 -37.52 -28.77
N GLN D 101 12.51 -38.85 -28.68
CA GLN D 101 13.69 -39.59 -28.25
C GLN D 101 14.94 -39.20 -29.06
N GLN D 102 14.77 -39.10 -30.38
CA GLN D 102 15.91 -38.73 -31.24
C GLN D 102 16.48 -37.35 -30.92
N ALA D 103 15.62 -36.38 -30.62
CA ALA D 103 16.10 -35.05 -30.24
C ALA D 103 16.91 -35.13 -28.95
N GLN D 104 16.41 -35.91 -27.99
CA GLN D 104 17.13 -36.06 -26.71
C GLN D 104 18.49 -36.74 -26.93
N GLU D 105 18.49 -37.78 -27.77
CA GLU D 105 19.74 -38.43 -28.24
C GLU D 105 20.71 -37.45 -28.92
N ASP D 106 20.19 -36.60 -29.81
CA ASP D 106 21.03 -35.59 -30.45
C ASP D 106 21.79 -34.75 -29.42
N VAL D 107 21.10 -34.38 -28.34
CA VAL D 107 21.68 -33.51 -27.33
C VAL D 107 22.59 -34.26 -26.32
N TRP D 108 22.09 -35.37 -25.81
CA TRP D 108 22.68 -36.05 -24.67
C TRP D 108 23.34 -37.41 -24.98
N GLY D 109 23.26 -37.84 -26.25
CA GLY D 109 23.73 -39.15 -26.66
C GLY D 109 25.18 -39.44 -26.36
N ASN D 110 26.01 -38.39 -26.34
CA ASN D 110 27.44 -38.55 -26.06
C ASN D 110 27.89 -37.91 -24.76
N ASP D 111 27.06 -37.03 -24.20
CA ASP D 111 27.45 -36.26 -23.03
C ASP D 111 26.17 -35.79 -22.33
N THR D 112 25.84 -36.45 -21.21
CA THR D 112 24.59 -36.15 -20.52
C THR D 112 24.69 -34.89 -19.64
N ASP D 113 25.85 -34.23 -19.63
CA ASP D 113 25.98 -32.92 -18.95
C ASP D 113 25.74 -31.70 -19.86
N VAL D 114 25.47 -31.95 -21.13
CA VAL D 114 25.21 -30.88 -22.07
C VAL D 114 24.05 -30.02 -21.60
N ARG D 115 24.19 -28.69 -21.75
CA ARG D 115 23.18 -27.72 -21.36
C ARG D 115 22.52 -27.06 -22.57
N ILE D 116 21.31 -26.56 -22.36
CA ILE D 116 20.49 -25.94 -23.38
C ILE D 116 20.04 -24.60 -22.83
N SER D 117 20.11 -23.53 -23.64
CA SER D 117 19.54 -22.24 -23.25
C SER D 117 18.22 -22.01 -24.01
N SER D 118 17.54 -20.90 -23.72
CA SER D 118 16.26 -20.64 -24.39
C SER D 118 15.96 -19.19 -24.65
N SER D 119 14.95 -18.98 -25.49
CA SER D 119 14.30 -17.69 -25.61
C SER D 119 12.94 -18.00 -26.21
N TYR D 120 11.92 -17.93 -25.36
CA TYR D 120 10.57 -18.43 -25.73
C TYR D 120 9.62 -17.41 -26.37
N ALA D 121 9.95 -16.13 -26.24
CA ALA D 121 9.21 -15.09 -26.95
C ALA D 121 9.40 -15.22 -28.46
N PRO D 122 8.35 -14.91 -29.25
CA PRO D 122 8.39 -15.09 -30.70
C PRO D 122 9.24 -14.02 -31.37
N GLY D 124 11.44 -14.87 -33.70
CA GLY D 124 11.83 -15.54 -34.93
C GLY D 124 10.73 -16.49 -35.33
N ALA D 125 10.94 -17.24 -36.41
CA ALA D 125 9.92 -18.11 -36.95
C ALA D 125 10.54 -19.19 -37.82
N GLY D 126 9.78 -20.24 -38.08
CA GLY D 126 10.21 -21.34 -38.94
C GLY D 126 9.25 -21.54 -40.08
N GLN D 127 9.77 -21.46 -41.30
CA GLN D 127 8.99 -21.71 -42.50
C GLN D 127 9.01 -23.20 -42.83
N VAL D 128 7.84 -23.80 -43.03
CA VAL D 128 7.76 -25.22 -43.37
C VAL D 128 8.55 -25.57 -44.65
N VAL D 129 9.40 -26.59 -44.56
CA VAL D 129 10.09 -27.15 -45.73
C VAL D 129 10.09 -28.67 -45.64
N ASP D 130 10.48 -29.34 -46.72
CA ASP D 130 10.63 -30.79 -46.70
C ASP D 130 11.56 -31.21 -45.58
N GLY D 131 11.06 -32.08 -44.69
CA GLY D 131 11.84 -32.63 -43.60
C GLY D 131 12.02 -31.73 -42.38
N GLY D 132 11.42 -30.54 -42.40
CA GLY D 132 11.56 -29.64 -41.25
C GLY D 132 11.16 -28.20 -41.51
N TYR D 133 12.03 -27.27 -41.11
CA TYR D 133 11.72 -25.84 -41.14
C TYR D 133 12.98 -25.07 -41.46
N THR D 134 12.82 -23.93 -42.12
CA THR D 134 13.89 -22.97 -42.22
C THR D 134 13.62 -21.87 -41.22
N VAL D 135 14.55 -21.69 -40.29
CA VAL D 135 14.37 -20.80 -39.17
C VAL D 135 15.23 -19.54 -39.31
N ASN D 136 14.61 -18.41 -38.98
CA ASN D 136 15.26 -17.10 -38.95
C ASN D 136 14.77 -16.37 -37.71
N GLY D 137 15.69 -15.70 -37.03
CA GLY D 137 15.32 -14.92 -35.87
C GLY D 137 16.51 -14.35 -35.13
N ALA D 138 16.21 -13.44 -34.21
CA ALA D 138 17.21 -12.88 -33.33
C ALA D 138 16.59 -12.86 -31.94
N TRP D 139 16.87 -13.91 -31.17
CA TRP D 139 16.19 -14.17 -29.91
C TRP D 139 16.98 -13.61 -28.76
N ALA D 140 16.47 -12.50 -28.22
CA ALA D 140 17.14 -11.81 -27.11
C ALA D 140 16.86 -12.47 -25.75
N TRP D 141 17.59 -12.02 -24.72
CA TRP D 141 17.33 -12.42 -23.32
C TRP D 141 17.55 -13.90 -23.05
N SER D 142 18.53 -14.53 -23.70
CA SER D 142 18.78 -15.96 -23.45
C SER D 142 19.76 -16.11 -22.28
N SER D 143 19.21 -16.10 -21.07
CA SER D 143 20.02 -16.21 -19.84
C SER D 143 20.91 -17.46 -19.89
N GLY D 144 22.20 -17.25 -19.60
CA GLY D 144 23.14 -18.38 -19.58
C GLY D 144 23.50 -18.99 -20.92
N CYS D 145 23.15 -18.30 -22.02
CA CYS D 145 23.38 -18.88 -23.35
C CYS D 145 24.87 -19.17 -23.64
N ASP D 146 25.78 -18.41 -23.04
CA ASP D 146 27.23 -18.69 -23.18
C ASP D 146 27.65 -20.07 -22.64
N HIS D 147 26.82 -20.65 -21.77
CA HIS D 147 27.10 -21.91 -21.10
C HIS D 147 26.31 -23.09 -21.65
N ALA D 148 25.71 -22.92 -22.84
CA ALA D 148 24.93 -24.02 -23.43
C ALA D 148 25.43 -24.29 -24.85
N SER D 149 25.13 -25.48 -25.35
CA SER D 149 25.56 -25.80 -26.70
C SER D 149 24.38 -26.10 -27.62
N TRP D 150 23.17 -25.89 -27.08
CA TRP D 150 21.94 -25.93 -27.85
C TRP D 150 21.01 -24.84 -27.29
N ALA D 151 20.03 -24.43 -28.10
CA ALA D 151 19.01 -23.48 -27.66
C ALA D 151 17.65 -24.00 -28.08
N VAL D 152 16.64 -23.77 -27.23
CA VAL D 152 15.25 -23.96 -27.64
C VAL D 152 14.64 -22.57 -27.80
N LEU D 153 14.09 -22.34 -29.00
CA LEU D 153 13.69 -20.98 -29.41
C LEU D 153 12.22 -20.97 -29.84
N GLY D 154 11.42 -20.11 -29.20
CA GLY D 154 9.97 -20.09 -29.43
C GLY D 154 9.60 -19.24 -30.64
N GLY D 155 8.64 -19.73 -31.42
CA GLY D 155 8.15 -18.93 -32.54
C GLY D 155 7.08 -19.68 -33.29
N PRO D 156 6.38 -18.97 -34.17
CA PRO D 156 5.34 -19.60 -34.97
C PRO D 156 5.97 -20.45 -36.08
N VAL D 157 5.23 -21.47 -36.51
CA VAL D 157 5.50 -22.19 -37.74
C VAL D 157 4.69 -21.47 -38.82
N ILE D 158 5.36 -21.11 -39.91
CA ILE D 158 4.71 -20.40 -41.00
C ILE D 158 4.46 -21.38 -42.15
N LYS D 159 3.21 -21.40 -42.60
CA LYS D 159 2.82 -22.22 -43.73
C LYS D 159 1.83 -21.46 -44.60
N ASP D 160 2.15 -21.37 -45.89
CA ASP D 160 1.38 -20.58 -46.84
C ASP D 160 1.10 -19.16 -46.34
N GLY D 161 2.13 -18.56 -45.74
CA GLY D 161 2.08 -17.19 -45.26
C GLY D 161 1.24 -16.96 -44.01
N ARG D 162 0.88 -18.04 -43.32
CA ARG D 162 0.05 -17.94 -42.11
C ARG D 162 0.64 -18.75 -40.95
N PRO D 163 0.56 -18.21 -39.72
CA PRO D 163 0.97 -19.03 -38.56
C PRO D 163 0.02 -20.20 -38.34
N VAL D 164 0.57 -21.40 -38.23
CA VAL D 164 -0.22 -22.64 -38.04
C VAL D 164 0.11 -23.44 -36.78
N ASP D 165 1.10 -22.98 -36.01
CA ASP D 165 1.52 -23.64 -34.77
C ASP D 165 2.42 -22.67 -34.03
N PHE D 166 2.62 -22.94 -32.74
CA PHE D 166 3.59 -22.21 -31.95
C PHE D 166 4.44 -23.23 -31.24
N VAL D 167 5.75 -23.20 -31.51
CA VAL D 167 6.64 -24.29 -31.17
C VAL D 167 7.94 -23.80 -30.53
N SER D 168 8.72 -24.73 -30.00
CA SER D 168 10.14 -24.48 -29.75
C SER D 168 10.99 -25.24 -30.78
N PHE D 169 11.93 -24.52 -31.38
CA PHE D 169 12.91 -25.06 -32.31
C PHE D 169 14.18 -25.35 -31.53
N LEU D 170 14.64 -26.59 -31.60
CA LEU D 170 15.87 -27.02 -30.91
C LEU D 170 17.01 -26.95 -31.92
N ILE D 171 18.00 -26.10 -31.64
CA ILE D 171 19.05 -25.76 -32.62
C ILE D 171 20.41 -25.87 -31.93
N PRO D 172 21.38 -26.55 -32.57
CA PRO D 172 22.69 -26.63 -31.95
C PRO D 172 23.49 -25.35 -32.15
N ARG D 173 24.42 -25.10 -31.23
CA ARG D 173 25.24 -23.88 -31.23
C ARG D 173 26.07 -23.66 -32.51
N GLU D 174 26.43 -24.75 -33.20
CA GLU D 174 27.11 -24.63 -34.49
C GLU D 174 26.27 -23.83 -35.48
N ASP D 175 24.95 -23.80 -35.29
CA ASP D 175 24.02 -23.14 -36.23
C ASP D 175 23.54 -21.75 -35.83
N TYR D 176 24.06 -21.20 -34.73
CA TYR D 176 23.71 -19.84 -34.35
C TYR D 176 24.90 -19.05 -33.84
N ARG D 177 24.72 -17.73 -33.77
CA ARG D 177 25.72 -16.81 -33.24
C ARG D 177 25.16 -16.16 -31.98
N ILE D 178 26.00 -16.01 -30.95
CA ILE D 178 25.60 -15.29 -29.75
C ILE D 178 26.19 -13.88 -29.81
N ASP D 179 25.31 -12.89 -29.77
CA ASP D 179 25.75 -11.49 -29.72
C ASP D 179 25.78 -11.00 -28.28
N ASP D 180 26.96 -10.52 -27.86
CA ASP D 180 27.16 -9.98 -26.52
C ASP D 180 26.58 -8.57 -26.47
N VAL D 181 25.37 -8.47 -25.91
CA VAL D 181 24.65 -7.20 -25.81
C VAL D 181 24.18 -6.88 -24.39
N TRP D 182 24.58 -7.71 -23.43
CA TRP D 182 24.00 -7.66 -22.07
C TRP D 182 24.60 -6.52 -21.24
N ASN D 183 23.82 -5.45 -21.08
CA ASN D 183 24.30 -4.20 -20.52
C ASN D 183 23.16 -3.54 -19.73
N VAL D 184 22.91 -4.05 -18.53
CA VAL D 184 21.68 -3.71 -17.80
C VAL D 184 21.94 -3.38 -16.33
N VAL D 185 20.93 -2.85 -15.66
CA VAL D 185 21.07 -2.38 -14.27
C VAL D 185 21.07 -3.50 -13.21
N GLY D 186 20.57 -4.68 -13.57
CA GLY D 186 20.44 -5.79 -12.60
C GLY D 186 20.49 -7.11 -13.34
N LEU D 187 20.65 -8.21 -12.60
CA LEU D 187 20.87 -9.53 -13.21
C LEU D 187 22.04 -9.44 -14.23
N ARG D 188 23.00 -8.60 -13.91
CA ARG D 188 24.12 -8.33 -14.81
C ARG D 188 24.92 -9.59 -15.11
N GLY D 189 25.04 -10.47 -14.12
CA GLY D 189 25.84 -11.67 -14.30
C GLY D 189 25.16 -12.75 -15.11
N THR D 190 23.89 -12.55 -15.51
CA THR D 190 23.18 -13.62 -16.22
C THR D 190 23.61 -13.85 -17.67
N GLY D 191 24.32 -12.88 -18.27
CA GLY D 191 24.72 -13.00 -19.69
C GLY D 191 23.55 -13.36 -20.58
N SER D 192 22.47 -12.58 -20.47
CA SER D 192 21.23 -12.88 -21.21
C SER D 192 21.33 -12.31 -22.61
N ASN D 193 22.26 -12.91 -23.37
CA ASN D 193 22.62 -12.42 -24.68
C ASN D 193 21.66 -12.89 -25.78
N THR D 194 21.94 -12.52 -27.03
CA THR D 194 21.00 -12.72 -28.13
C THR D 194 21.48 -13.82 -29.07
N VAL D 195 20.58 -14.75 -29.35
CA VAL D 195 20.86 -15.91 -30.19
C VAL D 195 20.35 -15.62 -31.59
N VAL D 196 21.27 -15.52 -32.54
CA VAL D 196 20.94 -15.10 -33.88
C VAL D 196 21.03 -16.29 -34.82
N VAL D 197 19.92 -16.51 -35.53
CA VAL D 197 19.70 -17.68 -36.38
C VAL D 197 19.38 -17.19 -37.79
N GLU D 198 20.18 -17.61 -38.78
CA GLU D 198 20.01 -17.13 -40.15
CA GLU D 198 19.97 -17.13 -40.16
C GLU D 198 19.89 -18.29 -41.15
N ASP D 199 18.69 -18.45 -41.71
CA ASP D 199 18.38 -19.47 -42.71
CA ASP D 199 18.45 -19.43 -42.76
C ASP D 199 18.93 -20.85 -42.35
N VAL D 200 18.53 -21.29 -41.17
CA VAL D 200 18.97 -22.56 -40.61
C VAL D 200 17.90 -23.64 -40.76
N PHE D 201 18.30 -24.80 -41.28
CA PHE D 201 17.40 -25.95 -41.35
C PHE D 201 17.33 -26.62 -39.98
N VAL D 202 16.10 -26.81 -39.51
CA VAL D 202 15.81 -27.53 -38.29
C VAL D 202 14.89 -28.70 -38.67
N PRO D 203 15.36 -29.94 -38.42
CA PRO D 203 14.56 -31.10 -38.79
C PRO D 203 13.33 -31.25 -37.91
N THR D 204 12.30 -31.89 -38.46
CA THR D 204 11.01 -32.03 -37.80
C THR D 204 11.11 -32.59 -36.37
N HIS D 205 11.96 -33.59 -36.16
CA HIS D 205 12.05 -34.22 -34.83
C HIS D 205 12.61 -33.31 -33.72
N ARG D 206 13.17 -32.16 -34.11
CA ARG D 206 13.74 -31.21 -33.16
C ARG D 206 12.80 -30.01 -32.90
N VAL D 207 11.51 -30.19 -33.20
CA VAL D 207 10.55 -29.12 -33.02
C VAL D 207 9.35 -29.66 -32.21
N LEU D 208 9.02 -28.99 -31.12
CA LEU D 208 7.93 -29.42 -30.24
C LEU D 208 6.89 -28.31 -30.10
N SER D 209 5.63 -28.63 -30.40
CA SER D 209 4.53 -27.68 -30.26
C SER D 209 4.13 -27.51 -28.79
N PHE D 210 3.92 -26.28 -28.36
CA PHE D 210 3.37 -26.06 -27.03
C PHE D 210 1.95 -26.63 -26.86
N LYS D 211 1.19 -26.72 -27.95
CA LYS D 211 -0.13 -27.36 -27.88
C LYS D 211 -0.06 -28.87 -27.62
N ALA D 212 0.88 -29.56 -28.28
CA ALA D 212 1.11 -30.99 -27.98
C ALA D 212 1.43 -31.13 -26.50
N SER D 214 0.56 -29.14 -23.99
CA SER D 214 -0.60 -28.88 -23.11
C SER D 214 -1.71 -29.92 -23.30
N ASN D 215 -1.72 -30.58 -24.46
CA ASN D 215 -2.62 -31.70 -24.73
C ASN D 215 -2.18 -33.00 -24.03
N LEU D 216 -1.05 -32.95 -23.35
CA LEU D 216 -0.44 -34.15 -22.75
C LEU D 216 -0.10 -35.21 -23.79
N THR D 217 0.30 -34.75 -24.98
CA THR D 217 0.74 -35.64 -26.05
C THR D 217 2.17 -35.39 -26.52
N ALA D 218 2.99 -34.71 -25.72
CA ALA D 218 4.41 -34.56 -26.07
C ALA D 218 5.02 -35.94 -26.30
N PRO D 219 5.80 -36.10 -27.40
CA PRO D 219 6.32 -37.43 -27.72
C PRO D 219 7.24 -38.00 -26.63
N GLY D 220 7.96 -37.13 -25.93
CA GLY D 220 8.90 -37.57 -24.90
C GLY D 220 8.26 -38.31 -23.75
N LEU D 221 6.95 -38.14 -23.56
CA LEU D 221 6.22 -38.80 -22.46
C LEU D 221 6.20 -40.31 -22.57
N GLU D 222 6.36 -40.83 -23.79
CA GLU D 222 6.31 -42.28 -23.99
C GLU D 222 7.50 -42.98 -23.33
N ARG D 223 8.66 -42.33 -23.32
CA ARG D 223 9.82 -42.92 -22.67
C ARG D 223 10.12 -42.28 -21.33
N ASN D 224 9.81 -40.98 -21.19
CA ASN D 224 10.02 -40.31 -19.91
C ASN D 224 8.70 -40.23 -19.16
N THR D 225 8.40 -41.32 -18.47
CA THR D 225 7.07 -41.50 -17.86
C THR D 225 6.93 -40.93 -16.43
N ALA D 226 8.02 -40.42 -15.87
CA ALA D 226 7.96 -39.84 -14.52
C ALA D 226 6.89 -38.73 -14.41
N PRO D 227 6.19 -38.66 -13.28
CA PRO D 227 5.08 -37.69 -13.20
C PRO D 227 5.50 -36.23 -13.38
N VAL D 228 6.72 -35.87 -13.03
CA VAL D 228 7.14 -34.47 -13.18
C VAL D 228 6.95 -33.96 -14.63
N TYR D 229 7.11 -34.85 -15.62
CA TYR D 229 7.00 -34.43 -17.03
C TYR D 229 5.57 -34.14 -17.47
N LYS D 230 4.60 -34.47 -16.62
CA LYS D 230 3.20 -34.19 -16.93
C LYS D 230 2.73 -32.87 -16.29
N PRO D 232 2.04 -28.92 -15.85
CA PRO D 232 1.68 -27.91 -16.87
C PRO D 232 2.78 -26.87 -17.05
N TRP D 233 3.08 -26.55 -18.30
CA TRP D 233 4.06 -25.48 -18.63
C TRP D 233 3.72 -24.14 -17.98
N GLY D 234 2.42 -23.82 -17.88
CA GLY D 234 1.99 -22.56 -17.29
C GLY D 234 2.36 -22.43 -15.81
N THR D 235 2.59 -23.55 -15.12
CA THR D 235 3.17 -23.51 -13.77
C THR D 235 4.69 -23.67 -13.79
N ILE D 236 5.19 -24.62 -14.58
CA ILE D 236 6.62 -24.92 -14.55
C ILE D 236 7.49 -23.73 -14.98
N HIS D 237 7.16 -23.14 -16.13
CA HIS D 237 8.00 -22.07 -16.68
C HIS D 237 7.92 -20.80 -15.79
N PRO D 238 6.70 -20.28 -15.51
CA PRO D 238 6.65 -19.09 -14.65
C PRO D 238 7.23 -19.28 -13.24
N THR D 239 7.05 -20.49 -12.68
CA THR D 239 7.65 -20.75 -11.35
C THR D 239 9.19 -20.67 -11.40
N THR D 240 9.76 -21.10 -12.54
N THR D 240 9.76 -21.08 -12.54
CA THR D 240 11.22 -21.00 -12.84
CA THR D 240 11.21 -21.04 -12.68
C THR D 240 11.71 -19.56 -12.67
C THR D 240 11.72 -19.59 -12.75
N ILE D 241 10.85 -18.63 -13.06
CA ILE D 241 11.15 -17.20 -13.10
CA ILE D 241 11.33 -17.26 -13.01
C ILE D 241 10.89 -16.50 -11.75
N SER D 242 9.99 -17.08 -10.95
CA SER D 242 9.67 -16.52 -9.63
CA SER D 242 9.64 -16.52 -9.66
C SER D 242 10.53 -17.09 -8.52
N ALA D 243 10.77 -18.40 -8.57
CA ALA D 243 11.60 -19.06 -7.54
C ALA D 243 12.94 -18.36 -7.25
N PRO D 244 13.71 -17.96 -8.29
CA PRO D 244 14.97 -17.26 -7.98
C PRO D 244 14.75 -15.90 -7.29
N ILE D 245 13.70 -15.18 -7.66
CA ILE D 245 13.46 -13.87 -7.06
C ILE D 245 13.10 -14.06 -5.58
N VAL D 246 12.28 -15.07 -5.28
CA VAL D 246 11.97 -15.39 -3.86
C VAL D 246 13.25 -15.73 -3.11
N GLY D 247 14.11 -16.51 -3.76
CA GLY D 247 15.42 -16.83 -3.19
C GLY D 247 16.25 -15.57 -2.93
N ALA D 249 15.16 -12.73 -2.21
CA ALA D 249 14.59 -12.09 -1.02
C ALA D 249 15.08 -12.75 0.27
N TYR D 250 15.14 -14.09 0.30
CA TYR D 250 15.72 -14.80 1.47
C TYR D 250 17.14 -14.34 1.72
N GLY D 251 17.94 -14.25 0.64
CA GLY D 251 19.33 -13.78 0.78
C GLY D 251 19.41 -12.35 1.31
N ALA D 252 18.57 -11.48 0.76
CA ALA D 252 18.50 -10.08 1.13
C ALA D 252 18.14 -9.96 2.61
N TYR D 253 17.15 -10.75 3.02
CA TYR D 253 16.72 -10.76 4.42
C TYR D 253 17.86 -11.19 5.36
N ASP D 254 18.53 -12.29 5.03
CA ASP D 254 19.59 -12.84 5.89
C ASP D 254 20.74 -11.86 6.01
N ALA D 255 21.07 -11.21 4.88
CA ALA D 255 22.16 -10.24 4.84
C ALA D 255 21.83 -9.04 5.70
N HIS D 256 20.60 -8.55 5.54
CA HIS D 256 20.14 -7.38 6.28
C HIS D 256 20.08 -7.68 7.78
N VAL D 257 19.50 -8.81 8.18
CA VAL D 257 19.40 -9.11 9.62
C VAL D 257 20.78 -9.31 10.27
N GLU D 258 21.68 -10.01 9.58
CA GLU D 258 23.04 -10.20 10.08
C GLU D 258 23.68 -8.83 10.36
N HIS D 259 23.64 -7.96 9.36
CA HIS D 259 24.33 -6.67 9.44
C HIS D 259 23.69 -5.79 10.49
N GLN D 260 22.37 -5.71 10.46
CA GLN D 260 21.61 -4.88 11.39
C GLN D 260 21.72 -5.35 12.83
N GLY D 261 21.64 -6.66 13.03
CA GLY D 261 21.74 -7.26 14.37
C GLY D 261 22.98 -6.76 15.08
N LYS D 262 24.11 -6.76 14.37
CA LYS D 262 25.38 -6.25 14.89
C LYS D 262 25.32 -4.78 15.27
N ARG D 263 24.66 -3.98 14.42
CA ARG D 263 24.53 -2.55 14.66
C ARG D 263 23.65 -2.28 15.88
N VAL D 264 22.54 -3.00 15.96
CA VAL D 264 21.56 -2.82 17.03
C VAL D 264 22.16 -3.21 18.38
N ARG D 265 22.78 -4.39 18.43
CA ARG D 265 23.53 -4.80 19.62
C ARG D 265 24.80 -3.96 19.72
N ASP D 275 16.93 2.41 20.27
CA ASP D 275 15.67 1.68 20.33
C ASP D 275 14.79 2.06 19.14
N ASP D 276 14.82 1.26 18.09
CA ASP D 276 14.11 1.58 16.84
C ASP D 276 13.05 0.50 16.54
N PRO D 277 11.79 0.76 16.95
CA PRO D 277 10.75 -0.23 16.68
C PRO D 277 10.44 -0.36 15.19
N PHE D 278 10.67 0.72 14.43
CA PHE D 278 10.36 0.65 13.00
C PHE D 278 11.21 -0.32 12.19
N ALA D 279 12.50 -0.39 12.48
CA ALA D 279 13.39 -1.35 11.81
C ALA D 279 12.92 -2.78 12.10
N LYS D 280 12.44 -2.99 13.33
CA LYS D 280 11.89 -4.29 13.73
C LYS D 280 10.63 -4.64 12.96
N VAL D 281 9.73 -3.66 12.84
CA VAL D 281 8.50 -3.87 12.06
C VAL D 281 8.84 -4.23 10.60
N ARG D 282 9.77 -3.52 9.95
CA ARG D 282 10.07 -3.81 8.54
CA ARG D 282 10.08 -3.82 8.55
C ARG D 282 10.57 -5.24 8.37
N ILE D 283 11.38 -5.70 9.32
CA ILE D 283 11.86 -7.07 9.19
CA ILE D 283 11.90 -7.07 9.33
C ILE D 283 10.75 -8.09 9.46
N ALA D 284 9.81 -7.78 10.36
CA ALA D 284 8.63 -8.65 10.54
C ALA D 284 7.80 -8.75 9.25
N GLU D 285 7.49 -7.59 8.67
CA GLU D 285 6.71 -7.55 7.43
C GLU D 285 7.40 -8.30 6.32
N ALA D 286 8.69 -8.01 6.14
CA ALA D 286 9.45 -8.62 5.04
C ALA D 286 9.55 -10.12 5.20
N SER D 287 9.93 -10.60 6.39
CA SER D 287 10.08 -12.05 6.60
C SER D 287 8.73 -12.77 6.39
N SER D 288 7.64 -12.14 6.85
CA SER D 288 6.33 -12.80 6.71
C SER D 288 5.93 -12.90 5.25
N ASP D 289 6.13 -11.82 4.51
CA ASP D 289 5.70 -11.78 3.10
C ASP D 289 6.57 -12.69 2.22
N ILE D 290 7.85 -12.77 2.52
CA ILE D 290 8.73 -13.73 1.79
C ILE D 290 8.25 -15.15 2.06
N ASP D 291 7.99 -15.45 3.33
CA ASP D 291 7.49 -16.79 3.67
C ASP D 291 6.14 -17.10 2.97
N ALA D 292 5.24 -16.13 2.93
CA ALA D 292 3.96 -16.31 2.23
C ALA D 292 4.18 -16.61 0.75
N ALA D 293 5.08 -15.85 0.11
CA ALA D 293 5.41 -16.08 -1.29
C ALA D 293 5.90 -17.51 -1.50
N TRP D 294 6.81 -17.96 -0.65
CA TRP D 294 7.32 -19.33 -0.82
C TRP D 294 6.26 -20.38 -0.53
N ARG D 295 5.46 -20.20 0.51
CA ARG D 295 4.40 -21.18 0.79
C ARG D 295 3.46 -21.38 -0.39
N GLN D 296 3.05 -20.28 -1.02
CA GLN D 296 2.12 -20.39 -2.15
C GLN D 296 2.83 -20.93 -3.38
N LEU D 297 4.01 -20.38 -3.69
CA LEU D 297 4.72 -20.81 -4.90
C LEU D 297 5.00 -22.34 -4.85
N SER D 298 5.60 -22.78 -3.74
CA SER D 298 5.92 -24.20 -3.56
C SER D 298 4.66 -25.03 -3.34
N GLY D 299 3.66 -24.45 -2.66
CA GLY D 299 2.43 -25.18 -2.34
C GLY D 299 1.65 -25.56 -3.57
N ASN D 300 1.50 -24.61 -4.50
CA ASN D 300 0.77 -24.90 -5.72
C ASN D 300 1.49 -25.97 -6.55
N VAL D 301 2.82 -25.89 -6.63
CA VAL D 301 3.60 -26.91 -7.33
C VAL D 301 3.40 -28.26 -6.66
N ALA D 302 3.47 -28.27 -5.33
CA ALA D 302 3.33 -29.53 -4.60
C ALA D 302 1.96 -30.17 -4.85
N ASP D 303 0.93 -29.33 -4.87
CA ASP D 303 -0.44 -29.82 -5.05
C ASP D 303 -0.64 -30.42 -6.43
N GLU D 304 -0.13 -29.74 -7.44
CA GLU D 304 -0.17 -30.28 -8.81
C GLU D 304 0.54 -31.62 -8.88
N TYR D 305 1.74 -31.65 -8.33
CA TYR D 305 2.59 -32.83 -8.40
C TYR D 305 1.93 -34.01 -7.68
N ALA D 306 1.33 -33.76 -6.53
CA ALA D 306 0.66 -34.83 -5.75
C ALA D 306 -0.44 -35.52 -6.58
N LEU D 307 -1.19 -34.72 -7.33
CA LEU D 307 -2.24 -35.25 -8.21
C LEU D 307 -1.61 -36.16 -9.27
N LEU D 308 -0.53 -35.68 -9.90
CA LEU D 308 0.14 -36.48 -10.92
C LEU D 308 0.73 -37.79 -10.37
N VAL D 309 1.32 -37.72 -9.18
CA VAL D 309 1.90 -38.91 -8.55
C VAL D 309 0.79 -39.93 -8.30
N ALA D 310 -0.39 -39.42 -7.94
CA ALA D 310 -1.59 -40.26 -7.74
C ALA D 310 -2.27 -40.76 -9.03
N GLY D 311 -1.78 -40.35 -10.20
CA GLY D 311 -2.42 -40.67 -11.48
C GLY D 311 -3.69 -39.90 -11.80
N GLU D 312 -3.85 -38.76 -11.14
CA GLU D 312 -5.01 -37.92 -11.37
CA GLU D 312 -5.01 -37.89 -11.33
C GLU D 312 -4.63 -36.73 -12.23
N GLU D 313 -5.65 -36.06 -12.79
CA GLU D 313 -5.44 -34.88 -13.63
C GLU D 313 -5.29 -33.64 -12.77
N VAL D 314 -4.53 -32.66 -13.27
CA VAL D 314 -4.41 -31.37 -12.59
C VAL D 314 -5.59 -30.51 -13.08
N PRO D 315 -6.47 -30.09 -12.17
CA PRO D 315 -7.63 -29.31 -12.62
C PRO D 315 -7.24 -27.90 -13.02
N PHE D 316 -8.01 -27.35 -13.96
CA PHE D 316 -7.73 -26.01 -14.47
C PHE D 316 -7.71 -24.96 -13.35
N GLU D 317 -8.67 -25.09 -12.42
CA GLU D 317 -8.75 -24.14 -11.32
C GLU D 317 -7.42 -24.03 -10.55
N LEU D 318 -6.73 -25.16 -10.36
CA LEU D 318 -5.45 -25.15 -9.65
C LEU D 318 -4.37 -24.47 -10.50
N ARG D 319 -4.38 -24.74 -11.80
CA ARG D 319 -3.45 -24.04 -12.70
C ARG D 319 -3.64 -22.51 -12.66
N LEU D 320 -4.90 -22.09 -12.53
CA LEU D 320 -5.23 -20.65 -12.42
C LEU D 320 -4.73 -20.07 -11.11
N ARG D 321 -4.96 -20.79 -10.01
CA ARG D 321 -4.42 -20.37 -8.71
C ARG D 321 -2.90 -20.29 -8.75
N ALA D 322 -2.25 -21.26 -9.40
CA ALA D 322 -0.80 -21.25 -9.48
C ALA D 322 -0.30 -19.97 -10.13
N ARG D 323 -0.89 -19.60 -11.27
CA ARG D 323 -0.47 -18.38 -11.94
C ARG D 323 -0.72 -17.14 -11.08
N ARG D 324 -1.89 -17.09 -10.45
CA ARG D 324 -2.26 -15.98 -9.58
C ARG D 324 -1.20 -15.80 -8.48
N ASP D 325 -0.87 -16.88 -7.78
CA ASP D 325 0.08 -16.76 -6.66
C ASP D 325 1.52 -16.62 -7.07
N GLN D 326 1.83 -17.08 -8.28
CA GLN D 326 3.21 -17.06 -8.74
C GLN D 326 3.64 -15.64 -9.10
N VAL D 327 2.82 -14.94 -9.87
CA VAL D 327 3.13 -13.53 -10.13
C VAL D 327 3.16 -12.77 -8.79
N ARG D 328 2.25 -13.13 -7.87
CA ARG D 328 2.17 -12.42 -6.59
C ARG D 328 3.39 -12.73 -5.71
N ALA D 329 3.92 -13.95 -5.81
CA ALA D 329 5.14 -14.30 -5.08
C ALA D 329 6.31 -13.42 -5.48
N THR D 330 6.46 -13.20 -6.80
CA THR D 330 7.49 -12.28 -7.28
C THR D 330 7.27 -10.89 -6.69
N GLY D 331 6.02 -10.44 -6.71
CA GLY D 331 5.67 -9.13 -6.14
C GLY D 331 5.99 -9.01 -4.64
N ARG D 332 5.61 -10.04 -3.87
CA ARG D 332 5.87 -10.03 -2.41
C ARG D 332 7.39 -10.01 -2.15
N ALA D 333 8.14 -10.78 -2.94
CA ALA D 333 9.59 -10.85 -2.79
C ALA D 333 10.21 -9.49 -3.04
N ILE D 334 9.79 -8.82 -4.11
CA ILE D 334 10.34 -7.51 -4.47
C ILE D 334 9.96 -6.46 -3.43
N SER D 335 8.69 -6.48 -3.03
CA SER D 335 8.24 -5.53 -2.01
C SER D 335 9.02 -5.70 -0.71
N SER D 336 9.30 -6.95 -0.35
CA SER D 336 10.06 -7.24 0.88
C SER D 336 11.51 -6.75 0.75
N ILE D 337 12.13 -7.01 -0.40
CA ILE D 337 13.50 -6.52 -0.62
C ILE D 337 13.54 -4.99 -0.55
N ASP D 338 12.55 -4.35 -1.17
CA ASP D 338 12.44 -2.88 -1.13
C ASP D 338 12.39 -2.40 0.32
N LYS D 339 11.60 -3.09 1.16
CA LYS D 339 11.48 -2.69 2.58
C LYS D 339 12.84 -2.79 3.28
N LEU D 340 13.54 -3.90 3.04
CA LEU D 340 14.80 -4.15 3.72
C LEU D 340 15.85 -3.15 3.27
N PHE D 341 15.88 -2.87 1.97
CA PHE D 341 16.87 -1.96 1.38
C PHE D 341 16.63 -0.55 1.92
N GLU D 342 15.37 -0.11 1.89
N GLU D 342 15.37 -0.10 1.92
CA GLU D 342 14.96 1.16 2.47
CA GLU D 342 15.03 1.23 2.46
C GLU D 342 15.40 1.26 3.91
C GLU D 342 15.24 1.34 3.98
N SER D 343 14.99 0.26 4.72
CA SER D 343 15.31 0.26 6.15
C SER D 343 16.82 0.38 6.43
N SER D 344 17.62 -0.42 5.71
CA SER D 344 19.07 -0.41 5.87
C SER D 344 19.69 1.00 5.70
N GLY D 345 19.16 1.77 4.75
CA GLY D 345 19.62 3.15 4.60
C GLY D 345 21.01 3.32 4.01
N ALA D 346 21.78 4.28 4.54
CA ALA D 346 23.02 4.70 3.92
C ALA D 346 24.07 3.60 3.70
N THR D 347 24.19 2.70 4.68
CA THR D 347 25.20 1.63 4.62
C THR D 347 24.96 0.72 3.39
N ALA D 348 23.69 0.62 2.98
CA ALA D 348 23.32 -0.26 1.87
C ALA D 348 23.62 0.29 0.45
N LEU D 349 24.06 1.55 0.33
CA LEU D 349 24.36 2.07 -1.02
C LEU D 349 25.70 1.63 -1.61
N ALA D 350 26.59 1.14 -0.75
CA ALA D 350 27.96 0.83 -1.15
C ALA D 350 27.99 -0.23 -2.24
N ASN D 351 28.67 0.10 -3.35
CA ASN D 351 28.92 -0.89 -4.37
C ASN D 351 29.60 -2.13 -3.79
N GLY D 352 29.28 -3.29 -4.33
CA GLY D 352 29.94 -4.51 -3.90
C GLY D 352 29.32 -5.19 -2.71
N THR D 353 28.31 -4.55 -2.11
CA THR D 353 27.62 -5.13 -0.94
C THR D 353 26.32 -5.85 -1.39
N PRO D 354 25.90 -6.87 -0.62
CA PRO D 354 24.83 -7.74 -1.15
C PRO D 354 23.44 -7.12 -1.30
N LEU D 355 23.02 -6.26 -0.37
CA LEU D 355 21.61 -5.89 -0.36
C LEU D 355 21.19 -5.09 -1.61
N GLN D 356 22.00 -4.09 -1.98
CA GLN D 356 21.72 -3.31 -3.20
C GLN D 356 21.77 -4.16 -4.45
N ARG D 357 22.60 -5.22 -4.43
CA ARG D 357 22.66 -6.15 -5.56
C ARG D 357 21.38 -6.96 -5.67
N PHE D 358 20.93 -7.54 -4.54
CA PHE D 358 19.65 -8.29 -4.55
C PHE D 358 18.49 -7.39 -5.02
N TRP D 359 18.54 -6.12 -4.60
CA TRP D 359 17.50 -5.16 -4.98
C TRP D 359 17.50 -4.94 -6.50
N ARG D 360 18.67 -4.65 -7.07
CA ARG D 360 18.72 -4.46 -8.51
C ARG D 360 18.36 -5.76 -9.25
N ASP D 361 18.84 -6.89 -8.73
CA ASP D 361 18.59 -8.16 -9.40
C ASP D 361 17.09 -8.52 -9.40
N ALA D 362 16.42 -8.29 -8.28
CA ALA D 362 15.01 -8.62 -8.17
C ALA D 362 14.19 -7.76 -9.13
N HIS D 363 14.53 -6.46 -9.18
CA HIS D 363 13.82 -5.56 -10.09
C HIS D 363 14.10 -5.88 -11.56
N ALA D 364 15.27 -6.43 -11.85
CA ALA D 364 15.55 -6.86 -13.22
C ALA D 364 14.72 -8.12 -13.55
N GLY D 365 14.65 -9.08 -12.64
CA GLY D 365 13.91 -10.33 -12.91
C GLY D 365 12.42 -10.06 -13.11
N ARG D 366 11.95 -9.01 -12.45
CA ARG D 366 10.56 -8.58 -12.49
C ARG D 366 10.05 -8.34 -13.93
N VAL D 367 10.97 -7.99 -14.84
CA VAL D 367 10.54 -7.58 -16.20
C VAL D 367 10.15 -8.77 -17.09
N HIS D 368 10.44 -9.98 -16.63
CA HIS D 368 10.17 -11.15 -17.45
C HIS D 368 8.67 -11.22 -17.73
N ALA D 369 8.29 -11.61 -18.95
CA ALA D 369 6.85 -11.71 -19.31
C ALA D 369 6.03 -12.52 -18.32
N ALA D 370 6.64 -13.59 -17.78
CA ALA D 370 5.90 -14.48 -16.89
C ALA D 370 5.70 -13.91 -15.49
N ASN D 371 6.33 -12.76 -15.22
CA ASN D 371 6.12 -12.04 -13.96
C ASN D 371 5.07 -10.91 -14.09
N ASP D 372 4.59 -10.62 -15.29
CA ASP D 372 3.60 -9.55 -15.40
C ASP D 372 2.37 -9.92 -14.59
N PRO D 373 2.07 -9.14 -13.54
CA PRO D 373 1.05 -9.64 -12.61
C PRO D 373 -0.39 -9.48 -13.13
N GLU D 374 -0.70 -8.36 -13.78
CA GLU D 374 -2.08 -8.17 -14.27
C GLU D 374 -2.44 -9.25 -15.27
N ARG D 375 -1.46 -9.75 -16.03
CA ARG D 375 -1.80 -10.77 -17.00
C ARG D 375 -2.42 -11.98 -16.30
N ALA D 376 -1.74 -12.45 -15.23
CA ALA D 376 -2.24 -13.59 -14.45
C ALA D 376 -3.51 -13.25 -13.65
N TYR D 377 -3.53 -12.05 -13.06
CA TYR D 377 -4.68 -11.65 -12.22
C TYR D 377 -5.95 -11.56 -13.03
N VAL D 378 -5.87 -10.93 -14.20
CA VAL D 378 -7.05 -10.79 -15.06
C VAL D 378 -7.54 -12.17 -15.51
N TYR D 380 -7.09 -15.01 -13.90
CA TYR D 380 -7.66 -15.66 -12.73
C TYR D 380 -9.11 -15.20 -12.50
N GLY D 381 -9.32 -13.88 -12.54
CA GLY D 381 -10.68 -13.32 -12.40
C GLY D 381 -11.68 -13.78 -13.45
N THR D 382 -11.24 -13.81 -14.71
CA THR D 382 -12.05 -14.32 -15.81
C THR D 382 -12.52 -15.75 -15.47
N GLY D 383 -11.57 -16.58 -15.02
CA GLY D 383 -11.89 -17.93 -14.55
C GLY D 383 -12.94 -17.97 -13.44
N GLU D 384 -12.79 -17.11 -12.44
CA GLU D 384 -13.74 -17.06 -11.33
C GLU D 384 -15.17 -16.73 -11.77
N PHE D 385 -15.29 -15.97 -12.85
CA PHE D 385 -16.58 -15.60 -13.42
C PHE D 385 -17.14 -16.64 -14.41
N GLY D 386 -16.36 -17.68 -14.68
CA GLY D 386 -16.76 -18.75 -15.63
C GLY D 386 -16.72 -18.30 -17.09
N LEU D 387 -15.89 -17.30 -17.40
CA LEU D 387 -15.78 -16.80 -18.78
C LEU D 387 -14.64 -17.51 -19.52
N PRO D 388 -14.73 -17.59 -20.87
CA PRO D 388 -13.66 -18.21 -21.65
C PRO D 388 -12.29 -17.58 -21.42
N ILE D 389 -11.28 -18.44 -21.36
CA ILE D 389 -9.89 -18.02 -21.30
C ILE D 389 -9.14 -18.51 -22.54
N THR D 390 -8.47 -17.59 -23.23
CA THR D 390 -7.65 -17.93 -24.41
C THR D 390 -6.14 -17.81 -24.15
N ASP D 391 -5.76 -17.12 -23.07
CA ASP D 391 -4.35 -17.00 -22.71
C ASP D 391 -3.82 -18.42 -22.45
N THR D 392 -2.71 -18.77 -23.11
CA THR D 392 -2.13 -20.11 -22.96
C THR D 392 -1.09 -20.22 -21.84
N VAL D 394 -0.77 -20.78 -18.70
CA VAL D 394 -1.55 -21.31 -17.59
C VAL D 394 -1.51 -22.82 -17.69
#